data_3CUR
#
_entry.id   3CUR
#
_cell.length_a   64.600
_cell.length_b   99.900
_cell.length_c   183.000
_cell.angle_alpha   90.00
_cell.angle_beta   91.60
_cell.angle_gamma   90.00
#
_symmetry.space_group_name_H-M   'P 1 21 1'
#
loop_
_entity.id
_entity.type
_entity.pdbx_description
1 polymer 'Periplasmic [NiFe] hydrogenase small subunit'
2 polymer 'Periplasmic [NiFe] hydrogenase large subunit'
3 non-polymer 'IRON/SULFUR CLUSTER'
4 non-polymer 'FE3-S4 CLUSTER'
5 non-polymer 'NICKEL (II) ION'
6 non-polymer 'MAGNESIUM ION'
7 non-polymer 'CARBONMONOXIDE-(DICYANO) IRON'
8 non-polymer 'PEROXIDE ION'
9 non-polymer GLYCEROL
10 water water
#
loop_
_entity_poly.entity_id
_entity_poly.type
_entity_poly.pdbx_seq_one_letter_code
_entity_poly.pdbx_strand_id
1 'polypeptide(L)'
;LTAKHRPSVVWLHNAECTGCTEAAIRTIKPYIDALILDTISLDYQETIMAAAGEAAEAALHQALEGKDGYYLVVEGGLPT
IDGGQWGMVAGHPMIETTKKAAAKAKGIICIGTCSAYGGVQKAKPNPSQAKGVSEALGVKTINIPGCPPNPINFVGAVVH
VLTKGIPDLDENGRPKLFYGELVHDNCPRLPHFEASEFAPSFDSEEAKKGFCLYELGCKGPVTYNNCPKVLFNQVNWPVQ
AGHPCLGCSEPDFWDTMTPFYEQG
;
A,B,C
2 'polypeptide(L)'
;MAESKPTPQSTFTGPIVVDPITRIEGHLRIMVEVENGKVKDAWSSSQLFRGLEIILKGRDPRDAQHFTQRACGMCTYVHA
LASSRCVDDAVKVSIPANARMMRNLVMASQYLHDHLVHFYHMHALDWVDVTAALKADPNKAAKLAASIAPARPGNSAKAL
KAVQDKLKAFVESGQLGIFTNAYFLGGHKAYYLPPEVDLIATAHYLEALHMQVKAASAMAILGGKNPHTQFTVVGGCSNY
QGLTKDPLANYLALSKEVCQFVNECYIPDLLAVAGFYKDWGGIGGTSNYLAFGEFATDDSSPEKHLATSQFPSGVITGRD
LGKVDNVDLGAIYEDVKYSWYAPGGDGKHPYDGVTDPKYTKLDDKDHYSWMKAPRYKGKAMEVGPLARTFIAYAKGQPDF
KKVVDMVLGKLSVPATALHSTLGRTAARGIETAIVCANMEKWIKEMADSGAKDNTLCAKWEMPEESKGVGLADAPRGALS
HWIRIKGKKIDNFQLVVPSTWNLGPRGAQGDKSPVEEALIGTPIADPKRPVEILRTVHAFDPCIACGVH
;
H,I,J
#
loop_
_chem_comp.id
_chem_comp.type
_chem_comp.name
_chem_comp.formula
F3S non-polymer 'FE3-S4 CLUSTER' 'Fe3 S4'
FCO non-polymer 'CARBONMONOXIDE-(DICYANO) IRON' 'C3 Fe N2 O'
GOL non-polymer GLYCEROL 'C3 H8 O3'
MG non-polymer 'MAGNESIUM ION' 'Mg 2'
NI non-polymer 'NICKEL (II) ION' 'Ni 2'
PER non-polymer 'PEROXIDE ION' 'O2 -2'
SF4 non-polymer 'IRON/SULFUR CLUSTER' 'Fe4 S4'
#
# COMPACT_ATOMS: atom_id res chain seq x y z
N ALA A 3 -34.45 26.06 -21.02
CA ALA A 3 -33.42 26.34 -22.07
C ALA A 3 -32.20 25.43 -22.00
N LYS A 4 -32.42 24.11 -22.18
CA LYS A 4 -31.41 23.04 -22.02
C LYS A 4 -31.22 22.71 -20.54
N HIS A 5 -31.17 23.74 -19.70
CA HIS A 5 -31.22 23.58 -18.26
C HIS A 5 -32.46 22.75 -17.88
N ARG A 6 -32.26 21.76 -17.01
CA ARG A 6 -33.38 21.01 -16.47
C ARG A 6 -33.72 21.59 -15.11
N PRO A 7 -35.02 21.79 -14.82
CA PRO A 7 -35.40 22.40 -13.55
C PRO A 7 -34.96 21.51 -12.39
N SER A 8 -34.38 22.16 -11.39
CA SER A 8 -33.78 21.54 -10.23
C SER A 8 -34.84 21.18 -9.21
N VAL A 9 -34.79 19.93 -8.75
CA VAL A 9 -35.68 19.40 -7.75
C VAL A 9 -34.87 18.87 -6.57
N VAL A 10 -35.22 19.32 -5.39
CA VAL A 10 -34.64 18.81 -4.15
C VAL A 10 -35.71 18.00 -3.44
N TRP A 11 -35.35 16.78 -3.06
CA TRP A 11 -36.26 15.85 -2.43
C TRP A 11 -35.77 15.47 -1.03
N LEU A 12 -36.52 15.90 -0.02
CA LEU A 12 -36.18 15.62 1.36
C LEU A 12 -36.98 14.46 1.96
N HIS A 13 -36.29 13.60 2.70
CA HIS A 13 -36.96 12.52 3.45
C HIS A 13 -36.94 12.87 4.92
N ASN A 14 -38.14 12.95 5.50
CA ASN A 14 -38.31 13.24 6.92
C ASN A 14 -38.81 11.98 7.63
N ALA A 15 -39.87 12.10 8.43
CA ALA A 15 -40.43 10.94 9.13
C ALA A 15 -41.33 10.18 8.14
N GLU A 16 -40.74 9.18 7.49
CA GLU A 16 -41.37 8.52 6.35
C GLU A 16 -40.95 7.06 6.29
N CYS A 17 -41.61 6.29 5.44
CA CYS A 17 -41.37 4.85 5.31
C CYS A 17 -40.80 4.54 3.93
N THR A 18 -40.69 5.57 3.08
CA THR A 18 -40.06 5.50 1.75
C THR A 18 -40.99 4.89 0.69
N GLY A 19 -42.23 4.64 1.09
CA GLY A 19 -43.23 4.10 0.18
C GLY A 19 -43.57 5.13 -0.89
N CYS A 20 -43.37 6.41 -0.59
CA CYS A 20 -43.65 7.47 -1.54
C CYS A 20 -42.56 7.55 -2.58
N THR A 21 -41.31 7.43 -2.14
CA THR A 21 -40.21 7.33 -3.09
C THR A 21 -40.51 6.15 -3.98
N GLU A 22 -40.86 5.00 -3.38
CA GLU A 22 -41.13 3.79 -4.13
C GLU A 22 -42.27 3.98 -5.12
N ALA A 23 -43.30 4.69 -4.71
CA ALA A 23 -44.45 4.94 -5.58
C ALA A 23 -44.04 5.79 -6.79
N ALA A 24 -43.27 6.85 -6.56
CA ALA A 24 -42.80 7.70 -7.63
C ALA A 24 -42.04 6.89 -8.69
N ILE A 25 -41.17 6.00 -8.26
CA ILE A 25 -40.39 5.26 -9.27
C ILE A 25 -41.21 4.22 -10.04
N ARG A 26 -42.50 4.08 -9.69
CA ARG A 26 -43.42 3.21 -10.46
C ARG A 26 -44.05 3.96 -11.64
N THR A 27 -43.68 5.23 -11.82
CA THR A 27 -44.19 6.03 -12.94
C THR A 27 -43.81 5.36 -14.27
N ILE A 28 -44.73 5.40 -15.23
CA ILE A 28 -44.46 4.95 -16.61
C ILE A 28 -44.71 6.03 -17.66
N LYS A 29 -45.14 7.21 -17.23
CA LYS A 29 -45.46 8.29 -18.18
C LYS A 29 -44.91 9.62 -17.69
N PRO A 30 -43.58 9.80 -17.72
CA PRO A 30 -42.57 8.89 -18.26
C PRO A 30 -42.00 7.96 -17.18
N TYR A 31 -41.13 7.04 -17.58
CA TYR A 31 -40.39 6.22 -16.62
C TYR A 31 -39.44 7.11 -15.87
N ILE A 32 -39.00 6.67 -14.70
CA ILE A 32 -38.19 7.51 -13.86
C ILE A 32 -36.85 7.93 -14.48
N ASP A 33 -36.22 7.04 -15.23
CA ASP A 33 -34.96 7.39 -15.89
C ASP A 33 -35.17 8.58 -16.84
N ALA A 34 -36.21 8.51 -17.66
CA ALA A 34 -36.53 9.60 -18.59
C ALA A 34 -36.80 10.88 -17.82
N LEU A 35 -37.60 10.80 -16.77
CA LEU A 35 -37.87 11.98 -15.96
C LEU A 35 -36.59 12.70 -15.51
N ILE A 36 -35.66 11.95 -14.91
CA ILE A 36 -34.46 12.56 -14.32
C ILE A 36 -33.31 12.79 -15.31
N LEU A 37 -33.43 12.23 -16.51
CA LEU A 37 -32.43 12.46 -17.53
C LEU A 37 -32.85 13.59 -18.50
N ASP A 38 -34.16 13.75 -18.71
CA ASP A 38 -34.68 14.64 -19.74
C ASP A 38 -35.50 15.81 -19.21
N THR A 39 -36.19 15.58 -18.11
CA THR A 39 -37.25 16.47 -17.68
C THR A 39 -36.86 17.35 -16.49
N ILE A 40 -36.39 16.71 -15.42
CA ILE A 40 -35.96 17.44 -14.24
C ILE A 40 -34.50 17.16 -13.93
N SER A 41 -33.94 17.95 -13.03
CA SER A 41 -32.66 17.61 -12.43
C SER A 41 -32.87 17.25 -10.96
N LEU A 42 -32.92 15.95 -10.66
CA LEU A 42 -33.09 15.47 -9.30
C LEU A 42 -31.77 15.64 -8.54
N ASP A 43 -31.68 16.69 -7.74
CA ASP A 43 -30.39 17.13 -7.26
C ASP A 43 -30.07 16.64 -5.84
N TYR A 44 -31.06 16.04 -5.20
CA TYR A 44 -30.87 15.47 -3.87
C TYR A 44 -32.02 14.51 -3.68
N GLN A 45 -31.67 13.27 -3.33
CA GLN A 45 -32.61 12.19 -3.12
C GLN A 45 -31.85 11.07 -2.41
N GLU A 46 -31.97 11.01 -1.08
CA GLU A 46 -31.16 10.05 -0.30
C GLU A 46 -31.29 8.60 -0.70
N THR A 47 -32.45 8.18 -1.18
CA THR A 47 -32.68 6.77 -1.47
C THR A 47 -31.80 6.27 -2.62
N ILE A 48 -31.47 7.15 -3.56
CA ILE A 48 -30.81 6.71 -4.79
C ILE A 48 -29.52 7.44 -5.14
N MET A 49 -29.21 8.51 -4.42
CA MET A 49 -28.07 9.34 -4.79
C MET A 49 -26.76 8.66 -4.50
N ALA A 50 -25.75 8.92 -5.32
CA ALA A 50 -24.42 8.32 -5.15
C ALA A 50 -23.67 8.82 -3.90
N ALA A 51 -23.59 10.13 -3.73
CA ALA A 51 -22.88 10.71 -2.58
C ALA A 51 -23.46 10.26 -1.24
N ALA A 52 -22.61 10.17 -0.22
CA ALA A 52 -23.06 9.92 1.15
C ALA A 52 -22.42 10.95 2.04
N GLY A 53 -22.91 11.01 3.28
CA GLY A 53 -22.31 11.80 4.34
C GLY A 53 -22.08 13.22 3.93
N GLU A 54 -20.90 13.74 4.22
CA GLU A 54 -20.61 15.13 3.92
C GLU A 54 -20.79 15.46 2.44
N ALA A 55 -20.46 14.51 1.55
CA ALA A 55 -20.60 14.72 0.11
C ALA A 55 -22.07 14.88 -0.29
N ALA A 56 -22.94 14.08 0.33
CA ALA A 56 -24.37 14.22 0.13
C ALA A 56 -24.85 15.57 0.68
N GLU A 57 -24.30 15.97 1.82
CA GLU A 57 -24.71 17.22 2.43
C GLU A 57 -24.26 18.44 1.57
N ALA A 58 -23.09 18.35 0.96
CA ALA A 58 -22.63 19.38 0.05
C ALA A 58 -23.50 19.41 -1.20
N ALA A 59 -23.87 18.24 -1.72
CA ALA A 59 -24.79 18.14 -2.85
C ALA A 59 -26.09 18.92 -2.58
N LEU A 60 -26.67 18.72 -1.38
CA LEU A 60 -27.88 19.45 -1.00
C LEU A 60 -27.61 20.95 -1.00
N HIS A 61 -26.51 21.36 -0.38
CA HIS A 61 -26.24 22.78 -0.22
C HIS A 61 -25.98 23.42 -1.56
N GLN A 62 -25.33 22.67 -2.45
CA GLN A 62 -25.12 23.14 -3.82
C GLN A 62 -26.45 23.39 -4.49
N ALA A 63 -27.37 22.43 -4.37
CA ALA A 63 -28.67 22.58 -4.97
C ALA A 63 -29.43 23.78 -4.39
N LEU A 64 -29.45 23.90 -3.07
CA LEU A 64 -30.17 25.02 -2.42
C LEU A 64 -29.62 26.39 -2.82
N GLU A 65 -28.34 26.46 -3.19
CA GLU A 65 -27.72 27.71 -3.63
C GLU A 65 -27.69 27.87 -5.16
N GLY A 66 -28.31 26.94 -5.86
CA GLY A 66 -28.36 26.96 -7.32
C GLY A 66 -28.91 28.29 -7.80
N LYS A 67 -28.28 28.84 -8.83
CA LYS A 67 -28.63 30.17 -9.34
C LYS A 67 -30.02 30.19 -9.96
N ASP A 68 -30.48 29.05 -10.46
CA ASP A 68 -31.77 28.97 -11.13
C ASP A 68 -32.89 28.63 -10.14
N GLY A 69 -32.55 28.44 -8.87
CA GLY A 69 -33.53 28.02 -7.89
C GLY A 69 -33.93 26.57 -8.09
N TYR A 70 -34.86 26.10 -7.26
CA TYR A 70 -35.21 24.70 -7.19
C TYR A 70 -36.64 24.57 -6.73
N TYR A 71 -37.25 23.43 -7.08
CA TYR A 71 -38.52 22.99 -6.49
C TYR A 71 -38.27 21.94 -5.38
N LEU A 72 -39.05 22.05 -4.31
CA LEU A 72 -38.87 21.15 -3.17
C LEU A 72 -39.97 20.11 -3.12
N VAL A 73 -39.55 18.85 -3.05
CA VAL A 73 -40.43 17.74 -2.78
C VAL A 73 -40.11 17.28 -1.37
N VAL A 74 -41.14 17.15 -0.55
CA VAL A 74 -40.99 16.67 0.81
C VAL A 74 -41.74 15.37 1.00
N GLU A 75 -41.00 14.37 1.48
CA GLU A 75 -41.54 13.09 1.83
C GLU A 75 -41.39 12.89 3.33
N GLY A 76 -42.48 12.51 3.99
CA GLY A 76 -42.47 12.27 5.44
C GLY A 76 -42.95 13.46 6.23
N GLY A 77 -43.42 13.18 7.45
CA GLY A 77 -43.82 14.22 8.37
C GLY A 77 -42.63 14.75 9.15
N LEU A 78 -42.89 15.71 10.02
CA LEU A 78 -41.83 16.35 10.77
C LEU A 78 -42.00 16.10 12.27
N PRO A 79 -41.09 15.32 12.86
CA PRO A 79 -41.12 15.07 14.29
C PRO A 79 -40.59 16.31 15.01
N THR A 80 -41.41 16.91 15.87
CA THR A 80 -41.04 18.19 16.51
C THR A 80 -40.68 18.10 18.00
N ILE A 81 -40.87 16.95 18.63
CA ILE A 81 -40.55 16.82 20.07
C ILE A 81 -39.04 17.01 20.31
N ASP A 82 -38.68 17.52 21.49
CA ASP A 82 -37.27 17.68 21.88
C ASP A 82 -36.49 18.45 20.82
N GLY A 83 -37.07 19.57 20.37
CA GLY A 83 -36.44 20.46 19.39
C GLY A 83 -36.15 19.80 18.05
N GLY A 84 -37.00 18.87 17.64
CA GLY A 84 -36.81 18.14 16.37
C GLY A 84 -35.76 17.03 16.32
N GLN A 85 -35.21 16.66 17.48
CA GLN A 85 -34.07 15.73 17.53
C GLN A 85 -34.38 14.24 17.33
N TRP A 86 -35.66 13.85 17.34
CA TRP A 86 -36.04 12.46 17.09
C TRP A 86 -36.01 12.13 15.60
N GLY A 87 -35.70 13.13 14.78
CA GLY A 87 -35.59 12.93 13.33
C GLY A 87 -34.48 13.84 12.84
N MET A 88 -33.33 13.26 12.53
CA MET A 88 -32.13 14.02 12.19
C MET A 88 -31.45 13.48 10.96
N VAL A 89 -30.86 14.40 10.19
CA VAL A 89 -30.04 14.03 9.06
C VAL A 89 -28.80 14.88 9.15
N ALA A 90 -27.64 14.25 9.01
CA ALA A 90 -26.35 14.94 9.04
C ALA A 90 -26.17 15.74 10.32
N GLY A 91 -26.84 15.30 11.39
CA GLY A 91 -26.72 15.97 12.69
C GLY A 91 -27.67 17.13 12.92
N HIS A 92 -28.60 17.33 11.98
CA HIS A 92 -29.54 18.44 12.07
C HIS A 92 -30.97 17.90 12.11
N PRO A 93 -31.80 18.52 12.97
CA PRO A 93 -33.21 18.22 13.00
C PRO A 93 -33.82 18.39 11.59
N MET A 94 -34.57 17.37 11.17
CA MET A 94 -35.35 17.42 9.95
C MET A 94 -36.14 18.70 9.78
N ILE A 95 -36.79 19.16 10.86
CA ILE A 95 -37.60 20.36 10.78
C ILE A 95 -36.75 21.58 10.39
N GLU A 96 -35.53 21.65 10.92
CA GLU A 96 -34.62 22.74 10.59
C GLU A 96 -34.25 22.73 9.10
N THR A 97 -33.85 21.57 8.58
CA THR A 97 -33.47 21.44 7.17
C THR A 97 -34.62 21.71 6.18
N THR A 98 -35.83 21.25 6.53
CA THR A 98 -36.98 21.45 5.66
C THR A 98 -37.37 22.92 5.66
N LYS A 99 -37.38 23.52 6.85
CA LYS A 99 -37.58 24.95 7.01
C LYS A 99 -36.63 25.69 6.06
N LYS A 100 -35.33 25.37 6.09
CA LYS A 100 -34.30 26.03 5.28
C LYS A 100 -34.50 25.82 3.76
N ALA A 101 -34.75 24.57 3.35
CA ALA A 101 -35.06 24.27 1.95
C ALA A 101 -36.33 24.95 1.46
N ALA A 102 -37.35 25.00 2.31
CA ALA A 102 -38.64 25.62 1.94
C ALA A 102 -38.51 27.12 1.68
N ALA A 103 -37.61 27.77 2.42
CA ALA A 103 -37.52 29.23 2.41
C ALA A 103 -37.41 29.76 0.99
N LYS A 104 -36.46 29.23 0.22
CA LYS A 104 -36.23 29.74 -1.11
C LYS A 104 -36.80 28.87 -2.24
N ALA A 105 -37.52 27.80 -1.89
CA ALA A 105 -38.16 26.92 -2.88
C ALA A 105 -39.14 27.67 -3.81
N LYS A 106 -39.07 27.40 -5.11
CA LYS A 106 -40.05 27.95 -6.07
C LYS A 106 -41.46 27.44 -5.77
N GLY A 107 -41.51 26.24 -5.21
CA GLY A 107 -42.77 25.57 -4.94
C GLY A 107 -42.44 24.34 -4.13
N ILE A 108 -43.40 23.92 -3.32
CA ILE A 108 -43.23 22.79 -2.41
C ILE A 108 -44.32 21.79 -2.70
N ILE A 109 -43.90 20.59 -3.08
CA ILE A 109 -44.82 19.46 -3.23
C ILE A 109 -44.63 18.46 -2.09
N CYS A 110 -45.71 18.22 -1.34
CA CYS A 110 -45.71 17.18 -0.33
C CYS A 110 -46.25 15.91 -0.93
N ILE A 111 -45.34 14.98 -1.19
CA ILE A 111 -45.70 13.68 -1.67
C ILE A 111 -46.10 12.82 -0.46
N GLY A 112 -47.35 12.40 -0.43
CA GLY A 112 -47.81 11.40 0.52
C GLY A 112 -48.61 12.07 1.60
N THR A 113 -49.42 11.28 2.30
CA THR A 113 -50.18 11.76 3.45
C THR A 113 -49.29 12.20 4.64
N CYS A 114 -48.12 11.59 4.79
CA CYS A 114 -47.22 11.98 5.89
C CYS A 114 -46.78 13.44 5.81
N SER A 115 -46.24 13.85 4.66
CA SER A 115 -45.79 15.23 4.49
C SER A 115 -46.96 16.19 4.38
N ALA A 116 -48.02 15.79 3.66
CA ALA A 116 -49.22 16.63 3.57
C ALA A 116 -49.86 16.97 4.94
N TYR A 117 -50.00 15.96 5.79
CA TYR A 117 -50.93 16.03 6.93
C TYR A 117 -50.36 15.47 8.22
N GLY A 118 -49.19 14.85 8.16
CA GLY A 118 -48.59 14.27 9.35
C GLY A 118 -48.39 12.76 9.32
N GLY A 119 -49.39 12.06 8.80
CA GLY A 119 -49.27 10.64 8.49
C GLY A 119 -49.25 9.72 9.69
N VAL A 120 -48.71 8.52 9.48
CA VAL A 120 -48.80 7.45 10.47
C VAL A 120 -48.19 7.84 11.83
N GLN A 121 -47.04 8.49 11.83
CA GLN A 121 -46.35 8.88 13.07
C GLN A 121 -47.10 9.95 13.86
N LYS A 122 -48.06 10.59 13.20
CA LYS A 122 -48.89 11.57 13.86
C LYS A 122 -50.10 10.90 14.52
N ALA A 123 -50.43 9.66 14.15
CA ALA A 123 -51.56 9.00 14.77
C ALA A 123 -51.38 8.95 16.29
N LYS A 124 -52.50 8.99 17.02
CA LYS A 124 -52.46 9.00 18.49
C LYS A 124 -51.69 7.81 19.06
N PRO A 125 -50.93 8.05 20.14
CA PRO A 125 -50.78 9.33 20.87
C PRO A 125 -49.64 10.23 20.35
N ASN A 126 -49.28 10.10 19.07
CA ASN A 126 -48.27 10.96 18.45
C ASN A 126 -47.02 11.17 19.33
N PRO A 127 -46.28 10.09 19.62
CA PRO A 127 -45.14 10.21 20.54
C PRO A 127 -44.07 11.20 20.10
N SER A 128 -43.83 11.32 18.79
CA SER A 128 -42.80 12.24 18.30
C SER A 128 -43.29 13.66 18.04
N GLN A 129 -44.57 13.93 18.33
CA GLN A 129 -45.18 15.24 18.05
C GLN A 129 -44.93 15.61 16.57
N ALA A 130 -45.31 14.68 15.70
CA ALA A 130 -45.11 14.83 14.27
C ALA A 130 -46.17 15.76 13.71
N LYS A 131 -45.80 16.50 12.66
CA LYS A 131 -46.67 17.46 11.99
C LYS A 131 -46.50 17.34 10.51
N GLY A 132 -47.54 17.71 9.77
CA GLY A 132 -47.44 17.93 8.34
C GLY A 132 -46.52 19.10 8.09
N VAL A 133 -46.07 19.22 6.84
CA VAL A 133 -45.14 20.28 6.46
C VAL A 133 -45.77 21.67 6.58
N SER A 134 -46.92 21.86 5.94
CA SER A 134 -47.61 23.15 6.02
C SER A 134 -47.79 23.61 7.46
N GLU A 135 -48.26 22.72 8.34
CA GLU A 135 -48.42 23.06 9.76
C GLU A 135 -47.06 23.41 10.37
N ALA A 136 -46.07 22.55 10.16
CA ALA A 136 -44.73 22.79 10.70
C ALA A 136 -44.09 24.09 10.23
N LEU A 137 -44.15 24.37 8.91
CA LEU A 137 -43.44 25.53 8.34
C LEU A 137 -44.28 26.80 8.20
N GLY A 138 -45.60 26.64 8.11
CA GLY A 138 -46.53 27.75 8.02
C GLY A 138 -46.63 28.28 6.62
N VAL A 139 -46.49 27.40 5.65
CA VAL A 139 -46.64 27.80 4.26
C VAL A 139 -47.55 26.84 3.53
N LYS A 140 -48.18 27.32 2.46
CA LYS A 140 -49.05 26.50 1.64
C LYS A 140 -48.19 25.52 0.87
N THR A 141 -48.59 24.26 0.87
CA THR A 141 -47.93 23.24 0.10
C THR A 141 -48.92 22.63 -0.90
N ILE A 142 -48.39 22.11 -2.01
CA ILE A 142 -49.19 21.29 -2.93
C ILE A 142 -49.18 19.85 -2.42
N ASN A 143 -50.33 19.36 -2.00
CA ASN A 143 -50.42 18.05 -1.36
C ASN A 143 -50.82 16.96 -2.36
N ILE A 144 -50.00 15.92 -2.41
CA ILE A 144 -50.28 14.74 -3.21
C ILE A 144 -50.40 13.56 -2.25
N PRO A 145 -51.53 13.47 -1.51
CA PRO A 145 -51.67 12.45 -0.50
C PRO A 145 -52.10 11.08 -1.01
N GLY A 146 -52.26 10.15 -0.08
CA GLY A 146 -52.39 8.77 -0.39
C GLY A 146 -51.23 8.14 0.37
N CYS A 147 -51.33 6.83 0.63
CA CYS A 147 -50.34 6.19 1.47
C CYS A 147 -49.92 4.87 0.83
N PRO A 148 -49.12 4.96 -0.25
CA PRO A 148 -48.64 6.18 -0.91
C PRO A 148 -49.58 6.67 -2.02
N PRO A 149 -49.35 7.89 -2.53
CA PRO A 149 -50.10 8.39 -3.69
C PRO A 149 -49.75 7.61 -4.94
N ASN A 150 -50.61 7.70 -5.95
CA ASN A 150 -50.33 7.11 -7.24
C ASN A 150 -49.20 7.92 -7.90
N PRO A 151 -48.21 7.24 -8.50
CA PRO A 151 -47.20 8.00 -9.23
C PRO A 151 -47.83 8.88 -10.31
N ILE A 152 -48.97 8.48 -10.83
CA ILE A 152 -49.71 9.29 -11.81
C ILE A 152 -49.98 10.67 -11.23
N ASN A 153 -50.42 10.70 -9.98
CA ASN A 153 -50.80 11.95 -9.33
C ASN A 153 -49.58 12.83 -9.04
N PHE A 154 -48.48 12.22 -8.56
CA PHE A 154 -47.26 12.95 -8.19
C PHE A 154 -46.51 13.47 -9.40
N VAL A 155 -46.13 12.59 -10.30
CA VAL A 155 -45.44 13.01 -11.53
C VAL A 155 -46.35 13.94 -12.31
N GLY A 156 -47.66 13.67 -12.31
CA GLY A 156 -48.61 14.55 -12.97
C GLY A 156 -48.50 15.96 -12.43
N ALA A 157 -48.52 16.07 -11.10
CA ALA A 157 -48.40 17.36 -10.40
C ALA A 157 -47.08 18.04 -10.71
N VAL A 158 -45.99 17.28 -10.58
CA VAL A 158 -44.64 17.76 -10.84
C VAL A 158 -44.54 18.38 -12.23
N VAL A 159 -44.94 17.61 -13.24
CA VAL A 159 -44.95 18.11 -14.60
C VAL A 159 -45.83 19.34 -14.73
N HIS A 160 -47.00 19.32 -14.11
CA HIS A 160 -47.89 20.47 -14.19
C HIS A 160 -47.19 21.73 -13.64
N VAL A 161 -46.61 21.61 -12.45
CA VAL A 161 -45.93 22.73 -11.80
C VAL A 161 -44.82 23.33 -12.65
N LEU A 162 -44.03 22.48 -13.27
CA LEU A 162 -42.88 22.93 -14.06
C LEU A 162 -43.27 23.51 -15.41
N THR A 163 -44.34 22.97 -16.01
CA THR A 163 -44.75 23.34 -17.40
C THR A 163 -45.96 24.28 -17.48
N LYS A 164 -46.78 24.30 -16.43
CA LYS A 164 -48.06 25.03 -16.47
C LYS A 164 -48.27 25.97 -15.29
N GLY A 165 -47.81 25.58 -14.12
CA GLY A 165 -47.96 26.41 -12.92
C GLY A 165 -48.70 25.63 -11.85
N ILE A 166 -49.13 26.32 -10.79
CA ILE A 166 -49.85 25.65 -9.73
C ILE A 166 -51.25 25.23 -10.18
N PRO A 167 -51.53 23.92 -10.11
CA PRO A 167 -52.82 23.39 -10.54
C PRO A 167 -53.88 23.78 -9.52
N ASP A 168 -55.16 23.74 -9.89
CA ASP A 168 -56.23 24.12 -8.95
C ASP A 168 -56.30 23.16 -7.78
N LEU A 169 -56.29 23.71 -6.57
CA LEU A 169 -56.23 22.85 -5.38
C LEU A 169 -57.54 22.84 -4.61
N ASP A 170 -57.86 21.67 -4.04
CA ASP A 170 -59.04 21.59 -3.18
C ASP A 170 -58.75 22.22 -1.80
N GLU A 171 -59.75 22.20 -0.94
CA GLU A 171 -59.65 22.81 0.39
C GLU A 171 -58.54 22.19 1.25
N ASN A 172 -58.10 20.96 0.93
CA ASN A 172 -56.94 20.39 1.63
C ASN A 172 -55.65 20.41 0.78
N GLY A 173 -55.59 21.36 -0.14
CA GLY A 173 -54.39 21.53 -0.96
C GLY A 173 -54.10 20.46 -1.98
N ARG A 174 -55.11 19.65 -2.33
CA ARG A 174 -54.94 18.55 -3.25
C ARG A 174 -55.33 18.94 -4.67
N PRO A 175 -54.49 18.62 -5.67
CA PRO A 175 -54.90 18.97 -7.04
C PRO A 175 -56.21 18.31 -7.42
N LYS A 176 -57.15 19.10 -7.92
CA LYS A 176 -58.48 18.63 -8.31
C LYS A 176 -58.48 17.64 -9.50
N LEU A 177 -57.50 17.80 -10.40
CA LEU A 177 -57.24 16.85 -11.49
C LEU A 177 -57.27 15.41 -11.00
N PHE A 178 -56.71 15.16 -9.82
CA PHE A 178 -56.58 13.82 -9.30
C PHE A 178 -57.50 13.53 -8.13
N TYR A 179 -57.76 14.54 -7.31
CA TYR A 179 -58.44 14.31 -6.04
C TYR A 179 -59.82 14.92 -6.00
N GLY A 180 -60.34 15.29 -7.17
CA GLY A 180 -61.62 15.99 -7.28
C GLY A 180 -62.84 15.09 -7.16
N GLU A 181 -62.63 13.78 -7.19
CA GLU A 181 -63.74 12.83 -7.10
C GLU A 181 -63.55 11.83 -5.98
N LEU A 182 -64.68 11.43 -5.40
CA LEU A 182 -64.74 10.32 -4.47
C LEU A 182 -64.39 9.00 -5.12
N VAL A 183 -63.58 8.20 -4.41
CA VAL A 183 -63.31 6.82 -4.82
C VAL A 183 -64.60 6.08 -5.12
N HIS A 184 -65.56 6.19 -4.20
CA HIS A 184 -66.87 5.55 -4.23
C HIS A 184 -67.68 5.85 -5.52
N ASP A 185 -67.65 7.09 -5.97
CA ASP A 185 -68.39 7.48 -7.17
C ASP A 185 -67.88 6.80 -8.46
N ASN A 186 -66.67 6.27 -8.43
CA ASN A 186 -66.13 5.53 -9.59
C ASN A 186 -65.91 4.05 -9.32
N CYS A 187 -66.48 3.54 -8.23
CA CYS A 187 -66.29 2.13 -7.86
C CYS A 187 -67.21 1.24 -8.66
N PRO A 188 -66.65 0.20 -9.30
CA PRO A 188 -67.49 -0.79 -9.97
C PRO A 188 -68.51 -1.49 -9.07
N ARG A 189 -68.33 -1.41 -7.75
CA ARG A 189 -69.23 -2.08 -6.81
C ARG A 189 -70.39 -1.15 -6.40
N LEU A 190 -70.39 0.05 -6.97
CA LEU A 190 -71.43 1.02 -6.68
C LEU A 190 -72.87 0.48 -6.88
N PRO A 191 -73.16 -0.26 -7.99
CA PRO A 191 -74.53 -0.80 -8.08
C PRO A 191 -74.89 -1.71 -6.87
N HIS A 192 -73.92 -2.43 -6.31
CA HIS A 192 -74.19 -3.27 -5.14
C HIS A 192 -74.49 -2.41 -3.92
N PHE A 193 -73.74 -1.33 -3.75
CA PHE A 193 -74.00 -0.38 -2.67
C PHE A 193 -75.41 0.21 -2.80
N GLU A 194 -75.77 0.64 -4.00
CA GLU A 194 -77.10 1.16 -4.29
C GLU A 194 -78.21 0.14 -4.01
N ALA A 195 -77.94 -1.12 -4.32
CA ALA A 195 -78.88 -2.22 -4.10
C ALA A 195 -78.86 -2.77 -2.65
N SER A 196 -78.03 -2.19 -1.78
CA SER A 196 -77.80 -2.68 -0.40
C SER A 196 -77.31 -4.13 -0.38
N GLU A 197 -76.38 -4.44 -1.26
CA GLU A 197 -75.80 -5.75 -1.33
C GLU A 197 -74.38 -5.66 -0.83
N PHE A 198 -74.24 -5.96 0.46
CA PHE A 198 -73.01 -5.79 1.19
C PHE A 198 -72.48 -7.18 1.61
N ALA A 199 -71.16 -7.36 1.51
CA ALA A 199 -70.48 -8.49 2.08
C ALA A 199 -70.49 -8.36 3.60
N PRO A 200 -71.02 -9.37 4.32
CA PRO A 200 -70.96 -9.32 5.79
C PRO A 200 -69.62 -9.80 6.36
N SER A 201 -68.82 -10.44 5.54
CA SER A 201 -67.52 -10.93 5.98
C SER A 201 -66.72 -11.31 4.76
N PHE A 202 -65.42 -11.49 4.95
CA PHE A 202 -64.54 -11.76 3.83
C PHE A 202 -64.67 -13.18 3.29
N ASP A 203 -65.18 -14.11 4.11
CA ASP A 203 -65.39 -15.50 3.66
C ASP A 203 -66.76 -15.74 3.03
N SER A 204 -67.64 -14.75 3.13
CA SER A 204 -69.03 -14.94 2.71
C SER A 204 -69.13 -15.14 1.21
N GLU A 205 -70.25 -15.70 0.79
CA GLU A 205 -70.53 -15.85 -0.62
C GLU A 205 -70.68 -14.46 -1.24
N GLU A 206 -71.20 -13.51 -0.44
CA GLU A 206 -71.32 -12.14 -0.89
C GLU A 206 -69.95 -11.56 -1.27
N ALA A 207 -68.94 -11.80 -0.44
CA ALA A 207 -67.56 -11.40 -0.77
C ALA A 207 -67.10 -12.06 -2.08
N LYS A 208 -67.34 -13.36 -2.21
CA LYS A 208 -66.97 -14.10 -3.40
C LYS A 208 -67.65 -13.52 -4.66
N LYS A 209 -68.86 -12.99 -4.49
CA LYS A 209 -69.64 -12.45 -5.60
C LYS A 209 -69.32 -10.97 -5.92
N GLY A 210 -68.38 -10.38 -5.18
CA GLY A 210 -67.96 -9.03 -5.41
C GLY A 210 -68.94 -7.99 -4.88
N PHE A 211 -69.65 -8.35 -3.81
CA PHE A 211 -70.61 -7.41 -3.19
C PHE A 211 -69.87 -6.22 -2.59
N CYS A 212 -70.60 -5.14 -2.34
CA CYS A 212 -70.01 -3.90 -1.82
C CYS A 212 -69.36 -4.18 -0.48
N LEU A 213 -68.33 -3.40 -0.14
CA LEU A 213 -67.51 -3.66 1.06
C LEU A 213 -67.76 -2.65 2.18
N TYR A 214 -68.88 -1.92 2.08
CA TYR A 214 -69.17 -0.85 3.03
C TYR A 214 -69.38 -1.39 4.44
N GLU A 215 -70.11 -2.49 4.55
CA GLU A 215 -70.37 -3.08 5.86
C GLU A 215 -69.05 -3.59 6.48
N LEU A 216 -68.02 -3.73 5.66
CA LEU A 216 -66.70 -4.17 6.11
C LEU A 216 -65.73 -2.99 6.26
N GLY A 217 -66.27 -1.77 6.30
CA GLY A 217 -65.48 -0.60 6.66
C GLY A 217 -64.95 0.27 5.52
N CYS A 218 -65.31 -0.05 4.29
CA CYS A 218 -64.86 0.71 3.14
C CYS A 218 -65.15 2.20 3.27
N LYS A 219 -64.11 3.02 3.08
CA LYS A 219 -64.19 4.47 3.28
C LYS A 219 -64.22 5.16 1.93
N GLY A 220 -64.37 4.38 0.88
CA GLY A 220 -64.58 4.96 -0.43
C GLY A 220 -65.50 6.16 -0.44
N PRO A 221 -66.68 6.05 0.24
CA PRO A 221 -67.67 7.15 0.20
C PRO A 221 -67.22 8.45 0.82
N VAL A 222 -66.14 8.43 1.59
CA VAL A 222 -65.66 9.68 2.17
C VAL A 222 -64.22 10.01 1.76
N THR A 223 -63.75 9.39 0.68
CA THR A 223 -62.34 9.46 0.28
C THR A 223 -62.19 9.98 -1.15
N TYR A 224 -61.41 11.04 -1.29
CA TYR A 224 -61.12 11.65 -2.58
C TYR A 224 -59.81 11.12 -3.12
N ASN A 225 -59.92 10.38 -4.21
CA ASN A 225 -58.77 9.81 -4.88
C ASN A 225 -59.26 9.23 -6.18
N ASN A 226 -58.34 8.83 -7.06
CA ASN A 226 -58.71 8.41 -8.42
C ASN A 226 -58.43 6.93 -8.69
N CYS A 227 -58.23 6.18 -7.62
CA CYS A 227 -57.81 4.78 -7.66
C CYS A 227 -58.61 3.89 -8.64
N PRO A 228 -59.95 3.94 -8.61
CA PRO A 228 -60.70 3.05 -9.47
C PRO A 228 -60.57 3.43 -10.95
N LYS A 229 -60.30 4.70 -11.22
CA LYS A 229 -60.21 5.20 -12.57
C LYS A 229 -58.85 4.88 -13.20
N VAL A 230 -57.77 5.10 -12.45
CA VAL A 230 -56.42 5.01 -13.02
C VAL A 230 -55.72 3.72 -12.61
N LEU A 231 -56.17 3.15 -11.49
CA LEU A 231 -55.62 1.94 -10.89
C LEU A 231 -54.17 2.16 -10.44
N PHE A 232 -53.61 1.13 -9.80
CA PHE A 232 -52.20 1.10 -9.44
C PHE A 232 -51.47 0.03 -10.26
N ASN A 233 -50.23 0.34 -10.62
CA ASN A 233 -49.33 -0.62 -11.28
C ASN A 233 -49.94 -1.14 -12.59
N GLN A 234 -50.91 -0.38 -13.10
CA GLN A 234 -51.58 -0.70 -14.35
C GLN A 234 -52.46 -1.96 -14.28
N VAL A 235 -52.78 -2.43 -13.08
CA VAL A 235 -53.46 -3.74 -13.00
C VAL A 235 -54.57 -3.86 -11.98
N ASN A 236 -54.45 -3.15 -10.86
CA ASN A 236 -55.34 -3.40 -9.72
C ASN A 236 -55.59 -2.16 -8.82
N TRP A 237 -56.52 -2.32 -7.90
CA TRP A 237 -56.71 -1.41 -6.79
C TRP A 237 -57.38 -2.18 -5.68
N PRO A 238 -57.30 -1.67 -4.43
CA PRO A 238 -57.73 -2.43 -3.25
C PRO A 238 -59.14 -3.09 -3.33
N VAL A 239 -60.14 -2.31 -3.72
CA VAL A 239 -61.50 -2.86 -3.79
C VAL A 239 -61.61 -3.96 -4.86
N GLN A 240 -60.89 -3.79 -5.96
CA GLN A 240 -60.82 -4.84 -6.97
C GLN A 240 -60.22 -6.14 -6.38
N ALA A 241 -59.31 -5.94 -5.41
CA ALA A 241 -58.68 -7.04 -4.71
C ALA A 241 -59.51 -7.47 -3.51
N GLY A 242 -60.77 -7.04 -3.46
CA GLY A 242 -61.71 -7.51 -2.43
C GLY A 242 -61.57 -6.86 -1.07
N HIS A 243 -60.80 -5.76 -1.00
CA HIS A 243 -60.48 -5.12 0.28
C HIS A 243 -60.99 -3.69 0.37
N PRO A 244 -61.64 -3.35 1.49
CA PRO A 244 -62.16 -1.99 1.66
C PRO A 244 -61.10 -0.90 1.50
N CYS A 245 -61.52 0.26 1.05
CA CYS A 245 -60.67 1.43 1.05
C CYS A 245 -60.47 1.89 2.48
N LEU A 246 -59.26 2.30 2.82
CA LEU A 246 -58.89 2.72 4.18
C LEU A 246 -59.01 4.22 4.37
N GLY A 247 -59.24 4.93 3.26
CA GLY A 247 -59.28 6.40 3.25
C GLY A 247 -57.89 7.04 3.33
N CYS A 248 -56.90 6.37 2.75
CA CYS A 248 -55.49 6.72 3.00
C CYS A 248 -55.04 8.06 2.42
N SER A 249 -55.90 8.70 1.62
CA SER A 249 -55.61 10.04 1.09
C SER A 249 -56.26 11.18 1.89
N GLU A 250 -56.97 10.83 2.95
CA GLU A 250 -57.64 11.83 3.73
C GLU A 250 -56.73 12.22 4.91
N PRO A 251 -56.74 13.51 5.29
CA PRO A 251 -55.89 13.92 6.41
C PRO A 251 -56.24 13.17 7.69
N ASP A 252 -55.21 12.70 8.39
CA ASP A 252 -55.33 12.10 9.71
C ASP A 252 -56.23 10.85 9.67
N PHE A 253 -56.24 10.16 8.53
CA PHE A 253 -57.10 8.99 8.35
C PHE A 253 -56.85 7.88 9.37
N TRP A 254 -55.61 7.77 9.86
CA TRP A 254 -55.26 6.79 10.90
C TRP A 254 -56.17 6.92 12.12
N ASP A 255 -56.71 8.13 12.36
CA ASP A 255 -57.56 8.37 13.48
C ASP A 255 -59.01 8.67 13.11
N THR A 256 -59.23 9.10 11.87
CA THR A 256 -60.57 9.43 11.47
C THR A 256 -61.24 8.26 10.80
N MET A 257 -60.44 7.37 10.21
CA MET A 257 -61.01 6.27 9.41
C MET A 257 -60.94 4.93 10.11
N THR A 258 -60.45 4.92 11.33
CA THR A 258 -60.31 3.71 12.11
C THR A 258 -61.48 3.59 13.11
N PRO A 259 -61.91 2.35 13.45
CA PRO A 259 -61.42 1.08 12.95
C PRO A 259 -61.66 0.90 11.46
N PHE A 260 -60.65 0.37 10.78
CA PHE A 260 -60.69 0.22 9.35
C PHE A 260 -61.78 -0.74 8.88
N TYR A 261 -62.13 -1.71 9.73
CA TYR A 261 -63.10 -2.74 9.32
C TYR A 261 -64.52 -2.45 9.78
N GLU A 262 -64.72 -1.26 10.34
CA GLU A 262 -66.02 -0.79 10.78
C GLU A 262 -66.39 0.56 10.12
N GLN A 263 -67.65 0.96 10.24
CA GLN A 263 -68.10 2.28 9.86
C GLN A 263 -68.44 3.09 11.09
N GLY A 264 -68.03 2.60 12.27
CA GLY A 264 -68.41 3.18 13.55
C GLY A 264 -67.53 4.34 13.99
N LYS B 5 -4.13 -5.78 -7.31
CA LYS B 5 -4.16 -5.75 -5.82
C LYS B 5 -2.86 -5.23 -5.20
N PRO B 6 -2.67 -5.44 -3.87
CA PRO B 6 -3.70 -5.85 -2.93
C PRO B 6 -4.72 -4.74 -2.66
N THR B 7 -5.51 -4.93 -1.62
CA THR B 7 -6.60 -4.01 -1.29
C THR B 7 -6.04 -2.65 -0.90
N PRO B 8 -6.44 -1.59 -1.62
CA PRO B 8 -6.00 -0.24 -1.29
C PRO B 8 -6.39 0.13 0.15
N GLN B 9 -5.44 0.72 0.85
CA GLN B 9 -5.64 1.11 2.24
C GLN B 9 -4.73 2.28 2.55
N SER B 10 -5.31 3.32 3.13
CA SER B 10 -4.56 4.53 3.51
C SER B 10 -3.89 4.33 4.84
N THR B 11 -3.29 5.40 5.34
CA THR B 11 -2.61 5.38 6.62
C THR B 11 -3.47 6.11 7.64
N PHE B 12 -4.68 6.47 7.23
CA PHE B 12 -5.56 7.32 8.06
C PHE B 12 -5.81 6.80 9.48
N THR B 13 -5.51 7.64 10.46
CA THR B 13 -5.94 7.42 11.84
C THR B 13 -6.80 8.60 12.26
N GLY B 14 -8.01 8.29 12.74
CA GLY B 14 -8.97 9.28 13.19
C GLY B 14 -10.40 8.79 13.05
N PRO B 15 -11.38 9.61 13.48
CA PRO B 15 -12.78 9.22 13.32
C PRO B 15 -13.28 9.47 11.92
N ILE B 16 -14.23 8.66 11.46
CA ILE B 16 -15.01 8.99 10.28
C ILE B 16 -16.49 8.85 10.59
N VAL B 17 -17.27 9.86 10.22
CA VAL B 17 -18.72 9.79 10.36
C VAL B 17 -19.31 9.89 8.96
N VAL B 18 -20.27 9.02 8.69
CA VAL B 18 -21.02 9.06 7.44
C VAL B 18 -22.51 9.21 7.75
N ASP B 19 -23.03 10.41 7.53
CA ASP B 19 -24.39 10.77 7.86
C ASP B 19 -24.81 11.88 6.91
N PRO B 20 -25.78 11.61 6.02
CA PRO B 20 -26.59 10.38 5.89
C PRO B 20 -25.88 9.23 5.18
N ILE B 21 -26.24 8.02 5.54
CA ILE B 21 -25.92 6.87 4.72
C ILE B 21 -27.01 6.87 3.65
N THR B 22 -26.62 7.12 2.41
CA THR B 22 -27.58 7.18 1.34
C THR B 22 -27.72 5.80 0.74
N ARG B 23 -28.67 5.65 -0.17
CA ARG B 23 -28.94 4.38 -0.83
C ARG B 23 -29.25 3.28 0.17
N ILE B 24 -30.03 3.66 1.18
CA ILE B 24 -30.70 2.71 2.07
C ILE B 24 -32.12 3.23 2.26
N GLU B 25 -32.97 2.44 2.89
CA GLU B 25 -34.18 3.02 3.44
C GLU B 25 -33.88 3.65 4.82
N GLY B 26 -34.29 4.89 4.98
CA GLY B 26 -34.28 5.48 6.33
C GLY B 26 -33.01 6.21 6.69
N HIS B 27 -32.89 6.59 7.94
CA HIS B 27 -31.87 7.53 8.37
C HIS B 27 -30.85 6.90 9.30
N LEU B 28 -29.68 6.64 8.73
CA LEU B 28 -28.59 6.00 9.42
C LEU B 28 -27.37 6.90 9.46
N ARG B 29 -26.76 6.94 10.63
CA ARG B 29 -25.48 7.57 10.84
C ARG B 29 -24.50 6.46 11.25
N ILE B 30 -23.36 6.34 10.55
CA ILE B 30 -22.32 5.39 10.91
C ILE B 30 -21.14 6.16 11.48
N MET B 31 -20.63 5.71 12.62
CA MET B 31 -19.42 6.30 13.19
C MET B 31 -18.37 5.20 13.34
N VAL B 32 -17.16 5.51 12.90
CA VAL B 32 -16.06 4.57 12.97
C VAL B 32 -14.82 5.27 13.50
N GLU B 33 -14.00 4.49 14.20
CA GLU B 33 -12.64 4.89 14.50
C GLU B 33 -11.73 4.08 13.58
N VAL B 34 -10.85 4.79 12.87
CA VAL B 34 -9.93 4.16 11.95
C VAL B 34 -8.54 4.31 12.53
N GLU B 35 -7.74 3.26 12.38
CA GLU B 35 -6.34 3.29 12.82
C GLU B 35 -5.50 2.70 11.69
N ASN B 36 -4.53 3.48 11.21
CA ASN B 36 -3.69 3.02 10.10
C ASN B 36 -4.48 2.54 8.86
N GLY B 37 -5.64 3.13 8.58
CA GLY B 37 -6.36 2.85 7.36
C GLY B 37 -7.35 1.72 7.45
N LYS B 38 -7.47 1.12 8.63
CA LYS B 38 -8.49 0.09 8.86
C LYS B 38 -9.41 0.46 10.03
N VAL B 39 -10.70 0.20 9.88
CA VAL B 39 -11.67 0.44 10.94
C VAL B 39 -11.37 -0.41 12.18
N LYS B 40 -11.16 0.23 13.32
CA LYS B 40 -10.97 -0.53 14.57
C LYS B 40 -12.19 -0.60 15.52
N ASP B 41 -13.17 0.27 15.31
CA ASP B 41 -14.38 0.31 16.12
C ASP B 41 -15.50 0.97 15.33
N ALA B 42 -16.73 0.58 15.64
CA ALA B 42 -17.87 1.04 14.88
C ALA B 42 -19.14 1.21 15.73
N TRP B 43 -20.02 2.08 15.21
CA TRP B 43 -21.27 2.42 15.86
C TRP B 43 -22.31 2.62 14.77
N SER B 44 -23.42 1.92 14.93
CA SER B 44 -24.56 2.05 14.03
C SER B 44 -25.66 2.87 14.70
N SER B 45 -25.81 4.11 14.24
CA SER B 45 -26.68 5.06 14.92
C SER B 45 -27.88 5.44 14.08
N SER B 46 -29.02 4.84 14.42
CA SER B 46 -30.30 5.10 13.73
C SER B 46 -30.88 6.43 14.19
N GLN B 47 -31.31 7.25 13.23
CA GLN B 47 -31.56 8.69 13.49
C GLN B 47 -33.04 9.12 13.45
N LEU B 48 -33.96 8.19 13.29
CA LEU B 48 -35.38 8.54 13.31
C LEU B 48 -36.19 7.57 14.12
N PHE B 49 -37.05 8.11 14.99
CA PHE B 49 -38.06 7.33 15.71
C PHE B 49 -39.46 7.81 15.34
N ARG B 50 -40.35 6.84 15.09
CA ARG B 50 -41.76 7.12 14.81
C ARG B 50 -42.70 6.52 15.86
N GLY B 51 -42.42 5.30 16.30
CA GLY B 51 -43.11 4.71 17.44
C GLY B 51 -44.43 4.01 17.13
N LEU B 52 -44.44 3.20 16.09
CA LEU B 52 -45.67 2.47 15.73
C LEU B 52 -46.18 1.60 16.88
N GLU B 53 -45.28 1.01 17.67
CA GLU B 53 -45.72 0.11 18.70
C GLU B 53 -46.53 0.89 19.72
N ILE B 54 -46.09 2.11 20.03
CA ILE B 54 -46.80 2.99 20.95
C ILE B 54 -48.17 3.34 20.38
N ILE B 55 -48.17 3.72 19.11
CA ILE B 55 -49.39 4.08 18.38
C ILE B 55 -50.45 2.96 18.36
N LEU B 56 -50.01 1.70 18.31
CA LEU B 56 -50.94 0.59 18.18
C LEU B 56 -51.72 0.28 19.46
N LYS B 57 -51.20 0.72 20.60
CA LYS B 57 -51.82 0.37 21.89
C LYS B 57 -53.29 0.79 21.94
N GLY B 58 -54.16 -0.13 22.36
CA GLY B 58 -55.56 0.19 22.55
C GLY B 58 -56.38 0.06 21.29
N ARG B 59 -55.75 -0.22 20.16
CA ARG B 59 -56.45 -0.26 18.90
C ARG B 59 -56.97 -1.66 18.58
N ASP B 60 -57.79 -1.73 17.55
CA ASP B 60 -58.38 -2.94 17.04
C ASP B 60 -57.27 -3.81 16.42
N PRO B 61 -57.10 -5.04 16.94
CA PRO B 61 -56.06 -5.93 16.38
C PRO B 61 -56.16 -6.08 14.85
N ARG B 62 -57.38 -5.97 14.30
CA ARG B 62 -57.57 -6.02 12.85
C ARG B 62 -56.88 -4.86 12.11
N ASP B 63 -56.75 -3.71 12.78
CA ASP B 63 -56.11 -2.53 12.19
C ASP B 63 -54.59 -2.65 12.12
N ALA B 64 -54.01 -3.51 12.97
CA ALA B 64 -52.55 -3.61 13.13
C ALA B 64 -51.77 -3.69 11.81
N GLN B 65 -52.23 -4.55 10.91
CA GLN B 65 -51.50 -4.80 9.67
C GLN B 65 -51.38 -3.54 8.80
N HIS B 66 -52.37 -2.68 8.87
CA HIS B 66 -52.38 -1.46 8.08
C HIS B 66 -51.43 -0.41 8.64
N PHE B 67 -51.33 -0.36 9.97
CA PHE B 67 -50.37 0.49 10.66
C PHE B 67 -48.95 -0.02 10.47
N THR B 68 -48.74 -1.31 10.73
CA THR B 68 -47.39 -1.85 10.72
C THR B 68 -46.82 -1.97 9.32
N GLN B 69 -47.68 -2.06 8.29
CA GLN B 69 -47.18 -2.10 6.91
C GLN B 69 -46.39 -0.83 6.62
N ARG B 70 -46.85 0.29 7.19
CA ARG B 70 -46.14 1.59 7.06
C ARG B 70 -44.86 1.67 7.89
N ALA B 71 -44.45 0.57 8.55
CA ALA B 71 -43.11 0.54 9.11
C ALA B 71 -42.10 0.81 7.99
N CYS B 72 -42.43 0.36 6.78
CA CYS B 72 -41.52 0.50 5.68
C CYS B 72 -42.25 0.26 4.39
N GLY B 73 -41.95 1.11 3.40
CA GLY B 73 -42.51 0.98 2.06
C GLY B 73 -41.49 0.42 1.09
N MET B 74 -40.26 0.23 1.55
CA MET B 74 -39.32 -0.46 0.70
C MET B 74 -39.63 -1.96 0.73
N CYS B 75 -39.58 -2.55 1.93
CA CYS B 75 -40.11 -3.89 2.09
C CYS B 75 -41.61 -3.76 2.36
N THR B 76 -42.34 -3.18 1.42
CA THR B 76 -43.80 -3.10 1.56
C THR B 76 -44.31 -4.55 1.70
N TYR B 77 -45.57 -4.72 2.07
CA TYR B 77 -46.21 -6.02 2.32
C TYR B 77 -45.73 -6.79 3.56
N VAL B 78 -44.42 -6.94 3.75
CA VAL B 78 -43.94 -7.96 4.72
C VAL B 78 -44.53 -7.78 6.13
N HIS B 79 -44.63 -6.53 6.60
CA HIS B 79 -45.23 -6.22 7.90
C HIS B 79 -46.73 -6.51 7.95
N ALA B 80 -47.46 -6.17 6.89
CA ALA B 80 -48.85 -6.60 6.76
C ALA B 80 -48.93 -8.12 6.90
N LEU B 81 -48.03 -8.82 6.21
CA LEU B 81 -48.01 -10.27 6.29
C LEU B 81 -47.73 -10.73 7.72
N ALA B 82 -46.72 -10.15 8.35
CA ALA B 82 -46.32 -10.59 9.68
C ALA B 82 -47.42 -10.29 10.72
N SER B 83 -48.09 -9.16 10.52
CA SER B 83 -49.18 -8.79 11.40
C SER B 83 -50.38 -9.72 11.24
N SER B 84 -50.67 -10.10 9.99
CA SER B 84 -51.79 -10.98 9.73
C SER B 84 -51.50 -12.34 10.30
N ARG B 85 -50.28 -12.82 10.12
CA ARG B 85 -49.86 -14.11 10.70
C ARG B 85 -49.95 -14.06 12.22
N CYS B 86 -49.53 -12.94 12.78
CA CYS B 86 -49.52 -12.70 14.20
C CYS B 86 -50.95 -12.74 14.76
N VAL B 87 -51.86 -12.00 14.12
CA VAL B 87 -53.22 -11.97 14.58
C VAL B 87 -53.91 -13.32 14.34
N ASP B 88 -53.62 -13.96 13.21
CA ASP B 88 -54.17 -15.30 12.92
C ASP B 88 -53.78 -16.27 14.04
N ASP B 89 -52.58 -16.12 14.57
CA ASP B 89 -52.10 -17.00 15.65
C ASP B 89 -52.82 -16.65 16.95
N ALA B 90 -52.91 -15.35 17.26
CA ALA B 90 -53.64 -14.87 18.45
C ALA B 90 -55.12 -15.32 18.51
N VAL B 91 -55.81 -15.33 17.36
CA VAL B 91 -57.22 -15.73 17.32
C VAL B 91 -57.33 -17.22 17.02
N LYS B 92 -56.17 -17.84 16.80
CA LYS B 92 -56.09 -19.28 16.57
C LYS B 92 -56.85 -19.69 15.31
N VAL B 93 -56.69 -18.91 14.24
CA VAL B 93 -57.27 -19.31 12.97
C VAL B 93 -56.21 -19.90 12.04
N SER B 94 -56.60 -20.94 11.32
CA SER B 94 -55.76 -21.54 10.31
C SER B 94 -56.25 -21.13 8.92
N ILE B 95 -55.47 -20.30 8.24
CA ILE B 95 -55.86 -19.79 6.92
C ILE B 95 -56.02 -20.92 5.87
N PRO B 96 -56.92 -20.72 4.89
CA PRO B 96 -57.07 -21.74 3.85
C PRO B 96 -55.81 -21.86 2.98
N ALA B 97 -55.65 -23.01 2.32
CA ALA B 97 -54.48 -23.29 1.50
C ALA B 97 -54.22 -22.19 0.51
N ASN B 98 -55.27 -21.77 -0.20
CA ASN B 98 -55.19 -20.66 -1.16
C ASN B 98 -54.61 -19.38 -0.55
N ALA B 99 -54.99 -19.09 0.69
CA ALA B 99 -54.50 -17.89 1.34
C ALA B 99 -53.01 -18.04 1.60
N ARG B 100 -52.59 -19.23 2.02
CA ARG B 100 -51.17 -19.52 2.26
C ARG B 100 -50.38 -19.36 0.97
N MET B 101 -50.92 -19.90 -0.11
CA MET B 101 -50.27 -19.83 -1.41
C MET B 101 -50.17 -18.39 -1.90
N MET B 102 -51.28 -17.65 -1.83
CA MET B 102 -51.28 -16.26 -2.28
C MET B 102 -50.35 -15.37 -1.43
N ARG B 103 -50.43 -15.50 -0.12
CA ARG B 103 -49.54 -14.75 0.75
C ARG B 103 -48.08 -15.04 0.46
N ASN B 104 -47.77 -16.31 0.20
CA ASN B 104 -46.39 -16.70 -0.11
C ASN B 104 -45.94 -16.25 -1.49
N LEU B 105 -46.85 -16.24 -2.47
CA LEU B 105 -46.49 -15.76 -3.79
C LEU B 105 -46.16 -14.28 -3.76
N VAL B 106 -46.91 -13.53 -2.94
CA VAL B 106 -46.71 -12.09 -2.84
C VAL B 106 -45.36 -11.81 -2.21
N MET B 107 -45.00 -12.63 -1.21
CA MET B 107 -43.70 -12.53 -0.62
C MET B 107 -42.63 -12.77 -1.69
N ALA B 108 -42.85 -13.77 -2.53
CA ALA B 108 -41.89 -14.09 -3.58
C ALA B 108 -41.68 -12.89 -4.50
N SER B 109 -42.78 -12.30 -4.97
CA SER B 109 -42.74 -11.11 -5.80
C SER B 109 -42.01 -9.98 -5.10
N GLN B 110 -42.18 -9.89 -3.79
CA GLN B 110 -41.48 -8.86 -3.01
C GLN B 110 -39.99 -9.11 -3.03
N TYR B 111 -39.58 -10.36 -2.85
CA TYR B 111 -38.15 -10.71 -2.95
C TYR B 111 -37.52 -10.25 -4.27
N LEU B 112 -38.24 -10.52 -5.37
CA LEU B 112 -37.75 -10.22 -6.70
C LEU B 112 -37.62 -8.73 -6.89
N HIS B 113 -38.67 -7.99 -6.60
CA HIS B 113 -38.60 -6.54 -6.70
C HIS B 113 -37.47 -5.99 -5.84
N ASP B 114 -37.47 -6.40 -4.59
CA ASP B 114 -36.63 -5.82 -3.57
C ASP B 114 -35.17 -6.05 -3.87
N HIS B 115 -34.80 -7.30 -4.17
CA HIS B 115 -33.38 -7.62 -4.44
C HIS B 115 -32.88 -6.98 -5.73
N LEU B 116 -33.74 -6.86 -6.73
CA LEU B 116 -33.34 -6.19 -7.96
C LEU B 116 -33.05 -4.72 -7.75
N VAL B 117 -33.92 -4.05 -7.00
CA VAL B 117 -33.72 -2.66 -6.72
C VAL B 117 -32.49 -2.47 -5.82
N HIS B 118 -32.36 -3.26 -4.76
CA HIS B 118 -31.22 -3.10 -3.91
C HIS B 118 -29.90 -3.21 -4.65
N PHE B 119 -29.72 -4.30 -5.40
CA PHE B 119 -28.44 -4.49 -6.07
C PHE B 119 -28.06 -3.33 -6.98
N TYR B 120 -28.96 -2.99 -7.90
CA TYR B 120 -28.67 -1.97 -8.89
C TYR B 120 -28.74 -0.56 -8.32
N HIS B 121 -29.82 -0.24 -7.63
CA HIS B 121 -30.12 1.15 -7.35
C HIS B 121 -29.63 1.62 -5.99
N MET B 122 -29.27 0.66 -5.15
CA MET B 122 -28.72 0.96 -3.84
C MET B 122 -27.27 0.56 -3.74
N HIS B 123 -26.93 -0.62 -4.22
CA HIS B 123 -25.62 -1.20 -3.94
C HIS B 123 -24.58 -0.95 -5.04
N ALA B 124 -24.98 -1.05 -6.30
CA ALA B 124 -24.00 -1.07 -7.40
C ALA B 124 -23.08 0.16 -7.43
N LEU B 125 -23.59 1.33 -7.09
CA LEU B 125 -22.80 2.54 -7.17
C LEU B 125 -21.62 2.57 -6.22
N ASP B 126 -21.55 1.60 -5.29
CA ASP B 126 -20.36 1.40 -4.44
C ASP B 126 -19.27 0.63 -5.18
N TRP B 127 -19.63 -0.04 -6.26
CA TRP B 127 -18.69 -0.94 -6.94
C TRP B 127 -18.45 -0.46 -8.35
N VAL B 128 -19.44 0.24 -8.90
CA VAL B 128 -19.46 0.67 -10.28
C VAL B 128 -19.23 2.17 -10.40
N ASP B 129 -18.24 2.54 -11.21
CA ASP B 129 -17.90 3.91 -11.47
C ASP B 129 -18.60 4.27 -12.76
N VAL B 130 -19.74 4.95 -12.63
CA VAL B 130 -20.59 5.27 -13.76
C VAL B 130 -19.89 6.19 -14.77
N THR B 131 -19.16 7.20 -14.28
CA THR B 131 -18.50 8.15 -15.17
C THR B 131 -17.38 7.48 -15.97
N ALA B 132 -16.80 6.44 -15.40
CA ALA B 132 -15.82 5.62 -16.12
C ALA B 132 -16.43 4.90 -17.33
N ALA B 133 -17.73 4.62 -17.29
CA ALA B 133 -18.44 4.00 -18.41
C ALA B 133 -18.27 4.80 -19.70
N LEU B 134 -17.98 6.10 -19.56
CA LEU B 134 -17.82 6.99 -20.70
C LEU B 134 -16.48 6.80 -21.39
N LYS B 135 -15.56 6.08 -20.73
CA LYS B 135 -14.25 5.76 -21.31
C LYS B 135 -14.30 4.46 -22.10
N ALA B 136 -15.33 3.65 -21.89
CA ALA B 136 -15.45 2.36 -22.52
C ALA B 136 -15.65 2.44 -24.04
N ASP B 137 -14.93 1.59 -24.78
CA ASP B 137 -15.30 1.29 -26.15
C ASP B 137 -16.52 0.34 -26.09
N PRO B 138 -17.65 0.74 -26.69
CA PRO B 138 -18.88 -0.06 -26.79
C PRO B 138 -18.76 -1.40 -27.55
N ASN B 139 -17.81 -1.51 -28.45
CA ASN B 139 -17.56 -2.78 -29.09
C ASN B 139 -16.77 -3.71 -28.18
N LYS B 140 -15.75 -3.17 -27.52
CA LYS B 140 -15.03 -3.92 -26.49
C LYS B 140 -15.96 -4.32 -25.36
N ALA B 141 -16.97 -3.51 -25.09
CA ALA B 141 -17.86 -3.79 -23.98
C ALA B 141 -18.83 -4.92 -24.36
N ALA B 142 -19.35 -4.85 -25.58
CA ALA B 142 -20.25 -5.88 -26.13
C ALA B 142 -19.59 -7.27 -26.08
N LYS B 143 -18.34 -7.33 -26.54
CA LYS B 143 -17.54 -8.56 -26.50
C LYS B 143 -17.38 -9.11 -25.08
N LEU B 144 -17.01 -8.24 -24.15
CA LEU B 144 -16.89 -8.66 -22.76
C LEU B 144 -18.22 -9.14 -22.19
N ALA B 145 -19.33 -8.53 -22.61
CA ALA B 145 -20.64 -8.93 -22.08
C ALA B 145 -20.95 -10.35 -22.54
N ALA B 146 -20.61 -10.66 -23.78
CA ALA B 146 -20.79 -12.01 -24.30
C ALA B 146 -20.03 -13.02 -23.45
N SER B 147 -18.91 -12.58 -22.87
CA SER B 147 -18.00 -13.48 -22.15
C SER B 147 -18.30 -13.52 -20.65
N ILE B 148 -19.33 -12.79 -20.22
CA ILE B 148 -19.66 -12.79 -18.81
C ILE B 148 -21.16 -12.94 -18.57
N ALA B 149 -21.93 -13.02 -19.66
CA ALA B 149 -23.40 -13.10 -19.55
C ALA B 149 -24.07 -13.74 -20.80
N PRO B 150 -25.32 -14.21 -20.65
CA PRO B 150 -26.13 -14.74 -21.75
C PRO B 150 -26.31 -13.72 -22.88
N ALA B 151 -26.53 -14.20 -24.12
CA ALA B 151 -26.81 -13.33 -25.26
C ALA B 151 -28.16 -12.66 -25.13
N ARG B 152 -28.16 -11.35 -25.39
CA ARG B 152 -29.36 -10.53 -25.28
C ARG B 152 -29.15 -9.24 -26.08
N PRO B 153 -30.20 -8.73 -26.74
CA PRO B 153 -30.04 -7.53 -27.61
C PRO B 153 -29.61 -6.31 -26.79
N GLY B 154 -30.07 -6.25 -25.54
CA GLY B 154 -29.68 -5.19 -24.61
C GLY B 154 -28.18 -5.02 -24.38
N ASN B 155 -27.40 -6.06 -24.69
CA ASN B 155 -25.96 -6.02 -24.48
C ASN B 155 -25.21 -5.81 -25.78
N SER B 156 -25.93 -5.45 -26.85
CA SER B 156 -25.30 -5.22 -28.14
C SER B 156 -24.47 -3.94 -28.07
N ALA B 157 -23.52 -3.81 -29.00
CA ALA B 157 -22.71 -2.60 -29.10
C ALA B 157 -23.60 -1.37 -29.33
N LYS B 158 -24.64 -1.53 -30.13
CA LYS B 158 -25.55 -0.44 -30.45
C LYS B 158 -26.30 -0.02 -29.19
N ALA B 159 -26.74 -0.99 -28.40
CA ALA B 159 -27.50 -0.75 -27.19
C ALA B 159 -26.62 -0.16 -26.10
N LEU B 160 -25.34 -0.55 -26.07
CA LEU B 160 -24.40 -0.03 -25.07
C LEU B 160 -23.88 1.36 -25.47
N LYS B 161 -23.81 1.61 -26.78
CA LYS B 161 -23.47 2.94 -27.28
C LYS B 161 -24.56 3.96 -26.96
N ALA B 162 -25.82 3.55 -27.09
CA ALA B 162 -26.94 4.44 -26.81
C ALA B 162 -26.97 4.84 -25.33
N VAL B 163 -26.72 3.88 -24.47
CA VAL B 163 -26.61 4.16 -23.04
C VAL B 163 -25.47 5.16 -22.81
N GLN B 164 -24.31 4.90 -23.41
CA GLN B 164 -23.14 5.74 -23.21
C GLN B 164 -23.42 7.16 -23.68
N ASP B 165 -24.10 7.27 -24.82
CA ASP B 165 -24.49 8.57 -25.38
C ASP B 165 -25.47 9.33 -24.50
N LYS B 166 -26.47 8.62 -23.95
CA LYS B 166 -27.41 9.18 -22.96
C LYS B 166 -26.64 9.70 -21.76
N LEU B 167 -25.71 8.88 -21.24
CA LEU B 167 -24.93 9.25 -20.07
C LEU B 167 -24.01 10.42 -20.33
N LYS B 168 -23.40 10.42 -21.51
CA LYS B 168 -22.49 11.48 -21.92
C LYS B 168 -23.23 12.83 -21.98
N ALA B 169 -24.39 12.87 -22.64
CA ALA B 169 -25.19 14.08 -22.71
C ALA B 169 -25.59 14.55 -21.32
N PHE B 170 -25.97 13.63 -20.46
CA PHE B 170 -26.26 13.93 -19.07
C PHE B 170 -25.07 14.55 -18.35
N VAL B 171 -23.92 13.89 -18.44
CA VAL B 171 -22.72 14.37 -17.75
C VAL B 171 -22.24 15.71 -18.33
N GLU B 172 -22.33 15.85 -19.66
CA GLU B 172 -21.90 17.07 -20.36
C GLU B 172 -22.80 18.27 -20.05
N SER B 173 -23.98 18.02 -19.50
CA SER B 173 -24.91 19.09 -19.16
C SER B 173 -24.45 19.89 -17.94
N GLY B 174 -23.65 19.26 -17.08
CA GLY B 174 -23.18 19.90 -15.84
C GLY B 174 -24.13 19.66 -14.68
N GLN B 175 -25.29 19.10 -14.97
CA GLN B 175 -26.27 18.76 -13.94
C GLN B 175 -26.24 17.26 -13.66
N LEU B 176 -25.38 16.86 -12.71
CA LEU B 176 -25.14 15.45 -12.45
C LEU B 176 -26.26 14.78 -11.65
N GLY B 177 -27.17 15.59 -11.12
CA GLY B 177 -28.29 15.06 -10.35
C GLY B 177 -27.79 14.09 -9.31
N ILE B 178 -28.21 12.84 -9.40
CA ILE B 178 -27.94 11.89 -8.33
C ILE B 178 -26.49 11.44 -8.27
N PHE B 179 -25.67 11.86 -9.23
CA PHE B 179 -24.24 11.53 -9.24
C PHE B 179 -23.38 12.65 -8.69
N THR B 180 -23.97 13.81 -8.44
CA THR B 180 -23.26 14.93 -7.84
C THR B 180 -22.41 14.41 -6.68
N ASN B 181 -21.13 14.77 -6.70
CA ASN B 181 -20.21 14.42 -5.62
C ASN B 181 -20.08 12.92 -5.33
N ALA B 182 -20.40 12.06 -6.28
CA ALA B 182 -20.16 10.63 -6.09
C ALA B 182 -18.71 10.38 -5.65
N TYR B 183 -18.50 9.32 -4.88
CA TYR B 183 -17.16 8.98 -4.42
C TYR B 183 -16.26 8.51 -5.57
N PHE B 184 -16.84 8.13 -6.70
CA PHE B 184 -16.05 7.66 -7.82
C PHE B 184 -15.62 8.76 -8.81
N LEU B 185 -16.14 9.97 -8.62
CA LEU B 185 -15.81 11.11 -9.50
C LEU B 185 -14.30 11.40 -9.49
N GLY B 186 -13.70 11.40 -10.67
CA GLY B 186 -12.27 11.60 -10.80
C GLY B 186 -11.46 10.36 -10.54
N GLY B 187 -12.12 9.20 -10.42
CA GLY B 187 -11.43 7.99 -10.04
C GLY B 187 -11.27 7.84 -8.54
N HIS B 188 -11.13 6.59 -8.11
CA HIS B 188 -11.03 6.24 -6.70
C HIS B 188 -10.32 4.89 -6.62
N LYS B 189 -9.32 4.79 -5.74
CA LYS B 189 -8.52 3.55 -5.64
C LYS B 189 -9.31 2.27 -5.36
N ALA B 190 -10.45 2.41 -4.68
CA ALA B 190 -11.27 1.28 -4.27
C ALA B 190 -12.26 0.79 -5.33
N TYR B 191 -12.32 1.50 -6.47
CA TYR B 191 -13.14 1.07 -7.60
C TYR B 191 -12.23 0.36 -8.58
N TYR B 192 -12.49 -0.93 -8.83
CA TYR B 192 -11.58 -1.75 -9.64
C TYR B 192 -12.04 -2.03 -11.07
N LEU B 193 -13.32 -1.86 -11.36
CA LEU B 193 -13.89 -2.38 -12.61
C LEU B 193 -13.33 -1.70 -13.83
N PRO B 194 -13.05 -2.47 -14.88
CA PRO B 194 -12.77 -1.87 -16.18
C PRO B 194 -13.94 -1.00 -16.67
N PRO B 195 -13.66 0.11 -17.34
CA PRO B 195 -14.74 0.92 -17.92
C PRO B 195 -15.79 0.13 -18.73
N GLU B 196 -15.39 -0.93 -19.42
CA GLU B 196 -16.32 -1.82 -20.11
C GLU B 196 -17.37 -2.44 -19.18
N VAL B 197 -16.96 -2.87 -17.98
CA VAL B 197 -17.87 -3.44 -16.99
C VAL B 197 -18.77 -2.34 -16.41
N ASP B 198 -18.19 -1.16 -16.17
CA ASP B 198 -18.98 -0.01 -15.76
C ASP B 198 -20.08 0.29 -16.78
N LEU B 199 -19.76 0.27 -18.06
CA LEU B 199 -20.79 0.49 -19.08
C LEU B 199 -21.90 -0.56 -19.02
N ILE B 200 -21.51 -1.83 -18.96
CA ILE B 200 -22.47 -2.92 -18.86
C ILE B 200 -23.35 -2.73 -17.60
N ALA B 201 -22.74 -2.53 -16.45
CA ALA B 201 -23.51 -2.41 -15.22
C ALA B 201 -24.51 -1.23 -15.25
N THR B 202 -24.07 -0.14 -15.85
CA THR B 202 -24.85 1.07 -15.98
C THR B 202 -26.03 0.89 -16.95
N ALA B 203 -25.79 0.18 -18.05
CA ALA B 203 -26.87 -0.17 -18.96
C ALA B 203 -27.98 -0.93 -18.23
N HIS B 204 -27.58 -1.87 -17.36
CA HIS B 204 -28.52 -2.72 -16.63
C HIS B 204 -29.21 -1.99 -15.52
N TYR B 205 -28.46 -1.08 -14.89
CA TYR B 205 -29.02 -0.12 -13.94
C TYR B 205 -30.24 0.59 -14.53
N LEU B 206 -30.11 1.12 -15.74
CA LEU B 206 -31.24 1.78 -16.43
C LEU B 206 -32.36 0.82 -16.81
N GLU B 207 -32.02 -0.34 -17.36
CA GLU B 207 -33.01 -1.36 -17.61
C GLU B 207 -33.75 -1.75 -16.32
N ALA B 208 -33.01 -1.96 -15.23
CA ALA B 208 -33.62 -2.41 -13.99
C ALA B 208 -34.66 -1.39 -13.47
N LEU B 209 -34.42 -0.11 -13.74
CA LEU B 209 -35.44 0.92 -13.44
C LEU B 209 -36.79 0.63 -14.10
N HIS B 210 -36.76 0.15 -15.34
CA HIS B 210 -37.98 -0.33 -16.01
C HIS B 210 -38.45 -1.66 -15.47
N MET B 211 -37.51 -2.57 -15.20
CA MET B 211 -37.89 -3.91 -14.79
C MET B 211 -38.56 -3.92 -13.40
N GLN B 212 -38.12 -3.06 -12.48
CA GLN B 212 -38.75 -3.05 -11.16
C GLN B 212 -40.24 -2.68 -11.25
N VAL B 213 -40.60 -1.83 -12.20
CA VAL B 213 -42.00 -1.50 -12.48
C VAL B 213 -42.82 -2.75 -12.78
N LYS B 214 -42.31 -3.64 -13.66
CA LYS B 214 -42.98 -4.89 -13.96
C LYS B 214 -43.07 -5.81 -12.75
N ALA B 215 -41.99 -5.87 -11.97
CA ALA B 215 -41.98 -6.68 -10.77
C ALA B 215 -43.07 -6.22 -9.83
N ALA B 216 -43.20 -4.90 -9.68
CA ALA B 216 -44.26 -4.33 -8.85
C ALA B 216 -45.67 -4.61 -9.42
N SER B 217 -45.84 -4.55 -10.73
CA SER B 217 -47.11 -4.89 -11.38
C SER B 217 -47.53 -6.35 -11.09
N ALA B 218 -46.59 -7.28 -11.21
CA ALA B 218 -46.88 -8.67 -10.89
C ALA B 218 -47.40 -8.75 -9.44
N MET B 219 -46.67 -8.15 -8.51
CA MET B 219 -47.07 -8.16 -7.10
C MET B 219 -48.49 -7.57 -6.87
N ALA B 220 -48.78 -6.47 -7.57
CA ALA B 220 -50.07 -5.78 -7.42
C ALA B 220 -51.23 -6.60 -7.98
N ILE B 221 -50.96 -7.57 -8.87
CA ILE B 221 -52.02 -8.43 -9.37
C ILE B 221 -52.67 -9.21 -8.21
N LEU B 222 -51.82 -9.68 -7.30
CA LEU B 222 -52.27 -10.40 -6.13
C LEU B 222 -52.48 -9.44 -4.95
N GLY B 223 -51.62 -8.42 -4.83
CA GLY B 223 -51.65 -7.54 -3.66
C GLY B 223 -52.57 -6.35 -3.68
N GLY B 224 -53.23 -6.09 -4.80
CA GLY B 224 -54.12 -4.94 -4.91
C GLY B 224 -53.42 -3.69 -5.41
N LYS B 225 -52.20 -3.44 -4.92
CA LYS B 225 -51.36 -2.29 -5.32
C LYS B 225 -49.97 -2.43 -4.72
N ASN B 226 -49.03 -1.67 -5.27
CA ASN B 226 -47.66 -1.59 -4.77
C ASN B 226 -47.15 -0.18 -5.05
N PRO B 227 -46.56 0.48 -4.04
CA PRO B 227 -46.39 0.02 -2.66
C PRO B 227 -47.67 -0.08 -1.80
N HIS B 228 -47.56 -0.91 -0.76
CA HIS B 228 -48.53 -1.03 0.33
C HIS B 228 -49.74 -1.86 -0.08
N THR B 229 -49.57 -3.16 -0.05
CA THR B 229 -50.58 -4.09 -0.51
C THR B 229 -51.85 -3.96 0.33
N GLN B 230 -52.95 -4.45 -0.22
CA GLN B 230 -54.23 -4.37 0.44
C GLN B 230 -55.10 -5.58 0.04
N PHE B 231 -54.69 -6.79 0.42
CA PHE B 231 -55.45 -8.02 0.10
C PHE B 231 -55.50 -9.01 1.28
N THR B 232 -54.68 -8.79 2.30
CA THR B 232 -54.71 -9.66 3.49
C THR B 232 -55.79 -9.25 4.48
N VAL B 233 -56.42 -10.25 5.07
CA VAL B 233 -57.41 -10.04 6.12
C VAL B 233 -57.15 -11.13 7.18
N VAL B 234 -57.63 -10.92 8.41
CA VAL B 234 -57.53 -11.98 9.41
C VAL B 234 -58.26 -13.19 8.89
N GLY B 235 -57.58 -14.33 8.84
CA GLY B 235 -58.20 -15.54 8.36
C GLY B 235 -57.81 -15.87 6.93
N GLY B 236 -57.09 -14.97 6.26
CA GLY B 236 -56.61 -15.26 4.90
C GLY B 236 -56.44 -14.05 4.00
N CYS B 237 -57.15 -14.06 2.88
CA CYS B 237 -57.06 -12.99 1.87
C CYS B 237 -58.45 -12.57 1.33
N SER B 238 -58.51 -11.39 0.74
CA SER B 238 -59.77 -10.86 0.20
C SER B 238 -59.87 -11.04 -1.31
N ASN B 239 -58.72 -11.28 -1.94
CA ASN B 239 -58.55 -11.14 -3.38
C ASN B 239 -58.96 -12.38 -4.16
N TYR B 240 -60.25 -12.68 -4.22
CA TYR B 240 -60.77 -13.80 -5.02
C TYR B 240 -60.33 -13.74 -6.48
N GLN B 241 -60.21 -12.53 -7.03
CA GLN B 241 -59.82 -12.37 -8.42
C GLN B 241 -58.40 -12.93 -8.63
N GLY B 242 -57.55 -12.81 -7.61
CA GLY B 242 -56.17 -13.30 -7.68
C GLY B 242 -56.06 -14.82 -7.79
N LEU B 243 -57.20 -15.51 -7.80
CA LEU B 243 -57.24 -16.97 -7.96
C LEU B 243 -57.67 -17.40 -9.36
N THR B 244 -58.02 -16.41 -10.20
CA THR B 244 -58.62 -16.70 -11.51
C THR B 244 -57.58 -16.73 -12.64
N LYS B 245 -58.00 -17.23 -13.81
CA LYS B 245 -57.11 -17.58 -14.92
C LYS B 245 -56.30 -16.42 -15.50
N ASP B 246 -56.99 -15.39 -15.99
CA ASP B 246 -56.33 -14.32 -16.73
C ASP B 246 -55.35 -13.57 -15.85
N PRO B 247 -55.78 -13.14 -14.64
CA PRO B 247 -54.83 -12.48 -13.75
C PRO B 247 -53.61 -13.35 -13.45
N LEU B 248 -53.79 -14.67 -13.30
CA LEU B 248 -52.65 -15.51 -12.96
C LEU B 248 -51.76 -15.76 -14.17
N ALA B 249 -52.37 -15.71 -15.36
CA ALA B 249 -51.61 -15.79 -16.60
C ALA B 249 -50.73 -14.56 -16.71
N ASN B 250 -51.29 -13.40 -16.39
CA ASN B 250 -50.55 -12.14 -16.52
C ASN B 250 -49.46 -12.06 -15.47
N TYR B 251 -49.81 -12.49 -14.25
CA TYR B 251 -48.86 -12.61 -13.17
C TYR B 251 -47.65 -13.48 -13.52
N LEU B 252 -47.88 -14.64 -14.14
CA LEU B 252 -46.80 -15.51 -14.57
C LEU B 252 -46.01 -14.89 -15.72
N ALA B 253 -46.69 -14.22 -16.65
CA ALA B 253 -46.01 -13.61 -17.78
C ALA B 253 -45.08 -12.49 -17.29
N LEU B 254 -45.56 -11.66 -16.38
CA LEU B 254 -44.71 -10.60 -15.81
C LEU B 254 -43.57 -11.16 -14.98
N SER B 255 -43.84 -12.20 -14.19
CA SER B 255 -42.77 -12.79 -13.37
C SER B 255 -41.67 -13.44 -14.21
N LYS B 256 -42.05 -14.07 -15.34
CA LYS B 256 -41.06 -14.66 -16.22
C LYS B 256 -40.17 -13.59 -16.85
N GLU B 257 -40.73 -12.41 -17.11
CA GLU B 257 -39.94 -11.31 -17.67
C GLU B 257 -38.90 -10.87 -16.67
N VAL B 258 -39.33 -10.75 -15.42
CA VAL B 258 -38.53 -10.34 -14.30
C VAL B 258 -37.42 -11.34 -14.06
N CYS B 259 -37.78 -12.62 -14.10
CA CYS B 259 -36.83 -13.67 -13.85
C CYS B 259 -35.81 -13.83 -14.96
N GLN B 260 -36.20 -13.52 -16.19
CA GLN B 260 -35.26 -13.52 -17.31
C GLN B 260 -34.18 -12.44 -17.10
N PHE B 261 -34.60 -11.27 -16.61
CA PHE B 261 -33.69 -10.19 -16.27
C PHE B 261 -32.79 -10.52 -15.06
N VAL B 262 -33.33 -11.21 -14.06
CA VAL B 262 -32.53 -11.71 -12.94
C VAL B 262 -31.39 -12.61 -13.44
N ASN B 263 -31.72 -13.53 -14.35
CA ASN B 263 -30.75 -14.49 -14.91
C ASN B 263 -29.82 -13.98 -15.98
N GLU B 264 -30.34 -13.08 -16.82
CA GLU B 264 -29.57 -12.47 -17.90
C GLU B 264 -28.68 -11.33 -17.45
N CYS B 265 -29.12 -10.57 -16.46
CA CYS B 265 -28.39 -9.37 -16.03
C CYS B 265 -27.89 -9.39 -14.58
N TYR B 266 -28.81 -9.58 -13.65
CA TYR B 266 -28.48 -9.46 -12.22
C TYR B 266 -27.36 -10.42 -11.75
N ILE B 267 -27.57 -11.72 -11.91
CA ILE B 267 -26.60 -12.72 -11.47
C ILE B 267 -25.24 -12.59 -12.20
N PRO B 268 -25.29 -12.53 -13.55
CA PRO B 268 -24.07 -12.27 -14.30
C PRO B 268 -23.34 -11.00 -13.83
N ASP B 269 -24.07 -9.92 -13.62
CA ASP B 269 -23.49 -8.65 -13.11
C ASP B 269 -22.89 -8.84 -11.72
N LEU B 270 -23.64 -9.52 -10.86
CA LEU B 270 -23.19 -9.84 -9.52
C LEU B 270 -21.91 -10.66 -9.54
N LEU B 271 -21.85 -11.68 -10.38
CA LEU B 271 -20.69 -12.54 -10.47
C LEU B 271 -19.48 -11.84 -11.09
N ALA B 272 -19.71 -11.03 -12.13
CA ALA B 272 -18.67 -10.22 -12.76
C ALA B 272 -18.01 -9.36 -11.70
N VAL B 273 -18.81 -8.54 -11.02
CA VAL B 273 -18.36 -7.68 -9.95
C VAL B 273 -17.65 -8.49 -8.87
N ALA B 274 -18.29 -9.58 -8.43
CA ALA B 274 -17.69 -10.43 -7.40
C ALA B 274 -16.29 -10.88 -7.82
N GLY B 275 -16.11 -11.23 -9.09
CA GLY B 275 -14.81 -11.66 -9.59
C GLY B 275 -13.72 -10.59 -9.45
N PHE B 276 -14.10 -9.32 -9.66
CA PHE B 276 -13.14 -8.21 -9.56
C PHE B 276 -12.83 -7.84 -8.13
N TYR B 277 -13.78 -8.07 -7.25
CA TYR B 277 -13.65 -7.69 -5.87
C TYR B 277 -13.48 -8.88 -4.94
N LYS B 278 -12.73 -9.87 -5.38
CA LYS B 278 -12.55 -11.11 -4.63
C LYS B 278 -11.94 -10.85 -3.24
N ASP B 279 -11.14 -9.80 -3.10
CA ASP B 279 -10.58 -9.46 -1.79
C ASP B 279 -11.65 -9.17 -0.72
N TRP B 280 -12.83 -8.79 -1.20
CA TRP B 280 -13.98 -8.53 -0.33
C TRP B 280 -14.61 -9.80 0.26
N GLY B 281 -14.08 -10.95 -0.12
CA GLY B 281 -14.43 -12.20 0.51
C GLY B 281 -13.73 -12.38 1.85
N GLY B 282 -12.80 -11.48 2.17
CA GLY B 282 -12.08 -11.54 3.46
C GLY B 282 -12.40 -10.34 4.32
N ILE B 283 -13.48 -9.63 3.98
CA ILE B 283 -13.86 -8.40 4.65
C ILE B 283 -15.32 -8.47 5.02
N GLY B 284 -15.64 -8.06 6.25
CA GLY B 284 -17.02 -7.86 6.66
C GLY B 284 -17.80 -9.10 7.03
N GLY B 285 -17.10 -10.12 7.51
CA GLY B 285 -17.76 -11.35 7.95
C GLY B 285 -18.26 -11.27 9.38
N THR B 286 -19.34 -12.02 9.67
CA THR B 286 -19.85 -12.21 11.05
C THR B 286 -19.94 -13.72 11.37
N SER B 287 -20.47 -14.08 12.54
CA SER B 287 -20.41 -15.47 12.99
C SER B 287 -21.74 -16.21 13.15
N ASN B 288 -22.79 -15.49 13.50
CA ASN B 288 -24.05 -16.12 13.87
C ASN B 288 -25.17 -15.75 12.90
N TYR B 289 -25.96 -16.74 12.50
CA TYR B 289 -27.02 -16.51 11.57
C TYR B 289 -28.33 -17.12 12.06
N LEU B 290 -29.42 -16.41 11.81
CA LEU B 290 -30.74 -16.79 12.21
C LEU B 290 -31.74 -16.56 11.05
N ALA B 291 -32.63 -17.52 10.84
CA ALA B 291 -33.71 -17.44 9.89
C ALA B 291 -34.96 -18.08 10.48
N PHE B 292 -36.10 -17.47 10.22
CA PHE B 292 -37.40 -18.04 10.59
C PHE B 292 -37.91 -18.91 9.46
N GLY B 293 -37.26 -18.79 8.31
CA GLY B 293 -37.68 -19.50 7.12
C GLY B 293 -38.82 -18.83 6.41
N GLU B 294 -39.07 -19.22 5.17
CA GLU B 294 -40.16 -18.67 4.39
C GLU B 294 -40.60 -19.67 3.33
N PHE B 295 -41.78 -19.42 2.76
CA PHE B 295 -42.37 -20.30 1.74
C PHE B 295 -42.71 -21.66 2.32
N ALA B 296 -43.41 -21.63 3.44
CA ALA B 296 -43.82 -22.84 4.13
C ALA B 296 -44.95 -23.52 3.37
N THR B 297 -44.96 -24.84 3.43
CA THR B 297 -46.08 -25.60 2.87
C THR B 297 -47.19 -25.76 3.92
N ASP B 298 -46.87 -25.42 5.17
CA ASP B 298 -47.83 -25.46 6.27
C ASP B 298 -47.66 -24.23 7.12
N ASP B 299 -48.59 -23.29 7.00
CA ASP B 299 -48.54 -22.06 7.80
C ASP B 299 -49.67 -22.05 8.84
N SER B 300 -50.08 -23.22 9.30
CA SER B 300 -51.17 -23.28 10.29
C SER B 300 -50.74 -22.73 11.65
N SER B 301 -49.45 -22.67 11.91
CA SER B 301 -48.94 -22.12 13.16
C SER B 301 -47.48 -21.70 12.97
N PRO B 302 -46.96 -20.88 13.90
CA PRO B 302 -45.55 -20.49 13.82
C PRO B 302 -44.62 -21.71 13.83
N GLU B 303 -44.98 -22.76 14.58
CA GLU B 303 -44.14 -23.95 14.68
C GLU B 303 -44.13 -24.68 13.33
N LYS B 304 -45.25 -24.64 12.63
CA LYS B 304 -45.36 -25.28 11.33
C LYS B 304 -44.65 -24.47 10.27
N HIS B 305 -44.67 -23.15 10.43
CA HIS B 305 -43.91 -22.29 9.57
C HIS B 305 -42.40 -22.59 9.69
N LEU B 306 -41.89 -22.62 10.93
CA LEU B 306 -40.50 -22.90 11.19
C LEU B 306 -40.06 -24.23 10.62
N ALA B 307 -40.97 -25.21 10.63
CA ALA B 307 -40.60 -26.58 10.26
C ALA B 307 -40.80 -26.88 8.77
N THR B 308 -41.74 -26.19 8.12
CA THR B 308 -42.08 -26.52 6.75
C THR B 308 -41.67 -25.46 5.74
N SER B 309 -40.97 -24.42 6.19
CA SER B 309 -40.40 -23.40 5.32
C SER B 309 -39.46 -23.99 4.28
N GLN B 310 -39.73 -23.72 3.00
CA GLN B 310 -38.93 -24.27 1.91
C GLN B 310 -37.56 -23.58 1.83
N PHE B 311 -37.50 -22.32 2.27
CA PHE B 311 -36.24 -21.71 2.68
C PHE B 311 -36.20 -21.94 4.18
N PRO B 312 -35.45 -22.96 4.61
CA PRO B 312 -35.62 -23.45 6.00
C PRO B 312 -35.19 -22.44 7.10
N SER B 313 -35.78 -22.61 8.27
CA SER B 313 -35.42 -21.86 9.48
C SER B 313 -34.20 -22.51 10.11
N GLY B 314 -33.58 -21.82 11.06
CA GLY B 314 -32.47 -22.41 11.79
C GLY B 314 -31.58 -21.38 12.42
N VAL B 315 -30.63 -21.85 13.20
CA VAL B 315 -29.67 -20.98 13.88
C VAL B 315 -28.27 -21.56 13.76
N ILE B 316 -27.38 -20.79 13.15
CA ILE B 316 -25.96 -21.09 13.12
C ILE B 316 -25.21 -20.14 14.05
N THR B 317 -24.30 -20.74 14.83
CA THR B 317 -23.48 -20.02 15.77
C THR B 317 -22.03 -20.35 15.46
N GLY B 318 -21.17 -19.32 15.46
CA GLY B 318 -19.73 -19.50 15.27
C GLY B 318 -19.39 -20.14 13.94
N ARG B 319 -20.09 -19.74 12.87
CA ARG B 319 -19.83 -20.24 11.52
C ARG B 319 -19.84 -21.77 11.42
N ASP B 320 -20.46 -22.43 12.39
CA ASP B 320 -20.45 -23.90 12.48
C ASP B 320 -21.60 -24.47 11.64
N LEU B 321 -21.31 -24.75 10.38
CA LEU B 321 -22.32 -25.26 9.44
C LEU B 321 -22.71 -26.71 9.70
N GLY B 322 -22.01 -27.36 10.63
CA GLY B 322 -22.35 -28.71 11.02
C GLY B 322 -23.39 -28.79 12.11
N LYS B 323 -23.87 -27.65 12.57
CA LYS B 323 -24.80 -27.61 13.70
C LYS B 323 -25.83 -26.48 13.56
N VAL B 324 -26.90 -26.76 12.82
CA VAL B 324 -27.99 -25.82 12.70
C VAL B 324 -29.02 -26.20 13.74
N ASP B 325 -29.25 -25.30 14.70
CA ASP B 325 -30.23 -25.53 15.74
C ASP B 325 -31.59 -25.05 15.31
N ASN B 326 -32.63 -25.65 15.92
CA ASN B 326 -33.99 -25.17 15.77
C ASN B 326 -34.08 -23.79 16.36
N VAL B 327 -35.00 -22.97 15.83
CA VAL B 327 -35.30 -21.67 16.39
C VAL B 327 -36.10 -21.80 17.70
N ASP B 328 -35.63 -21.11 18.73
CA ASP B 328 -36.30 -21.06 20.01
C ASP B 328 -36.89 -19.68 20.18
N LEU B 329 -38.18 -19.53 19.91
CA LEU B 329 -38.80 -18.19 20.01
C LEU B 329 -38.79 -17.61 21.42
N GLY B 330 -38.58 -18.46 22.44
CA GLY B 330 -38.49 -18.02 23.81
C GLY B 330 -37.14 -17.43 24.17
N ALA B 331 -36.15 -17.62 23.31
CA ALA B 331 -34.78 -17.16 23.57
C ALA B 331 -34.49 -15.81 22.90
N ILE B 332 -35.46 -15.29 22.15
CA ILE B 332 -35.37 -13.96 21.59
C ILE B 332 -35.70 -12.91 22.67
N TYR B 333 -34.87 -11.89 22.76
CA TYR B 333 -35.17 -10.75 23.62
C TYR B 333 -34.52 -9.49 23.01
N GLU B 334 -34.93 -8.31 23.49
CA GLU B 334 -34.30 -7.07 23.02
C GLU B 334 -33.71 -6.28 24.18
N ASP B 335 -32.50 -5.76 23.95
CA ASP B 335 -31.85 -4.87 24.90
C ASP B 335 -32.02 -3.42 24.47
N VAL B 336 -31.89 -2.51 25.42
CA VAL B 336 -31.97 -1.07 25.15
C VAL B 336 -30.84 -0.29 25.84
N LYS B 337 -29.90 -1.00 26.48
CA LYS B 337 -28.79 -0.34 27.14
C LYS B 337 -28.12 0.80 26.33
N TYR B 338 -27.97 0.61 25.02
CA TYR B 338 -27.20 1.53 24.20
C TYR B 338 -28.09 2.24 23.22
N SER B 339 -29.39 2.18 23.51
CA SER B 339 -30.44 2.71 22.67
C SER B 339 -31.09 3.90 23.33
N TRP B 340 -31.87 4.66 22.54
CA TRP B 340 -32.59 5.82 23.06
C TRP B 340 -33.96 5.49 23.71
N TYR B 341 -33.92 4.63 24.75
CA TYR B 341 -35.09 4.22 25.51
C TYR B 341 -34.77 4.27 27.00
N ALA B 342 -35.81 4.41 27.83
CA ALA B 342 -35.67 4.52 29.28
C ALA B 342 -34.88 3.36 29.84
N PRO B 343 -34.12 3.58 30.93
CA PRO B 343 -33.40 2.50 31.63
C PRO B 343 -34.37 1.48 32.18
N GLY B 344 -33.97 0.22 32.20
CA GLY B 344 -34.81 -0.83 32.79
C GLY B 344 -35.53 -1.68 31.78
N GLY B 345 -35.25 -1.45 30.49
CA GLY B 345 -35.91 -2.15 29.39
C GLY B 345 -35.14 -3.34 28.82
N ASP B 346 -33.96 -3.64 29.37
CA ASP B 346 -33.11 -4.70 28.85
C ASP B 346 -33.71 -6.09 29.04
N GLY B 347 -33.38 -6.99 28.11
CA GLY B 347 -33.68 -8.39 28.23
C GLY B 347 -35.15 -8.75 28.16
N LYS B 348 -35.92 -7.99 27.37
CA LYS B 348 -37.36 -8.21 27.25
C LYS B 348 -37.67 -9.13 26.08
N HIS B 349 -38.28 -10.28 26.36
CA HIS B 349 -38.93 -11.04 25.31
C HIS B 349 -40.02 -10.15 24.66
N PRO B 350 -40.17 -10.20 23.33
CA PRO B 350 -41.10 -9.28 22.66
C PRO B 350 -42.55 -9.30 23.18
N TYR B 351 -42.99 -10.42 23.76
CA TYR B 351 -44.31 -10.45 24.37
C TYR B 351 -44.39 -9.52 25.57
N ASP B 352 -43.24 -9.24 26.19
CA ASP B 352 -43.12 -8.34 27.32
C ASP B 352 -42.43 -7.06 26.89
N GLY B 353 -42.41 -6.83 25.58
CA GLY B 353 -41.73 -5.67 25.00
C GLY B 353 -42.14 -4.33 25.58
N VAL B 354 -41.16 -3.45 25.72
CA VAL B 354 -41.41 -2.11 26.20
C VAL B 354 -40.81 -1.13 25.20
N THR B 355 -41.60 -0.13 24.81
CA THR B 355 -41.08 0.92 23.94
C THR B 355 -41.29 2.30 24.59
N ASP B 356 -40.27 2.74 25.33
CA ASP B 356 -40.32 3.99 26.09
C ASP B 356 -39.20 4.96 25.66
N PRO B 357 -39.44 5.77 24.61
CA PRO B 357 -38.37 6.54 24.01
C PRO B 357 -37.70 7.52 25.00
N LYS B 358 -36.37 7.60 24.95
CA LYS B 358 -35.63 8.55 25.77
C LYS B 358 -34.37 8.93 25.00
N TYR B 359 -34.43 10.08 24.35
CA TYR B 359 -33.29 10.60 23.62
C TYR B 359 -32.29 11.25 24.55
N THR B 360 -30.99 11.16 24.23
CA THR B 360 -29.96 11.88 24.99
C THR B 360 -29.29 12.97 24.15
N LYS B 361 -28.32 12.57 23.33
CA LYS B 361 -27.61 13.50 22.45
C LYS B 361 -26.93 12.69 21.35
N LEU B 362 -26.54 13.40 20.30
CA LEU B 362 -25.87 12.83 19.16
C LEU B 362 -24.53 12.22 19.57
N ASP B 363 -24.22 11.03 19.04
CA ASP B 363 -22.92 10.37 19.24
C ASP B 363 -22.56 10.11 20.71
N ASP B 364 -23.59 10.00 21.54
CA ASP B 364 -23.45 9.61 22.93
C ASP B 364 -23.10 8.12 22.94
N LYS B 365 -21.92 7.76 23.41
CA LYS B 365 -21.47 6.37 23.24
C LYS B 365 -22.30 5.39 24.08
N ASP B 366 -23.02 5.91 25.07
CA ASP B 366 -23.86 5.07 25.91
C ASP B 366 -25.28 4.92 25.39
N HIS B 367 -25.70 5.85 24.53
CA HIS B 367 -27.02 5.79 23.92
C HIS B 367 -26.92 6.44 22.56
N TYR B 368 -26.94 5.61 21.52
CA TYR B 368 -26.59 6.09 20.22
C TYR B 368 -27.46 5.57 19.07
N SER B 369 -28.57 4.93 19.39
CA SER B 369 -29.48 4.49 18.36
C SER B 369 -30.94 4.43 18.82
N TRP B 370 -31.83 4.67 17.87
CA TRP B 370 -33.26 4.46 18.08
C TRP B 370 -33.69 2.99 17.89
N MET B 371 -32.80 2.18 17.30
CA MET B 371 -33.00 0.74 17.31
C MET B 371 -32.71 0.09 18.68
N LYS B 372 -33.52 -0.91 18.99
CA LYS B 372 -33.26 -1.82 20.07
C LYS B 372 -32.16 -2.78 19.61
N ALA B 373 -31.59 -3.53 20.55
CA ALA B 373 -30.60 -4.52 20.22
C ALA B 373 -31.19 -5.90 20.49
N PRO B 374 -31.76 -6.56 19.45
CA PRO B 374 -32.25 -7.94 19.59
C PRO B 374 -31.09 -8.91 19.79
N ARG B 375 -31.25 -9.83 20.72
CA ARG B 375 -30.24 -10.83 20.98
C ARG B 375 -30.91 -12.20 21.13
N TYR B 376 -30.15 -13.25 20.86
CA TYR B 376 -30.64 -14.61 20.95
C TYR B 376 -29.74 -15.39 21.88
N LYS B 377 -30.26 -15.79 23.04
CA LYS B 377 -29.41 -16.42 24.10
C LYS B 377 -28.13 -15.64 24.37
N GLY B 378 -28.16 -14.33 24.22
CA GLY B 378 -26.96 -13.52 24.51
C GLY B 378 -26.15 -13.09 23.30
N LYS B 379 -26.54 -13.58 22.13
CA LYS B 379 -25.76 -13.44 20.93
C LYS B 379 -26.47 -12.58 19.88
N ALA B 380 -25.67 -11.71 19.26
CA ALA B 380 -26.09 -10.94 18.09
C ALA B 380 -26.26 -11.90 16.93
N MET B 381 -27.27 -11.68 16.12
CA MET B 381 -27.52 -12.59 14.99
C MET B 381 -27.63 -11.86 13.67
N GLU B 382 -26.87 -12.31 12.69
CA GLU B 382 -27.06 -11.82 11.34
C GLU B 382 -28.25 -12.53 10.71
N VAL B 383 -29.09 -11.75 10.06
CA VAL B 383 -30.26 -12.27 9.40
C VAL B 383 -30.27 -11.76 7.96
N GLY B 384 -31.02 -12.45 7.10
CA GLY B 384 -31.15 -12.03 5.72
C GLY B 384 -30.66 -13.09 4.76
N PRO B 385 -30.45 -12.71 3.49
CA PRO B 385 -30.04 -13.64 2.46
C PRO B 385 -28.86 -14.53 2.83
N LEU B 386 -27.81 -13.95 3.39
CA LEU B 386 -26.66 -14.76 3.79
C LEU B 386 -26.97 -15.78 4.89
N ALA B 387 -27.72 -15.36 5.92
CA ALA B 387 -28.17 -16.27 6.94
C ALA B 387 -28.99 -17.39 6.31
N ARG B 388 -29.96 -17.04 5.48
CA ARG B 388 -30.80 -18.06 4.83
C ARG B 388 -29.98 -19.03 3.99
N THR B 389 -29.07 -18.48 3.19
CA THR B 389 -28.23 -19.27 2.31
C THR B 389 -27.41 -20.26 3.09
N PHE B 390 -26.76 -19.81 4.16
CA PHE B 390 -25.93 -20.73 4.96
C PHE B 390 -26.76 -21.83 5.60
N ILE B 391 -27.94 -21.44 6.11
CA ILE B 391 -28.81 -22.37 6.80
C ILE B 391 -29.35 -23.40 5.81
N ALA B 392 -29.78 -22.93 4.65
CA ALA B 392 -30.28 -23.82 3.62
C ALA B 392 -29.16 -24.73 3.13
N TYR B 393 -27.98 -24.14 2.90
CA TYR B 393 -26.82 -24.88 2.45
C TYR B 393 -26.43 -25.97 3.45
N ALA B 394 -26.28 -25.58 4.71
CA ALA B 394 -25.95 -26.54 5.78
C ALA B 394 -26.96 -27.68 5.85
N LYS B 395 -28.23 -27.38 5.60
CA LYS B 395 -29.29 -28.38 5.65
C LYS B 395 -29.39 -29.23 4.38
N GLY B 396 -28.57 -28.91 3.37
CA GLY B 396 -28.61 -29.64 2.10
C GLY B 396 -29.87 -29.36 1.28
N GLN B 397 -30.47 -28.18 1.44
CA GLN B 397 -31.56 -27.79 0.55
C GLN B 397 -31.00 -27.75 -0.88
N PRO B 398 -31.58 -28.57 -1.77
CA PRO B 398 -30.98 -28.90 -3.06
C PRO B 398 -30.78 -27.70 -3.98
N ASP B 399 -31.74 -26.78 -4.01
CA ASP B 399 -31.60 -25.58 -4.84
C ASP B 399 -30.46 -24.70 -4.36
N PHE B 400 -30.41 -24.46 -3.05
CA PHE B 400 -29.31 -23.68 -2.43
C PHE B 400 -27.95 -24.35 -2.61
N LYS B 401 -27.91 -25.67 -2.45
CA LYS B 401 -26.68 -26.41 -2.60
C LYS B 401 -26.12 -26.25 -4.03
N LYS B 402 -26.97 -26.45 -5.03
CA LYS B 402 -26.62 -26.27 -6.43
C LYS B 402 -26.11 -24.84 -6.75
N VAL B 403 -26.83 -23.83 -6.29
CA VAL B 403 -26.51 -22.46 -6.66
C VAL B 403 -25.25 -21.93 -5.95
N VAL B 404 -25.17 -22.11 -4.64
CA VAL B 404 -23.96 -21.80 -3.86
C VAL B 404 -22.68 -22.40 -4.49
N ASP B 405 -22.79 -23.64 -4.93
CA ASP B 405 -21.64 -24.34 -5.54
C ASP B 405 -21.29 -23.82 -6.94
N MET B 406 -22.30 -23.41 -7.69
CA MET B 406 -22.13 -22.73 -8.97
C MET B 406 -21.33 -21.44 -8.72
N VAL B 407 -21.68 -20.74 -7.65
CA VAL B 407 -21.01 -19.49 -7.28
C VAL B 407 -19.59 -19.73 -6.77
N LEU B 408 -19.42 -20.67 -5.85
CA LEU B 408 -18.11 -20.98 -5.28
C LEU B 408 -17.10 -21.43 -6.34
N GLY B 409 -17.59 -22.20 -7.31
CA GLY B 409 -16.83 -22.60 -8.48
C GLY B 409 -16.47 -21.42 -9.36
N LYS B 410 -17.47 -20.72 -9.91
CA LYS B 410 -17.20 -19.60 -10.79
C LYS B 410 -16.16 -18.67 -10.15
N LEU B 411 -16.32 -18.41 -8.86
CA LEU B 411 -15.40 -17.53 -8.17
C LEU B 411 -14.15 -18.26 -7.62
N SER B 412 -14.07 -19.58 -7.81
CA SER B 412 -12.96 -20.36 -7.22
C SER B 412 -12.65 -19.92 -5.78
N VAL B 413 -13.65 -20.03 -4.90
CA VAL B 413 -13.49 -19.69 -3.49
C VAL B 413 -14.12 -20.79 -2.63
N PRO B 414 -13.63 -20.97 -1.38
CA PRO B 414 -14.27 -21.91 -0.45
C PRO B 414 -15.52 -21.30 0.17
N ALA B 415 -16.45 -22.13 0.65
CA ALA B 415 -17.71 -21.62 1.20
C ALA B 415 -17.47 -20.62 2.33
N THR B 416 -16.36 -20.80 3.05
CA THR B 416 -15.95 -19.90 4.11
C THR B 416 -15.72 -18.48 3.61
N ALA B 417 -15.53 -18.33 2.31
CA ALA B 417 -15.39 -17.01 1.69
C ALA B 417 -16.73 -16.28 1.69
N LEU B 418 -17.80 -17.02 1.93
CA LEU B 418 -19.10 -16.40 1.94
C LEU B 418 -19.38 -15.63 3.23
N HIS B 419 -18.62 -15.90 4.31
CA HIS B 419 -18.73 -15.14 5.56
C HIS B 419 -18.03 -13.79 5.39
N SER B 420 -18.67 -12.89 4.65
CA SER B 420 -18.03 -11.66 4.21
C SER B 420 -19.06 -10.78 3.52
N THR B 421 -18.63 -9.56 3.18
CA THR B 421 -19.47 -8.60 2.50
C THR B 421 -19.74 -9.10 1.10
N LEU B 422 -18.77 -9.79 0.52
CA LEU B 422 -18.97 -10.34 -0.82
C LEU B 422 -19.99 -11.47 -0.78
N GLY B 423 -19.82 -12.39 0.16
CA GLY B 423 -20.80 -13.45 0.37
C GLY B 423 -22.20 -12.90 0.60
N ARG B 424 -22.31 -11.93 1.51
CA ARG B 424 -23.57 -11.26 1.83
C ARG B 424 -24.26 -10.67 0.57
N THR B 425 -23.45 -10.04 -0.29
CA THR B 425 -23.93 -9.49 -1.53
C THR B 425 -24.39 -10.59 -2.49
N ALA B 426 -23.55 -11.63 -2.60
CA ALA B 426 -23.80 -12.77 -3.49
C ALA B 426 -25.00 -13.59 -3.02
N ALA B 427 -25.10 -13.82 -1.72
CA ALA B 427 -26.25 -14.53 -1.14
C ALA B 427 -27.59 -13.96 -1.65
N ARG B 428 -27.67 -12.63 -1.70
CA ARG B 428 -28.90 -11.93 -2.15
C ARG B 428 -29.31 -12.32 -3.59
N GLY B 429 -28.34 -12.38 -4.49
CA GLY B 429 -28.56 -12.91 -5.83
C GLY B 429 -28.88 -14.40 -5.86
N ILE B 430 -28.12 -15.19 -5.10
CA ILE B 430 -28.37 -16.62 -5.01
C ILE B 430 -29.85 -16.89 -4.72
N GLU B 431 -30.39 -16.30 -3.66
CA GLU B 431 -31.78 -16.56 -3.33
C GLU B 431 -32.80 -16.00 -4.35
N THR B 432 -32.44 -14.89 -5.01
CA THR B 432 -33.29 -14.30 -6.04
C THR B 432 -33.48 -15.28 -7.18
N ALA B 433 -32.37 -15.92 -7.57
CA ALA B 433 -32.38 -16.93 -8.61
C ALA B 433 -33.24 -18.13 -8.21
N ILE B 434 -33.26 -18.46 -6.92
CA ILE B 434 -34.00 -19.63 -6.45
C ILE B 434 -35.50 -19.33 -6.34
N VAL B 435 -35.85 -18.17 -5.80
CA VAL B 435 -37.23 -17.70 -5.92
C VAL B 435 -37.65 -17.82 -7.40
N CYS B 436 -36.86 -17.28 -8.31
CA CYS B 436 -37.20 -17.29 -9.71
C CYS B 436 -37.45 -18.71 -10.23
N ALA B 437 -36.60 -19.64 -9.79
CA ALA B 437 -36.74 -21.02 -10.26
C ALA B 437 -38.01 -21.69 -9.72
N ASN B 438 -38.63 -21.09 -8.73
CA ASN B 438 -39.78 -21.68 -8.05
C ASN B 438 -41.12 -21.05 -8.41
N MET B 439 -41.08 -19.89 -9.05
CA MET B 439 -42.30 -19.13 -9.35
C MET B 439 -43.35 -19.94 -10.11
N GLU B 440 -42.96 -20.51 -11.25
CA GLU B 440 -43.94 -21.17 -12.08
C GLU B 440 -44.60 -22.35 -11.36
N LYS B 441 -43.81 -23.09 -10.57
CA LYS B 441 -44.34 -24.17 -9.73
C LYS B 441 -45.40 -23.66 -8.75
N TRP B 442 -45.02 -22.66 -7.97
CA TRP B 442 -45.90 -22.00 -7.01
C TRP B 442 -47.17 -21.42 -7.63
N ILE B 443 -47.02 -20.76 -8.78
CA ILE B 443 -48.16 -20.14 -9.47
C ILE B 443 -49.13 -21.19 -9.95
N LYS B 444 -48.57 -22.24 -10.57
CA LYS B 444 -49.32 -23.38 -11.04
C LYS B 444 -50.10 -24.09 -9.92
N GLU B 445 -49.46 -24.23 -8.77
CA GLU B 445 -50.04 -24.85 -7.59
C GLU B 445 -51.28 -24.08 -7.18
N MET B 446 -51.18 -22.74 -7.11
CA MET B 446 -52.30 -21.90 -6.73
C MET B 446 -53.37 -21.81 -7.81
N ALA B 447 -52.96 -21.73 -9.06
CA ALA B 447 -53.92 -21.70 -10.15
C ALA B 447 -54.79 -22.94 -10.07
N ASP B 448 -54.14 -24.11 -10.02
CA ASP B 448 -54.84 -25.40 -9.96
C ASP B 448 -55.76 -25.44 -8.77
N SER B 449 -55.27 -24.96 -7.62
CA SER B 449 -56.05 -25.02 -6.39
C SER B 449 -57.27 -24.10 -6.42
N GLY B 450 -57.05 -22.83 -6.78
CA GLY B 450 -58.11 -21.85 -6.87
C GLY B 450 -59.19 -22.21 -7.89
N ALA B 451 -58.79 -22.89 -8.96
CA ALA B 451 -59.75 -23.47 -9.92
C ALA B 451 -60.67 -24.48 -9.26
N LYS B 452 -60.10 -25.33 -8.40
CA LYS B 452 -60.85 -26.39 -7.75
C LYS B 452 -61.75 -25.82 -6.66
N ASP B 453 -61.18 -24.94 -5.85
CA ASP B 453 -61.94 -24.34 -4.77
C ASP B 453 -61.36 -22.97 -4.50
N ASN B 454 -62.21 -21.95 -4.49
CA ASN B 454 -61.73 -20.59 -4.30
C ASN B 454 -61.82 -20.05 -2.87
N THR B 455 -61.92 -20.95 -1.89
CA THR B 455 -61.83 -20.57 -0.47
C THR B 455 -60.54 -19.80 -0.18
N LEU B 456 -60.68 -18.62 0.43
CA LEU B 456 -59.53 -17.74 0.61
C LEU B 456 -59.45 -17.19 2.02
N CYS B 457 -60.55 -17.25 2.75
CA CYS B 457 -60.58 -16.70 4.08
C CYS B 457 -61.29 -17.63 5.05
N ALA B 458 -60.75 -17.83 6.24
CA ALA B 458 -61.41 -18.70 7.22
C ALA B 458 -62.27 -17.93 8.23
N LYS B 459 -63.23 -18.63 8.83
CA LYS B 459 -64.02 -18.02 9.89
C LYS B 459 -63.20 -17.99 11.17
N TRP B 460 -63.41 -16.96 11.97
CA TRP B 460 -62.64 -16.82 13.20
C TRP B 460 -63.43 -15.95 14.19
N GLU B 461 -62.98 -15.98 15.45
CA GLU B 461 -63.60 -15.22 16.54
C GLU B 461 -62.52 -14.42 17.23
N MET B 462 -62.80 -13.17 17.56
CA MET B 462 -61.89 -12.36 18.38
C MET B 462 -61.96 -12.80 19.83
N PRO B 463 -60.83 -13.26 20.38
CA PRO B 463 -60.82 -13.68 21.78
C PRO B 463 -60.73 -12.46 22.70
N GLU B 464 -61.17 -12.61 23.94
CA GLU B 464 -61.10 -11.54 24.92
C GLU B 464 -59.63 -11.26 25.27
N GLU B 465 -58.91 -12.34 25.53
CA GLU B 465 -57.52 -12.27 25.93
C GLU B 465 -56.70 -13.34 25.23
N SER B 466 -55.54 -12.95 24.72
CA SER B 466 -54.70 -13.86 23.96
C SER B 466 -53.35 -13.27 23.57
N LYS B 467 -52.49 -14.10 23.01
CA LYS B 467 -51.25 -13.63 22.41
C LYS B 467 -50.93 -14.44 21.16
N GLY B 468 -50.12 -13.85 20.28
CA GLY B 468 -49.70 -14.53 19.07
C GLY B 468 -48.41 -13.95 18.53
N VAL B 469 -47.75 -14.75 17.69
CA VAL B 469 -46.59 -14.31 16.95
C VAL B 469 -46.74 -14.64 15.46
N GLY B 470 -46.33 -13.69 14.62
CA GLY B 470 -46.31 -13.86 13.19
C GLY B 470 -44.85 -13.78 12.81
N LEU B 471 -44.38 -14.83 12.15
CA LEU B 471 -43.02 -14.91 11.67
C LEU B 471 -42.99 -14.81 10.17
N ALA B 472 -41.95 -14.21 9.65
CA ALA B 472 -41.70 -14.18 8.23
C ALA B 472 -40.19 -14.03 8.05
N ASP B 473 -39.66 -14.54 6.95
CA ASP B 473 -38.35 -14.10 6.49
C ASP B 473 -38.54 -13.15 5.34
N ALA B 474 -38.52 -11.86 5.68
CA ALA B 474 -38.59 -10.79 4.72
C ALA B 474 -37.30 -10.79 3.86
N PRO B 475 -37.28 -9.99 2.78
CA PRO B 475 -36.05 -9.87 1.98
C PRO B 475 -34.80 -9.59 2.80
N ARG B 476 -34.93 -8.91 3.95
CA ARG B 476 -33.78 -8.59 4.80
C ARG B 476 -33.59 -9.52 5.99
N GLY B 477 -34.52 -10.47 6.17
CA GLY B 477 -34.36 -11.53 7.15
C GLY B 477 -35.51 -11.70 8.13
N ALA B 478 -35.18 -12.35 9.24
CA ALA B 478 -36.15 -12.85 10.21
C ALA B 478 -36.98 -11.74 10.85
N LEU B 479 -38.26 -11.72 10.52
CA LEU B 479 -39.19 -10.71 10.99
C LEU B 479 -40.24 -11.35 11.93
N SER B 480 -40.47 -10.70 13.06
CA SER B 480 -41.50 -11.16 13.98
C SER B 480 -42.32 -10.00 14.57
N HIS B 481 -43.63 -10.22 14.60
CA HIS B 481 -44.62 -9.35 15.21
C HIS B 481 -45.26 -10.15 16.33
N TRP B 482 -45.35 -9.51 17.49
CA TRP B 482 -45.81 -10.14 18.72
C TRP B 482 -46.93 -9.29 19.32
N ILE B 483 -48.07 -9.93 19.49
CA ILE B 483 -49.25 -9.25 20.01
C ILE B 483 -49.74 -9.85 21.32
N ARG B 484 -50.13 -8.98 22.22
CA ARG B 484 -50.96 -9.35 23.36
C ARG B 484 -52.31 -8.65 23.20
N ILE B 485 -53.37 -9.45 23.28
CA ILE B 485 -54.74 -8.96 23.21
C ILE B 485 -55.34 -9.03 24.60
N LYS B 486 -55.96 -7.93 25.00
CA LYS B 486 -56.62 -7.85 26.29
C LYS B 486 -57.85 -6.98 26.07
N GLY B 487 -59.02 -7.46 26.52
CA GLY B 487 -60.28 -6.74 26.27
C GLY B 487 -60.53 -6.57 24.78
N LYS B 488 -60.13 -7.58 24.01
CA LYS B 488 -60.32 -7.59 22.55
C LYS B 488 -59.55 -6.48 21.82
N LYS B 489 -58.61 -5.86 22.53
CA LYS B 489 -57.83 -4.72 21.98
C LYS B 489 -56.34 -5.02 22.07
N ILE B 490 -55.53 -4.23 21.37
CA ILE B 490 -54.09 -4.41 21.46
C ILE B 490 -53.61 -3.94 22.84
N ASP B 491 -53.09 -4.86 23.63
CA ASP B 491 -52.48 -4.54 24.92
C ASP B 491 -50.97 -4.25 24.73
N ASN B 492 -50.32 -5.11 23.94
CA ASN B 492 -48.93 -4.93 23.54
C ASN B 492 -48.79 -5.41 22.14
N PHE B 493 -48.00 -4.67 21.36
CA PHE B 493 -47.66 -5.04 20.03
C PHE B 493 -46.22 -4.66 19.81
N GLN B 494 -45.38 -5.65 19.55
CA GLN B 494 -43.95 -5.40 19.36
C GLN B 494 -43.51 -5.93 18.01
N LEU B 495 -42.72 -5.13 17.31
CA LEU B 495 -42.08 -5.58 16.08
C LEU B 495 -40.62 -5.81 16.37
N VAL B 496 -40.10 -6.93 15.89
CA VAL B 496 -38.65 -7.21 15.93
C VAL B 496 -38.28 -7.53 14.51
N VAL B 497 -37.50 -6.63 13.92
CA VAL B 497 -37.37 -6.51 12.47
C VAL B 497 -35.93 -6.82 12.05
N PRO B 498 -35.76 -7.40 10.85
CA PRO B 498 -34.44 -7.87 10.43
C PRO B 498 -33.36 -6.81 10.59
N SER B 499 -33.63 -5.56 10.18
CA SER B 499 -32.64 -4.49 10.31
C SER B 499 -32.37 -4.19 11.78
N THR B 500 -33.31 -4.54 12.67
CA THR B 500 -33.06 -4.38 14.11
C THR B 500 -31.95 -5.34 14.53
N TRP B 501 -32.08 -6.60 14.12
CA TRP B 501 -31.06 -7.61 14.32
C TRP B 501 -29.72 -7.17 13.75
N ASN B 502 -29.72 -6.75 12.48
CA ASN B 502 -28.48 -6.46 11.76
C ASN B 502 -27.79 -5.14 12.13
N LEU B 503 -28.57 -4.09 12.31
CA LEU B 503 -28.02 -2.74 12.39
C LEU B 503 -28.29 -2.03 13.70
N GLY B 504 -28.85 -2.76 14.66
CA GLY B 504 -29.07 -2.27 16.02
C GLY B 504 -27.75 -1.94 16.66
N PRO B 505 -27.78 -1.30 17.83
CA PRO B 505 -26.56 -1.01 18.56
C PRO B 505 -26.05 -2.22 19.35
N ARG B 506 -25.11 -1.95 20.23
CA ARG B 506 -24.61 -2.95 21.16
C ARG B 506 -25.73 -3.45 22.08
N GLY B 507 -25.64 -4.70 22.52
CA GLY B 507 -26.55 -5.21 23.53
C GLY B 507 -26.08 -4.89 24.93
N ALA B 508 -26.78 -5.44 25.91
CA ALA B 508 -26.54 -5.14 27.33
C ALA B 508 -25.14 -5.51 27.79
N GLN B 509 -24.45 -6.37 27.03
CA GLN B 509 -23.10 -6.78 27.41
C GLN B 509 -22.04 -5.94 26.69
N GLY B 510 -22.50 -4.94 25.94
CA GLY B 510 -21.60 -4.09 25.18
C GLY B 510 -21.13 -4.78 23.91
N ASP B 511 -21.80 -5.86 23.53
CA ASP B 511 -21.44 -6.63 22.33
C ASP B 511 -21.96 -6.00 21.05
N LYS B 512 -21.06 -5.82 20.09
CA LYS B 512 -21.39 -5.13 18.83
C LYS B 512 -22.46 -5.89 18.04
N SER B 513 -23.26 -5.17 17.28
CA SER B 513 -24.23 -5.82 16.40
C SER B 513 -23.56 -6.34 15.14
N PRO B 514 -24.29 -7.14 14.33
CA PRO B 514 -23.64 -7.65 13.11
C PRO B 514 -22.98 -6.59 12.21
N VAL B 515 -23.65 -5.49 11.93
CA VAL B 515 -23.04 -4.47 11.07
C VAL B 515 -21.81 -3.84 11.73
N GLU B 516 -21.90 -3.58 13.03
CA GLU B 516 -20.79 -3.01 13.80
C GLU B 516 -19.59 -3.93 13.75
N GLU B 517 -19.82 -5.23 14.00
CA GLU B 517 -18.76 -6.23 13.89
C GLU B 517 -18.22 -6.38 12.46
N ALA B 518 -19.11 -6.38 11.47
CA ALA B 518 -18.70 -6.54 10.09
C ALA B 518 -17.77 -5.39 9.67
N LEU B 519 -18.03 -4.21 10.19
CA LEU B 519 -17.20 -3.05 9.87
C LEU B 519 -15.77 -3.11 10.41
N ILE B 520 -15.55 -3.82 11.51
CA ILE B 520 -14.19 -3.98 12.04
C ILE B 520 -13.29 -4.61 10.96
N GLY B 521 -12.18 -3.95 10.66
CA GLY B 521 -11.23 -4.45 9.67
C GLY B 521 -11.47 -3.94 8.26
N THR B 522 -12.45 -3.04 8.09
CA THR B 522 -12.68 -2.40 6.81
C THR B 522 -11.49 -1.50 6.50
N PRO B 523 -10.85 -1.73 5.34
CA PRO B 523 -9.77 -0.86 4.89
C PRO B 523 -10.36 0.40 4.28
N ILE B 524 -9.69 1.53 4.46
CA ILE B 524 -10.17 2.79 3.93
C ILE B 524 -9.11 3.38 3.00
N ALA B 525 -9.38 3.25 1.70
CA ALA B 525 -8.45 3.74 0.68
C ALA B 525 -8.30 5.24 0.72
N ASP B 526 -9.42 5.93 0.94
CA ASP B 526 -9.50 7.37 0.90
C ASP B 526 -10.52 7.84 1.94
N PRO B 527 -10.03 8.33 3.09
CA PRO B 527 -10.87 8.76 4.20
C PRO B 527 -11.88 9.84 3.78
N LYS B 528 -11.51 10.64 2.79
CA LYS B 528 -12.42 11.66 2.27
C LYS B 528 -13.62 11.03 1.57
N ARG B 529 -13.45 9.81 1.05
CA ARG B 529 -14.49 9.16 0.27
C ARG B 529 -14.56 7.69 0.62
N PRO B 530 -15.11 7.37 1.82
CA PRO B 530 -15.01 6.00 2.36
C PRO B 530 -16.07 5.06 1.80
N VAL B 531 -15.93 4.66 0.54
CA VAL B 531 -16.88 3.77 -0.10
C VAL B 531 -16.94 2.39 0.59
N GLU B 532 -15.81 1.94 1.10
CA GLU B 532 -15.72 0.65 1.76
C GLU B 532 -16.75 0.49 2.89
N ILE B 533 -16.97 1.57 3.65
CA ILE B 533 -17.97 1.56 4.69
C ILE B 533 -19.32 1.31 4.05
N LEU B 534 -19.59 1.99 2.95
CA LEU B 534 -20.85 1.88 2.25
C LEU B 534 -21.04 0.47 1.73
N ARG B 535 -19.97 -0.12 1.19
CA ARG B 535 -20.02 -1.47 0.67
C ARG B 535 -20.53 -2.44 1.72
N THR B 536 -19.99 -2.36 2.93
CA THR B 536 -20.38 -3.29 3.97
C THR B 536 -21.77 -2.94 4.48
N VAL B 537 -21.97 -1.69 4.88
CA VAL B 537 -23.29 -1.26 5.32
C VAL B 537 -24.38 -1.65 4.31
N HIS B 538 -24.20 -1.29 3.05
CA HIS B 538 -25.19 -1.59 2.01
C HIS B 538 -25.42 -3.10 1.83
N ALA B 539 -24.42 -3.92 2.13
CA ALA B 539 -24.52 -5.35 1.92
C ALA B 539 -25.60 -5.98 2.83
N PHE B 540 -25.77 -5.42 4.02
CA PHE B 540 -26.87 -5.76 4.92
C PHE B 540 -28.25 -5.27 4.46
N ASP B 541 -28.28 -4.43 3.44
CA ASP B 541 -29.54 -3.90 2.90
C ASP B 541 -30.36 -3.25 4.02
N PRO B 542 -29.80 -2.21 4.66
CA PRO B 542 -30.42 -1.63 5.83
C PRO B 542 -31.74 -0.95 5.53
N CYS B 543 -32.66 -1.06 6.48
CA CYS B 543 -33.94 -0.37 6.47
C CYS B 543 -34.17 0.19 7.88
N ILE B 544 -33.95 1.49 8.04
CA ILE B 544 -33.97 2.08 9.37
C ILE B 544 -35.41 2.28 9.85
N ALA B 545 -36.31 2.52 8.90
CA ALA B 545 -37.74 2.67 9.20
C ALA B 545 -38.26 1.34 9.74
N CYS B 546 -37.82 0.25 9.11
CA CYS B 546 -38.03 -1.09 9.59
C CYS B 546 -37.39 -1.31 10.96
N GLY B 547 -36.11 -0.97 11.07
CA GLY B 547 -35.37 -1.30 12.26
C GLY B 547 -35.93 -0.67 13.51
N VAL B 548 -36.33 0.60 13.40
CA VAL B 548 -36.79 1.38 14.55
C VAL B 548 -38.30 1.33 14.71
N HIS B 549 -39.02 1.50 13.58
CA HIS B 549 -40.49 1.53 13.55
C HIS B 549 -41.04 2.54 14.58
N ALA C 3 8.15 -48.56 40.43
CA ALA C 3 9.20 -47.79 39.68
C ALA C 3 10.12 -47.00 40.61
N LYS C 4 11.43 -47.28 40.52
CA LYS C 4 12.44 -46.65 41.37
C LYS C 4 12.51 -45.13 41.13
N HIS C 5 12.67 -44.38 42.22
CA HIS C 5 12.79 -42.92 42.18
C HIS C 5 13.97 -42.51 41.30
N ARG C 6 13.82 -41.38 40.61
CA ARG C 6 14.94 -40.81 39.86
C ARG C 6 15.33 -39.46 40.45
N PRO C 7 16.63 -39.26 40.67
CA PRO C 7 17.13 -37.99 41.21
C PRO C 7 16.61 -36.76 40.47
N SER C 8 16.09 -35.82 41.24
CA SER C 8 15.48 -34.61 40.70
C SER C 8 16.56 -33.58 40.36
N VAL C 9 16.52 -33.12 39.11
CA VAL C 9 17.45 -32.12 38.60
C VAL C 9 16.68 -30.86 38.18
N VAL C 10 17.09 -29.72 38.69
CA VAL C 10 16.54 -28.43 38.29
C VAL C 10 17.59 -27.71 37.47
N TRP C 11 17.20 -27.24 36.30
CA TRP C 11 18.14 -26.62 35.37
C TRP C 11 17.70 -25.19 35.10
N LEU C 12 18.54 -24.24 35.51
CA LEU C 12 18.24 -22.82 35.36
C LEU C 12 19.03 -22.19 34.21
N HIS C 13 18.36 -21.35 33.44
CA HIS C 13 18.99 -20.58 32.38
C HIS C 13 19.06 -19.13 32.81
N ASN C 14 20.28 -18.59 32.85
CA ASN C 14 20.52 -17.22 33.26
C ASN C 14 21.01 -16.38 32.06
N ALA C 15 22.11 -15.65 32.21
CA ALA C 15 22.69 -14.95 31.05
C ALA C 15 23.49 -15.94 30.21
N GLU C 16 22.82 -16.52 29.22
CA GLU C 16 23.39 -17.63 28.46
C GLU C 16 22.99 -17.55 27.00
N CYS C 17 23.62 -18.39 26.18
CA CYS C 17 23.35 -18.43 24.74
C CYS C 17 22.67 -19.72 24.38
N THR C 18 22.54 -20.61 25.38
CA THR C 18 21.86 -21.92 25.26
C THR C 18 22.74 -22.96 24.55
N GLY C 19 23.96 -22.56 24.21
CA GLY C 19 24.95 -23.49 23.64
C GLY C 19 25.27 -24.62 24.60
N CYS C 20 25.19 -24.36 25.89
CA CYS C 20 25.39 -25.39 26.90
C CYS C 20 24.27 -26.45 26.95
N THR C 21 23.01 -26.00 26.93
CA THR C 21 21.89 -26.93 26.74
C THR C 21 22.07 -27.76 25.46
N GLU C 22 22.38 -27.10 24.34
CA GLU C 22 22.61 -27.79 23.07
C GLU C 22 23.72 -28.82 23.21
N ALA C 23 24.79 -28.46 23.88
CA ALA C 23 25.90 -29.40 24.09
C ALA C 23 25.44 -30.65 24.84
N ALA C 24 24.70 -30.47 25.93
CA ALA C 24 24.22 -31.58 26.73
C ALA C 24 23.45 -32.56 25.87
N ILE C 25 22.55 -32.06 25.03
CA ILE C 25 21.72 -32.97 24.25
C ILE C 25 22.48 -33.71 23.14
N ARG C 26 23.77 -33.39 22.98
CA ARG C 26 24.64 -34.15 22.06
C ARG C 26 25.25 -35.39 22.72
N THR C 27 24.86 -35.69 23.95
CA THR C 27 25.37 -36.88 24.65
C THR C 27 24.94 -38.17 23.95
N ILE C 28 25.84 -39.14 23.90
CA ILE C 28 25.48 -40.47 23.39
C ILE C 28 25.71 -41.61 24.39
N LYS C 29 26.26 -41.28 25.56
CA LYS C 29 26.48 -42.30 26.61
C LYS C 29 26.02 -41.80 27.99
N PRO C 30 24.69 -41.78 28.21
CA PRO C 30 23.65 -42.23 27.28
C PRO C 30 23.11 -41.07 26.45
N TYR C 31 22.24 -41.38 25.49
CA TYR C 31 21.47 -40.34 24.79
C TYR C 31 20.58 -39.59 25.76
N ILE C 32 20.24 -38.36 25.41
CA ILE C 32 19.44 -37.51 26.30
C ILE C 32 18.08 -38.12 26.73
N ASP C 33 17.42 -38.86 25.83
CA ASP C 33 16.12 -39.46 26.16
C ASP C 33 16.28 -40.52 27.26
N ALA C 34 17.30 -41.36 27.12
CA ALA C 34 17.60 -42.37 28.13
C ALA C 34 17.96 -41.71 29.46
N LEU C 35 18.72 -40.62 29.40
CA LEU C 35 19.11 -39.94 30.61
C LEU C 35 17.88 -39.48 31.41
N ILE C 36 16.94 -38.81 30.74
CA ILE C 36 15.82 -38.19 31.43
C ILE C 36 14.64 -39.14 31.70
N LEU C 37 14.64 -40.29 31.02
CA LEU C 37 13.63 -41.33 31.22
C LEU C 37 14.05 -42.35 32.27
N ASP C 38 15.36 -42.66 32.31
CA ASP C 38 15.89 -43.78 33.12
C ASP C 38 16.74 -43.32 34.31
N THR C 39 17.54 -42.29 34.10
CA THR C 39 18.62 -41.94 35.03
C THR C 39 18.28 -40.78 35.98
N ILE C 40 17.76 -39.68 35.42
CA ILE C 40 17.41 -38.52 36.22
C ILE C 40 15.96 -38.10 35.99
N SER C 41 15.47 -37.22 36.86
CA SER C 41 14.21 -36.56 36.61
C SER C 41 14.49 -35.08 36.32
N LEU C 42 14.50 -34.71 35.05
CA LEU C 42 14.70 -33.34 34.65
C LEU C 42 13.40 -32.56 34.90
N ASP C 43 13.36 -31.83 36.01
CA ASP C 43 12.10 -31.30 36.52
C ASP C 43 11.82 -29.85 36.14
N TYR C 44 12.81 -29.18 35.56
CA TYR C 44 12.66 -27.84 35.03
C TYR C 44 13.79 -27.66 34.02
N GLN C 45 13.42 -27.25 32.83
CA GLN C 45 14.36 -26.98 31.76
C GLN C 45 13.61 -26.18 30.71
N GLU C 46 13.83 -24.87 30.66
CA GLU C 46 13.00 -23.96 29.87
C GLU C 46 13.04 -24.25 28.40
N THR C 47 14.17 -24.75 27.92
CA THR C 47 14.39 -24.93 26.50
C THR C 47 13.50 -26.03 25.93
N ILE C 48 13.14 -27.02 26.75
CA ILE C 48 12.41 -28.19 26.25
C ILE C 48 11.15 -28.54 27.03
N MET C 49 10.91 -27.88 28.15
CA MET C 49 9.75 -28.26 28.96
C MET C 49 8.41 -27.89 28.31
N ALA C 50 7.39 -28.70 28.53
CA ALA C 50 6.07 -28.45 27.98
C ALA C 50 5.36 -27.22 28.58
N ALA C 51 5.35 -27.10 29.92
CA ALA C 51 4.66 -25.99 30.58
C ALA C 51 5.29 -24.66 30.17
N ALA C 52 4.49 -23.60 30.18
CA ALA C 52 5.02 -22.24 30.02
C ALA C 52 4.42 -21.37 31.11
N GLY C 53 4.91 -20.13 31.19
CA GLY C 53 4.42 -19.11 32.10
C GLY C 53 4.24 -19.60 33.53
N GLU C 54 3.09 -19.24 34.10
CA GLU C 54 2.73 -19.61 35.47
C GLU C 54 2.83 -21.12 35.69
N ALA C 55 2.39 -21.92 34.70
CA ALA C 55 2.51 -23.37 34.76
C ALA C 55 3.97 -23.85 34.86
N ALA C 56 4.86 -23.25 34.07
CA ALA C 56 6.30 -23.53 34.21
C ALA C 56 6.84 -23.09 35.59
N GLU C 57 6.41 -21.92 36.04
CA GLU C 57 6.83 -21.41 37.33
C GLU C 57 6.37 -22.34 38.48
N ALA C 58 5.19 -22.95 38.32
CA ALA C 58 4.66 -23.86 39.33
C ALA C 58 5.46 -25.17 39.32
N ALA C 59 5.84 -25.61 38.13
CA ALA C 59 6.71 -26.77 37.96
C ALA C 59 8.03 -26.57 38.69
N LEU C 60 8.62 -25.38 38.57
CA LEU C 60 9.85 -25.07 39.30
C LEU C 60 9.63 -25.10 40.81
N HIS C 61 8.59 -24.42 41.25
CA HIS C 61 8.25 -24.34 42.67
C HIS C 61 8.06 -25.75 43.22
N GLN C 62 7.37 -26.61 42.46
CA GLN C 62 7.16 -28.00 42.87
C GLN C 62 8.45 -28.76 43.04
N ALA C 63 9.39 -28.58 42.10
CA ALA C 63 10.67 -29.28 42.15
C ALA C 63 11.49 -28.81 43.36
N LEU C 64 11.55 -27.49 43.54
CA LEU C 64 12.29 -26.90 44.64
C LEU C 64 11.77 -27.35 46.03
N GLU C 65 10.47 -27.66 46.11
CA GLU C 65 9.82 -28.15 47.33
C GLU C 65 9.77 -29.69 47.42
N GLY C 66 10.28 -30.37 46.40
CA GLY C 66 10.29 -31.83 46.36
C GLY C 66 10.88 -32.44 47.62
N LYS C 67 10.22 -33.46 48.17
CA LYS C 67 10.60 -34.06 49.44
C LYS C 67 11.96 -34.75 49.40
N ASP C 68 12.37 -35.24 48.23
CA ASP C 68 13.65 -35.92 48.07
C ASP C 68 14.77 -34.95 47.71
N GLY C 69 14.48 -33.66 47.68
CA GLY C 69 15.45 -32.65 47.25
C GLY C 69 15.82 -32.77 45.79
N TYR C 70 16.76 -31.95 45.35
CA TYR C 70 17.10 -31.83 43.94
C TYR C 70 18.56 -31.44 43.79
N TYR C 71 19.09 -31.69 42.60
CA TYR C 71 20.39 -31.16 42.18
C TYR C 71 20.17 -30.00 41.22
N LEU C 72 21.01 -28.97 41.35
CA LEU C 72 20.87 -27.78 40.54
C LEU C 72 21.93 -27.73 39.45
N VAL C 73 21.45 -27.55 38.23
CA VAL C 73 22.33 -27.26 37.11
C VAL C 73 22.08 -25.81 36.73
N VAL C 74 23.16 -25.03 36.67
CA VAL C 74 23.07 -23.63 36.26
C VAL C 74 23.80 -23.38 34.95
N GLU C 75 23.07 -22.80 34.01
CA GLU C 75 23.58 -22.39 32.71
C GLU C 75 23.49 -20.86 32.59
N GLY C 76 24.58 -20.24 32.19
CA GLY C 76 24.62 -18.79 32.03
C GLY C 76 25.12 -18.08 33.27
N GLY C 77 25.65 -16.87 33.08
CA GLY C 77 26.09 -16.04 34.19
C GLY C 77 24.97 -15.21 34.78
N LEU C 78 25.31 -14.44 35.81
CA LEU C 78 24.32 -13.68 36.56
C LEU C 78 24.50 -12.16 36.42
N PRO C 79 23.56 -11.51 35.70
CA PRO C 79 23.61 -10.06 35.52
C PRO C 79 23.16 -9.37 36.83
N THR C 80 24.06 -8.61 37.45
CA THR C 80 23.76 -8.05 38.76
C THR C 80 23.40 -6.55 38.78
N ILE C 81 23.60 -5.86 37.65
CA ILE C 81 23.33 -4.40 37.61
C ILE C 81 21.83 -4.11 37.82
N ASP C 82 21.51 -2.93 38.35
CA ASP C 82 20.13 -2.50 38.64
C ASP C 82 19.35 -3.61 39.35
N GLY C 83 19.89 -4.10 40.47
CA GLY C 83 19.25 -5.14 41.27
C GLY C 83 18.92 -6.45 40.54
N GLY C 84 19.72 -6.79 39.53
CA GLY C 84 19.54 -8.03 38.77
C GLY C 84 18.46 -7.97 37.70
N GLN C 85 17.93 -6.77 37.47
CA GLN C 85 16.78 -6.59 36.61
C GLN C 85 17.03 -6.71 35.08
N TRP C 86 18.29 -6.80 34.64
CA TRP C 86 18.59 -6.92 33.21
C TRP C 86 18.49 -8.38 32.76
N GLY C 87 18.30 -9.27 33.73
CA GLY C 87 18.07 -10.69 33.45
C GLY C 87 16.97 -11.18 34.35
N MET C 88 15.80 -11.44 33.77
CA MET C 88 14.61 -11.79 34.55
C MET C 88 13.86 -12.99 33.97
N VAL C 89 13.30 -13.80 34.86
CA VAL C 89 12.41 -14.88 34.44
C VAL C 89 11.17 -14.80 35.31
N ALA C 90 10.00 -14.87 34.67
CA ALA C 90 8.73 -14.80 35.41
C ALA C 90 8.60 -13.57 36.32
N GLY C 91 9.27 -12.49 35.94
CA GLY C 91 9.22 -11.23 36.69
C GLY C 91 10.24 -11.18 37.82
N HIS C 92 11.10 -12.18 37.91
CA HIS C 92 12.07 -12.27 39.00
C HIS C 92 13.50 -12.16 38.47
N PRO C 93 14.33 -11.31 39.11
CA PRO C 93 15.74 -11.29 38.71
C PRO C 93 16.34 -12.68 38.77
N MET C 94 17.13 -13.01 37.75
CA MET C 94 17.86 -14.28 37.70
C MET C 94 18.69 -14.56 38.95
N ILE C 95 19.42 -13.57 39.45
CA ILE C 95 20.21 -13.77 40.65
C ILE C 95 19.34 -14.17 41.85
N GLU C 96 18.13 -13.60 41.95
CA GLU C 96 17.22 -13.95 43.04
C GLU C 96 16.82 -15.42 42.99
N THR C 97 16.43 -15.89 41.82
CA THR C 97 15.99 -17.27 41.66
C THR C 97 17.11 -18.30 41.86
N THR C 98 18.30 -17.98 41.37
CA THR C 98 19.44 -18.87 41.48
C THR C 98 19.90 -18.95 42.96
N LYS C 99 19.95 -17.79 43.61
CA LYS C 99 20.16 -17.70 45.04
C LYS C 99 19.22 -18.66 45.78
N LYS C 100 17.92 -18.57 45.49
CA LYS C 100 16.91 -19.42 46.11
C LYS C 100 17.21 -20.90 45.84
N ALA C 101 17.28 -21.27 44.56
CA ALA C 101 17.50 -22.65 44.15
C ALA C 101 18.77 -23.27 44.73
N ALA C 102 19.85 -22.48 44.82
CA ALA C 102 21.17 -22.97 45.26
C ALA C 102 21.22 -23.22 46.76
N ALA C 103 20.43 -22.45 47.50
CA ALA C 103 20.41 -22.52 48.95
C ALA C 103 20.03 -23.91 49.51
N LYS C 104 19.11 -24.60 48.82
CA LYS C 104 18.58 -25.90 49.27
C LYS C 104 19.00 -27.08 48.38
N ALA C 105 19.84 -26.80 47.38
CA ALA C 105 20.26 -27.83 46.42
C ALA C 105 21.20 -28.83 47.09
N LYS C 106 21.15 -30.09 46.65
CA LYS C 106 22.06 -31.12 47.13
C LYS C 106 23.47 -30.87 46.59
N GLY C 107 23.51 -30.25 45.42
CA GLY C 107 24.76 -29.92 44.73
C GLY C 107 24.44 -28.97 43.58
N ILE C 108 25.47 -28.26 43.12
CA ILE C 108 25.31 -27.28 42.08
C ILE C 108 26.37 -27.56 41.06
N ILE C 109 25.93 -27.85 39.85
CA ILE C 109 26.82 -27.97 38.70
C ILE C 109 26.64 -26.75 37.81
N CYS C 110 27.73 -26.02 37.60
CA CYS C 110 27.75 -24.94 36.61
C CYS C 110 28.19 -25.47 35.26
N ILE C 111 27.23 -25.68 34.36
CA ILE C 111 27.55 -26.10 33.00
C ILE C 111 28.00 -24.88 32.19
N GLY C 112 29.26 -24.92 31.75
CA GLY C 112 29.76 -23.90 30.82
C GLY C 112 30.51 -22.78 31.49
N THR C 113 31.28 -22.06 30.68
CA THR C 113 32.13 -21.01 31.20
C THR C 113 31.35 -19.83 31.76
N CYS C 114 30.16 -19.57 31.23
CA CYS C 114 29.34 -18.47 31.73
C CYS C 114 28.96 -18.62 33.22
N SER C 115 28.36 -19.75 33.58
CA SER C 115 27.95 -20.02 34.96
C SER C 115 29.17 -20.23 35.89
N ALA C 116 30.13 -21.04 35.43
CA ALA C 116 31.38 -21.22 36.15
C ALA C 116 32.03 -19.89 36.55
N TYR C 117 32.23 -19.01 35.57
CA TYR C 117 33.19 -17.90 35.69
C TYR C 117 32.67 -16.54 35.28
N GLY C 118 31.52 -16.50 34.59
CA GLY C 118 30.92 -15.23 34.17
C GLY C 118 30.69 -15.19 32.68
N GLY C 119 31.64 -15.72 31.92
CA GLY C 119 31.48 -15.91 30.48
C GLY C 119 31.46 -14.64 29.67
N VAL C 120 30.84 -14.73 28.49
CA VAL C 120 30.95 -13.70 27.47
C VAL C 120 30.45 -12.33 27.93
N GLN C 121 29.30 -12.30 28.60
CA GLN C 121 28.69 -11.07 29.08
C GLN C 121 29.51 -10.38 30.17
N LYS C 122 30.42 -11.13 30.77
CA LYS C 122 31.32 -10.60 31.75
C LYS C 122 32.55 -9.94 31.11
N ALA C 123 32.82 -10.25 29.85
CA ALA C 123 33.96 -9.63 29.16
C ALA C 123 33.84 -8.08 29.20
N LYS C 124 34.98 -7.40 29.27
CA LYS C 124 35.03 -5.93 29.36
C LYS C 124 34.22 -5.25 28.24
N PRO C 125 33.51 -4.15 28.56
CA PRO C 125 33.43 -3.49 29.88
C PRO C 125 32.32 -4.02 30.80
N ASN C 126 31.91 -5.27 30.64
CA ASN C 126 30.88 -5.89 31.48
C ASN C 126 29.65 -4.98 31.74
N PRO C 127 28.89 -4.64 30.69
CA PRO C 127 27.81 -3.66 30.89
C PRO C 127 26.72 -4.10 31.90
N SER C 128 26.42 -5.40 31.98
CA SER C 128 25.38 -5.88 32.88
C SER C 128 25.92 -6.25 34.28
N GLN C 129 27.21 -6.02 34.52
CA GLN C 129 27.85 -6.48 35.75
C GLN C 129 27.53 -7.97 36.00
N ALA C 130 27.84 -8.79 34.99
CA ALA C 130 27.64 -10.23 35.06
C ALA C 130 28.71 -10.90 35.91
N LYS C 131 28.31 -11.94 36.63
CA LYS C 131 29.20 -12.71 37.50
C LYS C 131 29.00 -14.22 37.33
N GLY C 132 30.04 -14.98 37.63
CA GLY C 132 29.87 -16.43 37.79
C GLY C 132 28.94 -16.69 38.97
N VAL C 133 28.35 -17.87 38.99
CA VAL C 133 27.47 -18.29 40.09
C VAL C 133 28.22 -18.25 41.45
N SER C 134 29.42 -18.81 41.50
CA SER C 134 30.18 -18.78 42.75
C SER C 134 30.56 -17.34 43.11
N GLU C 135 30.92 -16.57 42.08
CA GLU C 135 31.33 -15.18 42.21
C GLU C 135 30.20 -14.32 42.78
N ALA C 136 28.98 -14.55 42.31
CA ALA C 136 27.82 -13.77 42.78
C ALA C 136 27.27 -14.25 44.13
N LEU C 137 27.31 -15.56 44.37
CA LEU C 137 26.58 -16.15 45.50
C LEU C 137 27.44 -16.52 46.70
N GLY C 138 28.72 -16.78 46.45
CA GLY C 138 29.63 -17.19 47.51
C GLY C 138 29.60 -18.69 47.73
N VAL C 139 28.74 -19.39 46.98
CA VAL C 139 28.63 -20.85 47.08
C VAL C 139 29.70 -21.56 46.26
N LYS C 140 30.12 -22.73 46.74
CA LYS C 140 31.01 -23.62 45.99
C LYS C 140 30.20 -24.35 44.91
N THR C 141 30.70 -24.29 43.68
CA THR C 141 30.04 -24.98 42.55
C THR C 141 30.98 -26.01 41.90
N ILE C 142 30.40 -27.04 41.28
CA ILE C 142 31.15 -27.95 40.44
C ILE C 142 31.12 -27.36 39.04
N ASN C 143 32.28 -26.94 38.55
CA ASN C 143 32.38 -26.25 37.27
C ASN C 143 32.69 -27.17 36.10
N ILE C 144 31.85 -27.10 35.07
CA ILE C 144 32.05 -27.86 33.83
C ILE C 144 32.19 -26.83 32.69
N PRO C 145 33.35 -26.14 32.64
CA PRO C 145 33.52 -25.08 31.68
C PRO C 145 33.89 -25.57 30.29
N GLY C 146 34.13 -24.61 29.40
CA GLY C 146 34.16 -24.84 27.96
C GLY C 146 33.06 -23.95 27.43
N CYS C 147 33.11 -23.62 26.16
CA CYS C 147 32.13 -22.69 25.60
C CYS C 147 31.60 -23.20 24.26
N PRO C 148 30.74 -24.25 24.29
CA PRO C 148 30.28 -24.98 25.47
C PRO C 148 31.21 -26.12 25.86
N PRO C 149 30.97 -26.72 27.05
CA PRO C 149 31.75 -27.91 27.46
C PRO C 149 31.34 -29.12 26.62
N ASN C 150 32.17 -30.16 26.63
CA ASN C 150 31.80 -31.42 26.02
C ASN C 150 30.65 -32.05 26.82
N PRO C 151 29.62 -32.60 26.11
CA PRO C 151 28.58 -33.35 26.84
C PRO C 151 29.19 -34.50 27.65
N ILE C 152 30.28 -35.07 27.16
CA ILE C 152 30.99 -36.12 27.91
C ILE C 152 31.34 -35.62 29.31
N ASN C 153 31.85 -34.38 29.39
CA ASN C 153 32.25 -33.80 30.67
C ASN C 153 31.07 -33.51 31.59
N PHE C 154 30.00 -32.98 31.02
CA PHE C 154 28.82 -32.60 31.79
C PHE C 154 28.07 -33.82 32.31
N VAL C 155 27.67 -34.69 31.39
CA VAL C 155 26.94 -35.93 31.73
C VAL C 155 27.81 -36.82 32.59
N GLY C 156 29.11 -36.86 32.30
CA GLY C 156 30.07 -37.57 33.14
C GLY C 156 30.00 -37.08 34.57
N ALA C 157 30.10 -35.75 34.74
CA ALA C 157 30.03 -35.12 36.05
C ALA C 157 28.69 -35.40 36.74
N VAL C 158 27.59 -35.19 36.02
CA VAL C 158 26.23 -35.41 36.54
C VAL C 158 26.06 -36.83 37.07
N VAL C 159 26.44 -37.81 36.24
CA VAL C 159 26.38 -39.22 36.65
C VAL C 159 27.31 -39.47 37.85
N HIS C 160 28.50 -38.88 37.84
CA HIS C 160 29.41 -39.07 38.98
C HIS C 160 28.76 -38.56 40.27
N VAL C 161 28.23 -37.34 40.23
CA VAL C 161 27.63 -36.74 41.41
C VAL C 161 26.49 -37.59 41.99
N LEU C 162 25.63 -38.13 41.15
CA LEU C 162 24.45 -38.87 41.64
C LEU C 162 24.79 -40.25 42.19
N THR C 163 25.81 -40.89 41.62
CA THR C 163 26.10 -42.26 41.98
C THR C 163 27.30 -42.41 42.91
N LYS C 164 28.31 -41.58 42.71
CA LYS C 164 29.59 -41.71 43.42
C LYS C 164 29.88 -40.60 44.44
N GLY C 165 29.48 -39.38 44.13
CA GLY C 165 29.74 -38.22 44.99
C GLY C 165 30.41 -37.09 44.24
N ILE C 166 30.93 -36.11 44.98
CA ILE C 166 31.63 -34.98 44.36
C ILE C 166 33.01 -35.44 43.87
N PRO C 167 33.25 -35.33 42.55
CA PRO C 167 34.54 -35.76 41.99
C PRO C 167 35.66 -34.82 42.42
N ASP C 168 36.91 -35.29 42.35
CA ASP C 168 38.06 -34.45 42.70
C ASP C 168 38.17 -33.25 41.76
N LEU C 169 38.20 -32.05 42.35
CA LEU C 169 38.19 -30.81 41.59
C LEU C 169 39.53 -30.10 41.63
N ASP C 170 39.88 -29.43 40.55
CA ASP C 170 41.07 -28.58 40.56
C ASP C 170 40.78 -27.26 41.29
N GLU C 171 41.68 -26.28 41.16
CA GLU C 171 41.51 -24.99 41.83
C GLU C 171 40.35 -24.20 41.24
N ASN C 172 40.09 -24.41 39.94
CA ASN C 172 38.96 -23.76 39.26
C ASN C 172 37.68 -24.56 39.41
N GLY C 173 37.63 -25.42 40.42
CA GLY C 173 36.44 -26.22 40.69
C GLY C 173 36.07 -27.19 39.57
N ARG C 174 37.04 -27.52 38.73
CA ARG C 174 36.82 -28.39 37.56
C ARG C 174 37.15 -29.85 37.88
N PRO C 175 36.26 -30.79 37.53
CA PRO C 175 36.57 -32.19 37.76
C PRO C 175 37.84 -32.59 37.03
N LYS C 176 38.76 -33.20 37.76
CA LYS C 176 40.06 -33.63 37.23
C LYS C 176 39.95 -34.75 36.18
N LEU C 177 38.94 -35.59 36.29
CA LEU C 177 38.74 -36.63 35.27
C LEU C 177 38.69 -36.04 33.86
N PHE C 178 38.21 -34.81 33.74
CA PHE C 178 38.03 -34.18 32.41
C PHE C 178 39.00 -33.03 32.13
N TYR C 179 39.32 -32.27 33.19
CA TYR C 179 40.07 -31.04 33.06
C TYR C 179 41.45 -31.13 33.71
N GLY C 180 41.90 -32.36 33.97
CA GLY C 180 43.18 -32.58 34.61
C GLY C 180 44.39 -32.41 33.70
N GLU C 181 44.15 -32.34 32.39
CA GLU C 181 45.24 -32.30 31.43
C GLU C 181 45.10 -31.15 30.45
N LEU C 182 46.24 -30.63 30.02
CA LEU C 182 46.30 -29.58 28.99
C LEU C 182 45.91 -30.14 27.64
N VAL C 183 45.14 -29.36 26.90
CA VAL C 183 44.79 -29.65 25.51
C VAL C 183 46.05 -29.96 24.71
N HIS C 184 47.03 -29.07 24.83
CA HIS C 184 48.32 -29.15 24.16
C HIS C 184 49.04 -30.48 24.34
N ASP C 185 49.00 -31.03 25.56
CA ASP C 185 49.71 -32.27 25.87
C ASP C 185 49.15 -33.49 25.13
N ASN C 186 47.91 -33.38 24.66
CA ASN C 186 47.29 -34.46 23.88
C ASN C 186 47.08 -34.10 22.41
N CYS C 187 47.63 -32.97 21.98
CA CYS C 187 47.44 -32.53 20.61
C CYS C 187 48.28 -33.35 19.64
N PRO C 188 47.66 -33.81 18.54
CA PRO C 188 48.39 -34.54 17.49
C PRO C 188 49.43 -33.69 16.76
N ARG C 189 49.37 -32.37 16.96
CA ARG C 189 50.32 -31.45 16.33
C ARG C 189 51.49 -31.13 17.25
N LEU C 190 51.51 -31.78 18.42
CA LEU C 190 52.59 -31.62 19.39
C LEU C 190 54.01 -31.85 18.81
N PRO C 191 54.21 -32.88 17.94
CA PRO C 191 55.55 -33.06 17.35
C PRO C 191 56.00 -31.88 16.49
N HIS C 192 55.05 -31.23 15.81
CA HIS C 192 55.34 -30.02 15.03
C HIS C 192 55.76 -28.85 15.95
N PHE C 193 55.08 -28.73 17.10
CA PHE C 193 55.37 -27.72 18.11
C PHE C 193 56.77 -27.92 18.64
N GLU C 194 57.11 -29.17 18.94
CA GLU C 194 58.43 -29.51 19.47
C GLU C 194 59.52 -29.31 18.42
N ALA C 195 59.16 -29.54 17.15
CA ALA C 195 60.08 -29.32 16.04
C ALA C 195 60.15 -27.86 15.55
N SER C 196 59.36 -26.99 16.18
CA SER C 196 59.28 -25.56 15.81
C SER C 196 58.72 -25.36 14.39
N GLU C 197 57.77 -26.23 14.04
CA GLU C 197 57.11 -26.21 12.75
C GLU C 197 55.72 -25.58 12.94
N PHE C 198 55.64 -24.28 12.67
CA PHE C 198 54.44 -23.49 12.91
C PHE C 198 53.88 -22.93 11.61
N ALA C 199 52.55 -22.91 11.51
CA ALA C 199 51.89 -22.22 10.41
C ALA C 199 51.95 -20.71 10.68
N PRO C 200 52.50 -19.93 9.71
CA PRO C 200 52.53 -18.46 9.87
C PRO C 200 51.23 -17.77 9.48
N SER C 201 50.37 -18.48 8.75
CA SER C 201 49.09 -17.95 8.32
C SER C 201 48.20 -19.12 7.92
N PHE C 202 46.91 -18.84 7.78
CA PHE C 202 45.96 -19.88 7.46
C PHE C 202 46.03 -20.33 6.01
N ASP C 203 46.55 -19.47 5.14
CA ASP C 203 46.72 -19.78 3.72
C ASP C 203 48.03 -20.49 3.41
N SER C 204 48.94 -20.52 4.38
CA SER C 204 50.29 -21.02 4.17
C SER C 204 50.34 -22.51 3.84
N GLU C 205 51.40 -22.93 3.16
CA GLU C 205 51.66 -24.34 2.94
C GLU C 205 51.79 -25.05 4.28
N GLU C 206 52.34 -24.36 5.26
CA GLU C 206 52.50 -24.89 6.60
C GLU C 206 51.14 -25.30 7.17
N ALA C 207 50.14 -24.42 7.04
CA ALA C 207 48.78 -24.72 7.46
C ALA C 207 48.23 -25.94 6.72
N LYS C 208 48.40 -25.96 5.41
CA LYS C 208 47.96 -27.10 4.61
C LYS C 208 48.57 -28.42 5.09
N LYS C 209 49.80 -28.35 5.58
CA LYS C 209 50.57 -29.52 6.04
C LYS C 209 50.22 -29.94 7.47
N GLY C 210 49.32 -29.20 8.11
CA GLY C 210 48.95 -29.47 9.50
C GLY C 210 50.00 -29.09 10.53
N PHE C 211 50.78 -28.05 10.24
CA PHE C 211 51.77 -27.53 11.19
C PHE C 211 51.09 -26.99 12.45
N CYS C 212 51.85 -26.85 13.53
CA CYS C 212 51.31 -26.37 14.80
C CYS C 212 50.77 -24.95 14.66
N LEU C 213 49.74 -24.65 15.44
CA LEU C 213 48.99 -23.39 15.30
C LEU C 213 49.35 -22.33 16.36
N TYR C 214 50.44 -22.59 17.09
CA TYR C 214 50.87 -21.70 18.17
C TYR C 214 51.14 -20.26 17.74
N GLU C 215 51.85 -20.09 16.62
CA GLU C 215 52.13 -18.75 16.08
C GLU C 215 50.85 -18.05 15.65
N LEU C 216 49.77 -18.83 15.48
CA LEU C 216 48.48 -18.28 15.11
C LEU C 216 47.55 -18.09 16.33
N GLY C 217 48.14 -18.22 17.53
CA GLY C 217 47.46 -17.86 18.76
C GLY C 217 46.84 -19.00 19.53
N CYS C 218 47.17 -20.24 19.15
CA CYS C 218 46.63 -21.43 19.83
C CYS C 218 46.90 -21.39 21.33
N LYS C 219 45.86 -21.57 22.13
CA LYS C 219 45.97 -21.44 23.58
C LYS C 219 45.96 -22.81 24.24
N GLY C 220 46.09 -23.84 23.41
CA GLY C 220 46.19 -25.22 23.89
C GLY C 220 47.20 -25.41 25.02
N PRO C 221 48.37 -24.73 24.94
CA PRO C 221 49.39 -24.87 25.99
C PRO C 221 49.01 -24.31 27.38
N VAL C 222 47.95 -23.53 27.47
CA VAL C 222 47.52 -22.97 28.76
C VAL C 222 46.06 -23.31 29.07
N THR C 223 45.52 -24.31 28.37
CA THR C 223 44.10 -24.65 28.48
C THR C 223 43.91 -26.08 28.93
N TYR C 224 43.13 -26.25 30.00
CA TYR C 224 42.83 -27.57 30.54
C TYR C 224 41.49 -28.04 30.04
N ASN C 225 41.53 -29.08 29.21
CA ASN C 225 40.34 -29.67 28.61
C ASN C 225 40.76 -30.97 27.95
N ASN C 226 39.79 -31.76 27.54
CA ASN C 226 40.06 -33.11 27.01
C ASN C 226 39.73 -33.25 25.52
N CYS C 227 39.64 -32.10 24.83
CA CYS C 227 39.14 -32.03 23.45
C CYS C 227 39.80 -32.98 22.45
N PRO C 228 41.15 -33.06 22.45
CA PRO C 228 41.84 -33.94 21.50
C PRO C 228 41.65 -35.42 21.83
N LYS C 229 41.31 -35.70 23.09
CA LYS C 229 41.19 -37.09 23.54
C LYS C 229 39.82 -37.64 23.21
N VAL C 230 38.79 -36.86 23.54
CA VAL C 230 37.40 -37.31 23.43
C VAL C 230 36.71 -36.77 22.19
N LEU C 231 37.20 -35.64 21.68
CA LEU C 231 36.64 -34.98 20.49
C LEU C 231 35.23 -34.47 20.75
N PHE C 232 34.69 -33.77 19.76
CA PHE C 232 33.32 -33.28 19.79
C PHE C 232 32.52 -33.99 18.70
N ASN C 233 31.25 -34.29 19.00
CA ASN C 233 30.33 -34.90 18.05
C ASN C 233 30.90 -36.17 17.41
N GLN C 234 31.79 -36.84 18.15
CA GLN C 234 32.44 -38.10 17.73
C GLN C 234 33.30 -38.03 16.45
N VAL C 235 33.68 -36.82 16.04
CA VAL C 235 34.27 -36.65 14.71
C VAL C 235 35.44 -35.66 14.60
N ASN C 236 35.44 -34.63 15.42
CA ASN C 236 36.36 -33.51 15.20
C ASN C 236 36.67 -32.74 16.46
N TRP C 237 37.69 -31.89 16.38
CA TRP C 237 37.90 -30.83 17.35
C TRP C 237 38.58 -29.67 16.61
N PRO C 238 38.59 -28.46 17.20
CA PRO C 238 39.05 -27.23 16.51
C PRO C 238 40.42 -27.31 15.82
N VAL C 239 41.42 -27.83 16.52
CA VAL C 239 42.77 -27.94 15.97
C VAL C 239 42.80 -28.93 14.81
N GLN C 240 42.05 -30.02 14.92
CA GLN C 240 41.92 -30.95 13.82
C GLN C 240 41.32 -30.22 12.61
N ALA C 241 40.45 -29.25 12.88
CA ALA C 241 39.83 -28.40 11.86
C ALA C 241 40.70 -27.20 11.48
N GLY C 242 41.99 -27.28 11.80
CA GLY C 242 42.94 -26.23 11.39
C GLY C 242 42.86 -24.92 12.17
N HIS C 243 42.08 -24.89 13.24
CA HIS C 243 41.91 -23.66 13.99
C HIS C 243 42.50 -23.70 15.40
N PRO C 244 43.21 -22.63 15.80
CA PRO C 244 43.77 -22.56 17.15
C PRO C 244 42.72 -22.70 18.26
N CYS C 245 43.12 -23.28 19.39
CA CYS C 245 42.30 -23.31 20.60
C CYS C 245 42.21 -21.90 21.15
N LEU C 246 40.99 -21.51 21.55
CA LEU C 246 40.73 -20.17 22.10
C LEU C 246 40.88 -20.12 23.63
N GLY C 247 41.04 -21.28 24.27
CA GLY C 247 41.11 -21.39 25.72
C GLY C 247 39.75 -21.25 26.39
N CYS C 248 38.71 -21.76 25.74
CA CYS C 248 37.33 -21.46 26.14
C CYS C 248 36.89 -22.10 27.47
N SER C 249 37.74 -22.96 28.02
CA SER C 249 37.45 -23.58 29.33
C SER C 249 38.20 -22.88 30.48
N GLU C 250 38.96 -21.85 30.15
CA GLU C 250 39.67 -21.11 31.18
C GLU C 250 38.82 -19.92 31.68
N PRO C 251 38.87 -19.65 33.01
CA PRO C 251 38.12 -18.50 33.53
C PRO C 251 38.48 -17.21 32.80
N ASP C 252 37.47 -16.40 32.49
CA ASP C 252 37.68 -15.07 31.93
C ASP C 252 38.52 -15.08 30.62
N PHE C 253 38.44 -16.16 29.87
CA PHE C 253 39.30 -16.32 28.70
C PHE C 253 39.10 -15.21 27.67
N TRP C 254 37.87 -14.69 27.56
CA TRP C 254 37.55 -13.54 26.70
C TRP C 254 38.46 -12.33 26.91
N ASP C 255 39.04 -12.22 28.11
CA ASP C 255 39.99 -11.13 28.39
C ASP C 255 41.44 -11.59 28.57
N THR C 256 41.62 -12.84 28.98
CA THR C 256 42.97 -13.40 29.19
C THR C 256 43.57 -14.11 27.95
N MET C 257 42.71 -14.57 27.04
CA MET C 257 43.17 -15.33 25.87
C MET C 257 43.14 -14.50 24.58
N THR C 258 42.65 -13.27 24.69
CA THR C 258 42.54 -12.38 23.54
C THR C 258 43.73 -11.43 23.50
N PRO C 259 44.18 -11.05 22.28
CA PRO C 259 43.65 -11.42 20.98
C PRO C 259 43.80 -12.91 20.69
N PHE C 260 42.76 -13.47 20.10
CA PHE C 260 42.71 -14.90 19.86
C PHE C 260 43.77 -15.40 18.90
N TYR C 261 44.17 -14.56 17.94
CA TYR C 261 45.11 -14.95 16.89
C TYR C 261 46.53 -14.51 17.20
N GLU C 262 46.73 -13.99 18.41
CA GLU C 262 48.06 -13.63 18.92
C GLU C 262 48.37 -14.44 20.19
N GLN C 263 49.65 -14.59 20.52
CA GLN C 263 50.05 -15.09 21.83
C GLN C 263 50.27 -13.90 22.77
N GLY C 264 50.58 -14.18 24.04
CA GLY C 264 50.87 -13.13 25.02
C GLY C 264 52.34 -13.04 25.35
N LYS D 5 -15.99 -28.37 15.80
CA LYS D 5 -15.94 -27.93 14.38
C LYS D 5 -15.28 -26.56 14.20
N PRO D 6 -15.84 -25.52 14.85
CA PRO D 6 -15.17 -24.22 14.89
C PRO D 6 -13.92 -24.22 15.78
N THR D 7 -13.01 -23.30 15.52
CA THR D 7 -11.85 -23.11 16.38
C THR D 7 -12.37 -22.81 17.78
N PRO D 8 -11.97 -23.63 18.79
CA PRO D 8 -12.36 -23.38 20.19
C PRO D 8 -11.93 -22.01 20.69
N GLN D 9 -12.85 -21.32 21.35
CA GLN D 9 -12.64 -19.96 21.80
C GLN D 9 -13.47 -19.68 23.06
N SER D 10 -12.81 -19.22 24.13
CA SER D 10 -13.51 -18.86 25.35
C SER D 10 -14.19 -17.51 25.23
N THR D 11 -14.80 -17.05 26.34
CA THR D 11 -15.37 -15.70 26.40
C THR D 11 -14.45 -14.77 27.18
N PHE D 12 -13.26 -15.26 27.50
CA PHE D 12 -12.33 -14.54 28.36
C PHE D 12 -12.03 -13.12 27.91
N THR D 13 -12.15 -12.19 28.85
CA THR D 13 -11.74 -10.82 28.67
C THR D 13 -10.83 -10.46 29.85
N GLY D 14 -9.62 -10.01 29.52
CA GLY D 14 -8.65 -9.59 30.53
C GLY D 14 -7.24 -9.81 30.01
N PRO D 15 -6.23 -9.49 30.83
CA PRO D 15 -4.84 -9.67 30.40
C PRO D 15 -4.39 -11.10 30.54
N ILE D 16 -3.46 -11.53 29.71
CA ILE D 16 -2.73 -12.76 29.94
C ILE D 16 -1.24 -12.46 29.76
N VAL D 17 -0.45 -12.89 30.74
CA VAL D 17 1.00 -12.85 30.65
C VAL D 17 1.52 -14.27 30.66
N VAL D 18 2.44 -14.57 29.73
CA VAL D 18 3.15 -15.82 29.66
C VAL D 18 4.64 -15.53 29.76
N ASP D 19 5.22 -15.97 30.88
CA ASP D 19 6.58 -15.64 31.22
C ASP D 19 6.97 -16.65 32.30
N PRO D 20 7.87 -17.60 31.97
CA PRO D 20 8.64 -17.65 30.73
C PRO D 20 7.89 -18.30 29.56
N ILE D 21 8.18 -17.82 28.36
CA ILE D 21 7.89 -18.56 27.15
C ILE D 21 8.92 -19.67 27.07
N THR D 22 8.46 -20.91 27.17
CA THR D 22 9.39 -22.02 27.15
C THR D 22 9.51 -22.53 25.73
N ARG D 23 10.43 -23.47 25.53
CA ARG D 23 10.69 -24.05 24.22
C ARG D 23 10.99 -23.00 23.15
N ILE D 24 11.76 -22.00 23.58
CA ILE D 24 12.47 -21.09 22.70
C ILE D 24 13.91 -21.01 23.20
N GLU D 25 14.76 -20.29 22.48
CA GLU D 25 16.04 -19.89 23.03
C GLU D 25 15.84 -18.51 23.72
N GLY D 26 16.31 -18.39 24.95
CA GLY D 26 16.29 -17.14 25.61
C GLY D 26 15.05 -16.81 26.39
N HIS D 27 15.00 -15.57 26.86
CA HIS D 27 14.01 -15.15 27.84
C HIS D 27 12.98 -14.18 27.28
N LEU D 28 11.78 -14.72 27.05
CA LEU D 28 10.71 -13.93 26.50
C LEU D 28 9.51 -13.95 27.42
N ARG D 29 8.93 -12.76 27.58
CA ARG D 29 7.67 -12.53 28.25
C ARG D 29 6.71 -11.99 27.17
N ILE D 30 5.54 -12.64 27.06
CA ILE D 30 4.49 -12.18 26.17
C ILE D 30 3.34 -11.61 26.99
N MET D 31 2.93 -10.39 26.69
CA MET D 31 1.74 -9.85 27.33
C MET D 31 0.69 -9.66 26.25
N VAL D 32 -0.54 -10.08 26.54
CA VAL D 32 -1.67 -9.87 25.62
C VAL D 32 -2.89 -9.34 26.37
N GLU D 33 -3.70 -8.55 25.67
CA GLU D 33 -5.04 -8.20 26.13
C GLU D 33 -6.02 -9.03 25.34
N VAL D 34 -6.96 -9.68 26.04
CA VAL D 34 -7.91 -10.57 25.40
C VAL D 34 -9.29 -9.97 25.56
N GLU D 35 -10.09 -10.05 24.51
CA GLU D 35 -11.47 -9.57 24.55
C GLU D 35 -12.38 -10.61 23.94
N ASN D 36 -13.33 -11.14 24.72
CA ASN D 36 -14.24 -12.19 24.27
C ASN D 36 -13.50 -13.42 23.67
N GLY D 37 -12.40 -13.82 24.29
CA GLY D 37 -11.66 -14.98 23.83
C GLY D 37 -10.67 -14.82 22.69
N LYS D 38 -10.46 -13.59 22.26
CA LYS D 38 -9.46 -13.33 21.21
C LYS D 38 -8.49 -12.23 21.62
N VAL D 39 -7.23 -12.40 21.26
CA VAL D 39 -6.22 -11.38 21.55
C VAL D 39 -6.53 -10.10 20.75
N LYS D 40 -6.64 -8.97 21.45
CA LYS D 40 -6.87 -7.69 20.78
C LYS D 40 -5.65 -6.77 20.78
N ASP D 41 -4.68 -7.05 21.66
CA ASP D 41 -3.41 -6.31 21.69
C ASP D 41 -2.31 -7.20 22.25
N ALA D 42 -1.07 -6.93 21.84
CA ALA D 42 0.07 -7.74 22.27
C ALA D 42 1.34 -6.95 22.52
N TRP D 43 2.21 -7.53 23.34
CA TRP D 43 3.51 -6.98 23.62
C TRP D 43 4.54 -8.10 23.70
N SER D 44 5.61 -7.97 22.92
CA SER D 44 6.73 -8.90 22.96
C SER D 44 7.87 -8.30 23.81
N SER D 45 8.04 -8.85 25.00
CA SER D 45 8.97 -8.31 25.99
C SER D 45 10.16 -9.24 26.22
N SER D 46 11.31 -8.92 25.61
CA SER D 46 12.56 -9.65 25.84
C SER D 46 13.16 -9.29 27.17
N GLN D 47 13.55 -10.31 27.94
CA GLN D 47 13.86 -10.17 29.36
C GLN D 47 15.34 -10.23 29.78
N LEU D 48 16.25 -10.36 28.81
CA LEU D 48 17.69 -10.41 29.10
C LEU D 48 18.54 -9.52 28.18
N PHE D 49 19.42 -8.74 28.79
CA PHE D 49 20.42 -8.00 28.03
C PHE D 49 21.82 -8.47 28.41
N ARG D 50 22.68 -8.66 27.41
CA ARG D 50 24.07 -9.04 27.63
C ARG D 50 25.05 -7.97 27.15
N GLY D 51 24.77 -7.42 25.97
CA GLY D 51 25.51 -6.29 25.42
C GLY D 51 26.76 -6.58 24.63
N LEU D 52 26.71 -7.61 23.78
CA LEU D 52 27.86 -7.98 22.95
C LEU D 52 28.44 -6.83 22.14
N GLU D 53 27.57 -6.01 21.55
CA GLU D 53 28.00 -4.84 20.81
C GLU D 53 28.87 -3.89 21.66
N ILE D 54 28.48 -3.68 22.91
CA ILE D 54 29.26 -2.82 23.82
C ILE D 54 30.61 -3.47 24.11
N ILE D 55 30.58 -4.78 24.32
CA ILE D 55 31.77 -5.56 24.66
C ILE D 55 32.81 -5.57 23.53
N LEU D 56 32.35 -5.49 22.29
CA LEU D 56 33.27 -5.58 21.17
C LEU D 56 34.10 -4.32 20.90
N LYS D 57 33.68 -3.20 21.45
CA LYS D 57 34.32 -1.92 21.13
C LYS D 57 35.79 -1.89 21.54
N GLY D 58 36.63 -1.47 20.60
CA GLY D 58 38.06 -1.36 20.84
C GLY D 58 38.81 -2.65 20.64
N ARG D 59 38.11 -3.72 20.36
CA ARG D 59 38.74 -5.02 20.21
C ARG D 59 39.26 -5.26 18.79
N ASP D 60 40.05 -6.32 18.64
CA ASP D 60 40.58 -6.78 17.36
C ASP D 60 39.45 -7.30 16.48
N PRO D 61 39.24 -6.70 15.28
CA PRO D 61 38.16 -7.13 14.39
C PRO D 61 38.19 -8.65 14.11
N ARG D 62 39.38 -9.25 14.17
CA ARG D 62 39.52 -10.70 14.05
C ARG D 62 38.82 -11.46 15.18
N ASP D 63 38.72 -10.84 16.36
CA ASP D 63 38.09 -11.47 17.52
C ASP D 63 36.57 -11.46 17.45
N ALA D 64 36.01 -10.58 16.63
CA ALA D 64 34.55 -10.37 16.56
C ALA D 64 33.72 -11.64 16.42
N GLN D 65 34.11 -12.51 15.48
CA GLN D 65 33.37 -13.73 15.18
C GLN D 65 33.24 -14.68 16.38
N HIS D 66 34.25 -14.69 17.24
CA HIS D 66 34.25 -15.60 18.38
C HIS D 66 33.36 -15.08 19.48
N PHE D 67 33.38 -13.75 19.68
CA PHE D 67 32.43 -13.08 20.59
C PHE D 67 30.99 -13.20 20.09
N THR D 68 30.76 -12.80 18.82
CA THR D 68 29.40 -12.76 18.27
C THR D 68 28.77 -14.16 18.05
N GLN D 69 29.58 -15.18 17.82
CA GLN D 69 29.01 -16.51 17.77
C GLN D 69 28.25 -16.84 19.08
N ARG D 70 28.74 -16.30 20.20
CA ARG D 70 28.12 -16.52 21.49
C ARG D 70 26.87 -15.71 21.73
N ALA D 71 26.44 -14.95 20.72
CA ALA D 71 25.11 -14.36 20.70
C ALA D 71 24.07 -15.47 20.89
N CYS D 72 24.39 -16.66 20.38
CA CYS D 72 23.45 -17.76 20.44
C CYS D 72 24.10 -19.10 20.11
N GLY D 73 23.82 -20.09 20.95
CA GLY D 73 24.26 -21.45 20.76
C GLY D 73 23.18 -22.34 20.14
N MET D 74 21.96 -21.83 19.98
CA MET D 74 20.95 -22.58 19.23
C MET D 74 21.22 -22.41 17.74
N CYS D 75 21.20 -21.18 17.26
CA CYS D 75 21.70 -20.90 15.92
C CYS D 75 23.21 -20.68 16.03
N THR D 76 23.93 -21.68 16.54
CA THR D 76 25.38 -21.65 16.52
C THR D 76 25.87 -21.40 15.08
N TYR D 77 27.14 -21.01 14.96
CA TYR D 77 27.78 -20.75 13.66
C TYR D 77 27.38 -19.48 12.94
N VAL D 78 26.07 -19.20 12.83
CA VAL D 78 25.60 -18.15 11.91
C VAL D 78 26.19 -16.76 12.21
N HIS D 79 26.39 -16.46 13.49
CA HIS D 79 27.00 -15.18 13.83
C HIS D 79 28.48 -15.15 13.51
N ALA D 80 29.16 -16.29 13.69
CA ALA D 80 30.56 -16.42 13.29
C ALA D 80 30.63 -16.19 11.78
N LEU D 81 29.69 -16.78 11.05
CA LEU D 81 29.58 -16.57 9.61
C LEU D 81 29.37 -15.11 9.23
N ALA D 82 28.34 -14.48 9.81
CA ALA D 82 28.01 -13.09 9.51
C ALA D 82 29.17 -12.16 9.86
N SER D 83 29.88 -12.45 10.94
CA SER D 83 31.02 -11.63 11.36
C SER D 83 32.21 -11.77 10.43
N SER D 84 32.49 -13.00 10.02
CA SER D 84 33.54 -13.26 9.04
C SER D 84 33.20 -12.57 7.71
N ARG D 85 31.95 -12.69 7.28
CA ARG D 85 31.51 -11.99 6.06
C ARG D 85 31.70 -10.48 6.21
N CYS D 86 31.33 -9.99 7.38
CA CYS D 86 31.37 -8.59 7.68
C CYS D 86 32.79 -8.02 7.64
N VAL D 87 33.73 -8.72 8.29
CA VAL D 87 35.13 -8.30 8.32
C VAL D 87 35.78 -8.51 6.96
N ASP D 88 35.46 -9.62 6.27
CA ASP D 88 35.94 -9.87 4.92
C ASP D 88 35.59 -8.65 4.04
N ASP D 89 34.37 -8.15 4.19
CA ASP D 89 33.90 -6.97 3.45
C ASP D 89 34.66 -5.68 3.85
N ALA D 90 34.84 -5.47 5.17
CA ALA D 90 35.59 -4.32 5.67
C ALA D 90 37.07 -4.29 5.24
N VAL D 91 37.70 -5.46 5.13
CA VAL D 91 39.12 -5.53 4.71
C VAL D 91 39.21 -5.70 3.20
N LYS D 92 38.04 -5.90 2.58
CA LYS D 92 37.94 -6.02 1.14
C LYS D 92 38.63 -7.28 0.64
N VAL D 93 38.43 -8.39 1.33
CA VAL D 93 38.93 -9.68 0.85
C VAL D 93 37.82 -10.51 0.23
N SER D 94 38.15 -11.16 -0.89
CA SER D 94 37.25 -12.08 -1.54
C SER D 94 37.73 -13.51 -1.23
N ILE D 95 36.90 -14.26 -0.50
CA ILE D 95 37.26 -15.60 -0.05
C ILE D 95 37.34 -16.61 -1.22
N PRO D 96 38.22 -17.62 -1.12
CA PRO D 96 38.29 -18.59 -2.20
C PRO D 96 36.98 -19.38 -2.35
N ALA D 97 36.77 -19.91 -3.55
CA ALA D 97 35.61 -20.74 -3.87
C ALA D 97 35.36 -21.84 -2.82
N ASN D 98 36.40 -22.56 -2.44
CA ASN D 98 36.28 -23.61 -1.42
C ASN D 98 35.74 -23.07 -0.09
N ALA D 99 36.16 -21.86 0.28
CA ALA D 99 35.72 -21.25 1.52
C ALA D 99 34.23 -20.89 1.46
N ARG D 100 33.79 -20.34 0.33
CA ARG D 100 32.39 -20.07 0.08
C ARG D 100 31.59 -21.36 0.17
N MET D 101 32.10 -22.43 -0.45
CA MET D 101 31.39 -23.70 -0.45
C MET D 101 31.31 -24.27 0.97
N MET D 102 32.44 -24.25 1.67
CA MET D 102 32.47 -24.82 3.01
C MET D 102 31.55 -24.03 3.95
N ARG D 103 31.62 -22.71 3.86
CA ARG D 103 30.81 -21.84 4.71
C ARG D 103 29.34 -22.06 4.47
N ASN D 104 28.96 -22.20 3.20
CA ASN D 104 27.57 -22.47 2.82
C ASN D 104 27.07 -23.86 3.21
N LEU D 105 27.93 -24.88 3.13
CA LEU D 105 27.54 -26.22 3.53
C LEU D 105 27.30 -26.29 5.03
N VAL D 106 28.11 -25.57 5.80
CA VAL D 106 27.97 -25.61 7.24
C VAL D 106 26.65 -24.93 7.62
N MET D 107 26.30 -23.87 6.88
CA MET D 107 25.01 -23.19 7.04
C MET D 107 23.90 -24.17 6.72
N ALA D 108 24.09 -24.98 5.68
CA ALA D 108 23.07 -25.95 5.30
C ALA D 108 22.86 -26.92 6.46
N SER D 109 23.96 -27.46 6.96
CA SER D 109 23.91 -28.40 8.08
C SER D 109 23.23 -27.78 9.29
N GLN D 110 23.46 -26.49 9.51
CA GLN D 110 22.79 -25.75 10.59
C GLN D 110 21.28 -25.68 10.41
N TYR D 111 20.83 -25.38 9.19
CA TYR D 111 19.40 -25.39 8.83
C TYR D 111 18.76 -26.72 9.18
N LEU D 112 19.41 -27.80 8.78
CA LEU D 112 18.91 -29.12 9.02
C LEU D 112 18.79 -29.39 10.52
N HIS D 113 19.88 -29.16 11.26
CA HIS D 113 19.85 -29.44 12.68
C HIS D 113 18.76 -28.60 13.33
N ASP D 114 18.81 -27.30 13.02
CA ASP D 114 17.99 -26.30 13.67
C ASP D 114 16.50 -26.52 13.44
N HIS D 115 16.09 -26.69 12.18
CA HIS D 115 14.68 -26.92 11.89
C HIS D 115 14.12 -28.21 12.48
N LEU D 116 14.90 -29.28 12.50
CA LEU D 116 14.44 -30.54 13.07
C LEU D 116 14.21 -30.43 14.58
N VAL D 117 15.18 -29.87 15.28
CA VAL D 117 15.03 -29.61 16.72
C VAL D 117 13.83 -28.67 17.00
N HIS D 118 13.74 -27.56 16.26
CA HIS D 118 12.62 -26.67 16.45
C HIS D 118 11.27 -27.39 16.37
N PHE D 119 11.03 -28.07 15.24
CA PHE D 119 9.72 -28.66 15.02
C PHE D 119 9.34 -29.64 16.12
N TYR D 120 10.23 -30.59 16.38
CA TYR D 120 9.93 -31.65 17.31
C TYR D 120 10.08 -31.23 18.75
N HIS D 121 11.18 -30.56 19.08
CA HIS D 121 11.50 -30.37 20.49
C HIS D 121 11.06 -29.05 21.07
N MET D 122 10.74 -28.09 20.20
CA MET D 122 10.21 -26.79 20.65
C MET D 122 8.74 -26.65 20.32
N HIS D 123 8.37 -26.99 19.08
CA HIS D 123 7.06 -26.63 18.55
C HIS D 123 5.98 -27.69 18.77
N ALA D 124 6.32 -28.95 18.48
CA ALA D 124 5.33 -30.05 18.45
C ALA D 124 4.45 -30.18 19.69
N LEU D 125 5.01 -29.94 20.88
CA LEU D 125 4.24 -30.02 22.14
C LEU D 125 3.07 -29.00 22.24
N ASP D 126 3.00 -28.05 21.28
CA ASP D 126 1.85 -27.13 21.17
C ASP D 126 0.69 -27.77 20.41
N TRP D 127 1.01 -28.81 19.64
CA TRP D 127 0.04 -29.42 18.74
C TRP D 127 -0.20 -30.87 19.12
N VAL D 128 0.77 -31.49 19.78
CA VAL D 128 0.73 -32.90 20.11
C VAL D 128 0.53 -33.11 21.60
N ASP D 129 -0.49 -33.90 21.91
CA ASP D 129 -0.79 -34.25 23.29
C ASP D 129 -0.08 -35.59 23.57
N VAL D 130 1.06 -35.51 24.25
CA VAL D 130 1.86 -36.69 24.49
C VAL D 130 1.14 -37.73 25.35
N THR D 131 0.40 -37.29 26.37
CA THR D 131 -0.33 -38.23 27.22
C THR D 131 -1.44 -38.95 26.48
N ALA D 132 -2.01 -38.28 25.48
CA ALA D 132 -3.01 -38.88 24.62
C ALA D 132 -2.42 -40.04 23.82
N ALA D 133 -1.15 -39.94 23.48
CA ALA D 133 -0.44 -41.02 22.79
C ALA D 133 -0.70 -42.36 23.49
N LEU D 134 -0.77 -42.30 24.82
CA LEU D 134 -1.01 -43.50 25.66
C LEU D 134 -2.34 -44.20 25.42
N LYS D 135 -3.31 -43.50 24.83
CA LYS D 135 -4.63 -44.06 24.52
C LYS D 135 -4.66 -44.84 23.21
N ALA D 136 -3.65 -44.59 22.36
CA ALA D 136 -3.61 -45.14 21.01
C ALA D 136 -3.50 -46.67 21.03
N ASP D 137 -4.08 -47.32 20.01
CA ASP D 137 -3.74 -48.71 19.70
C ASP D 137 -2.57 -48.70 18.71
N PRO D 138 -1.44 -49.31 19.10
CA PRO D 138 -0.23 -49.28 18.25
C PRO D 138 -0.48 -49.83 16.85
N ASN D 139 -1.17 -50.97 16.72
CA ASN D 139 -1.48 -51.46 15.38
C ASN D 139 -2.26 -50.45 14.53
N LYS D 140 -3.21 -49.75 15.14
CA LYS D 140 -4.02 -48.77 14.42
C LYS D 140 -3.15 -47.58 14.06
N ALA D 141 -2.26 -47.20 14.96
CA ALA D 141 -1.26 -46.18 14.67
C ALA D 141 -0.26 -46.65 13.59
N ALA D 142 0.18 -47.90 13.69
CA ALA D 142 1.05 -48.49 12.66
C ALA D 142 0.36 -48.40 11.31
N LYS D 143 -0.92 -48.79 11.26
CA LYS D 143 -1.69 -48.75 10.02
C LYS D 143 -1.87 -47.34 9.48
N LEU D 144 -2.13 -46.39 10.37
CA LEU D 144 -2.28 -44.99 9.98
C LEU D 144 -0.99 -44.48 9.33
N ALA D 145 0.12 -44.56 10.07
CA ALA D 145 1.47 -44.17 9.60
C ALA D 145 1.79 -44.73 8.22
N ALA D 146 1.34 -45.96 7.98
CA ALA D 146 1.58 -46.66 6.71
C ALA D 146 1.00 -45.91 5.50
N SER D 147 -0.14 -45.27 5.70
CA SER D 147 -0.87 -44.62 4.61
C SER D 147 -0.62 -43.11 4.54
N ILE D 148 0.11 -42.59 5.52
CA ILE D 148 0.37 -41.15 5.59
C ILE D 148 1.85 -40.81 5.53
N ALA D 149 2.69 -41.84 5.39
CA ALA D 149 4.15 -41.65 5.42
C ALA D 149 4.87 -42.84 4.85
N PRO D 150 6.11 -42.64 4.35
CA PRO D 150 6.85 -43.72 3.70
C PRO D 150 7.08 -44.89 4.66
N ALA D 151 7.06 -46.11 4.13
CA ALA D 151 7.32 -47.29 4.95
C ALA D 151 8.67 -47.18 5.66
N ARG D 152 8.67 -47.54 6.94
CA ARG D 152 9.90 -47.55 7.74
C ARG D 152 9.68 -48.41 8.99
N PRO D 153 10.72 -49.15 9.43
CA PRO D 153 10.53 -50.02 10.59
C PRO D 153 10.21 -49.25 11.87
N GLY D 154 10.65 -48.01 11.97
CA GLY D 154 10.33 -47.13 13.08
C GLY D 154 8.85 -46.81 13.26
N ASN D 155 8.05 -47.02 12.21
CA ASN D 155 6.60 -46.81 12.28
C ASN D 155 5.82 -48.14 12.43
N SER D 156 6.51 -49.20 12.80
CA SER D 156 5.87 -50.50 12.97
C SER D 156 5.07 -50.55 14.27
N ALA D 157 4.06 -51.42 14.32
CA ALA D 157 3.27 -51.65 15.53
C ALA D 157 4.19 -51.91 16.73
N LYS D 158 5.16 -52.82 16.53
CA LYS D 158 6.15 -53.14 17.56
C LYS D 158 6.90 -51.91 18.06
N ALA D 159 7.40 -51.08 17.15
CA ALA D 159 8.24 -49.94 17.51
C ALA D 159 7.41 -48.84 18.13
N LEU D 160 6.14 -48.77 17.76
CA LEU D 160 5.25 -47.78 18.34
C LEU D 160 4.83 -48.21 19.75
N LYS D 161 4.56 -49.50 19.89
CA LYS D 161 4.23 -50.10 21.18
C LYS D 161 5.33 -49.85 22.20
N ALA D 162 6.58 -50.10 21.80
CA ALA D 162 7.71 -49.89 22.68
C ALA D 162 7.76 -48.45 23.16
N VAL D 163 7.50 -47.51 22.25
CA VAL D 163 7.47 -46.09 22.60
C VAL D 163 6.38 -45.86 23.64
N GLN D 164 5.19 -46.38 23.36
CA GLN D 164 4.05 -46.26 24.25
C GLN D 164 4.35 -46.83 25.63
N ASP D 165 4.92 -48.05 25.66
CA ASP D 165 5.35 -48.70 26.90
C ASP D 165 6.40 -47.89 27.67
N LYS D 166 7.34 -47.28 26.94
CA LYS D 166 8.37 -46.45 27.55
C LYS D 166 7.76 -45.17 28.15
N LEU D 167 6.78 -44.60 27.47
CA LEU D 167 6.11 -43.38 27.90
C LEU D 167 5.17 -43.69 29.08
N LYS D 168 4.47 -44.81 28.98
CA LYS D 168 3.60 -45.29 30.05
C LYS D 168 4.36 -45.44 31.38
N ALA D 169 5.49 -46.16 31.34
CA ALA D 169 6.35 -46.35 32.50
C ALA D 169 6.79 -45.01 33.08
N PHE D 170 7.16 -44.09 32.20
CA PHE D 170 7.54 -42.73 32.59
C PHE D 170 6.37 -42.01 33.28
N VAL D 171 5.21 -42.03 32.64
CA VAL D 171 4.03 -41.37 33.20
C VAL D 171 3.61 -42.00 34.53
N GLU D 172 3.65 -43.33 34.57
CA GLU D 172 3.20 -44.05 35.74
C GLU D 172 4.12 -43.90 36.95
N SER D 173 5.33 -43.41 36.71
CA SER D 173 6.29 -43.18 37.81
C SER D 173 5.87 -42.00 38.69
N GLY D 174 5.08 -41.09 38.13
CA GLY D 174 4.68 -39.86 38.84
C GLY D 174 5.64 -38.69 38.68
N GLN D 175 6.82 -38.96 38.10
CA GLN D 175 7.80 -37.92 37.82
C GLN D 175 7.75 -37.58 36.34
N LEU D 176 6.92 -36.60 36.00
CA LEU D 176 6.67 -36.25 34.61
C LEU D 176 7.80 -35.43 33.97
N GLY D 177 8.77 -35.00 34.79
CA GLY D 177 9.88 -34.23 34.28
C GLY D 177 9.41 -33.08 33.42
N ILE D 178 9.81 -33.09 32.15
CA ILE D 178 9.54 -31.96 31.26
C ILE D 178 8.07 -31.83 30.85
N PHE D 179 7.24 -32.81 31.20
CA PHE D 179 5.80 -32.75 30.91
C PHE D 179 4.96 -32.21 32.06
N THR D 180 5.60 -32.03 33.21
CA THR D 180 4.93 -31.50 34.38
C THR D 180 4.12 -30.24 34.01
N ASN D 181 2.87 -30.20 34.46
CA ASN D 181 1.99 -29.07 34.20
C ASN D 181 1.83 -28.71 32.70
N ALA D 182 2.04 -29.67 31.81
CA ALA D 182 1.86 -29.40 30.38
C ALA D 182 0.42 -28.91 30.14
N TYR D 183 0.23 -28.06 29.14
CA TYR D 183 -1.10 -27.51 28.83
C TYR D 183 -2.08 -28.58 28.37
N PHE D 184 -1.56 -29.71 27.90
CA PHE D 184 -2.41 -30.79 27.39
C PHE D 184 -2.82 -31.83 28.45
N LEU D 185 -2.24 -31.76 29.65
CA LEU D 185 -2.59 -32.72 30.70
C LEU D 185 -4.05 -32.57 31.06
N GLY D 186 -4.79 -33.67 31.01
CA GLY D 186 -6.22 -33.61 31.28
C GLY D 186 -7.03 -33.34 30.04
N GLY D 187 -6.36 -33.18 28.91
CA GLY D 187 -7.02 -32.86 27.66
C GLY D 187 -7.14 -31.35 27.56
N HIS D 188 -7.40 -30.86 26.35
CA HIS D 188 -7.41 -29.45 26.05
C HIS D 188 -8.13 -29.25 24.75
N LYS D 189 -9.09 -28.34 24.72
CA LYS D 189 -9.92 -28.14 23.51
C LYS D 189 -9.13 -27.77 22.27
N ALA D 190 -8.00 -27.10 22.45
CA ALA D 190 -7.19 -26.64 21.34
C ALA D 190 -6.28 -27.73 20.74
N TYR D 191 -6.26 -28.89 21.36
CA TYR D 191 -5.47 -30.01 20.86
C TYR D 191 -6.39 -30.94 20.09
N TYR D 192 -6.17 -31.08 18.79
CA TYR D 192 -7.12 -31.80 17.90
C TYR D 192 -6.74 -33.22 17.53
N LEU D 193 -5.46 -33.54 17.68
CA LEU D 193 -4.92 -34.75 17.12
C LEU D 193 -5.52 -36.01 17.71
N PRO D 194 -5.80 -37.01 16.86
CA PRO D 194 -6.21 -38.32 17.35
C PRO D 194 -5.05 -38.93 18.13
N PRO D 195 -5.33 -39.74 19.17
CA PRO D 195 -4.27 -40.40 19.94
C PRO D 195 -3.23 -41.13 19.06
N GLU D 196 -3.68 -41.74 17.96
CA GLU D 196 -2.77 -42.42 17.03
C GLU D 196 -1.70 -41.49 16.44
N VAL D 197 -2.10 -40.27 16.09
CA VAL D 197 -1.16 -39.24 15.60
C VAL D 197 -0.25 -38.72 16.72
N ASP D 198 -0.79 -38.58 17.92
CA ASP D 198 0.05 -38.24 19.07
C ASP D 198 1.18 -39.26 19.25
N LEU D 199 0.84 -40.55 19.16
CA LEU D 199 1.83 -41.61 19.30
C LEU D 199 2.91 -41.55 18.20
N ILE D 200 2.47 -41.38 16.96
CA ILE D 200 3.38 -41.26 15.86
C ILE D 200 4.34 -40.08 16.10
N ALA D 201 3.76 -38.90 16.33
CA ALA D 201 4.54 -37.69 16.55
C ALA D 201 5.54 -37.91 17.69
N THR D 202 5.07 -38.48 18.80
CA THR D 202 5.89 -38.75 19.99
C THR D 202 7.04 -39.72 19.70
N ALA D 203 6.75 -40.75 18.92
CA ALA D 203 7.78 -41.69 18.52
C ALA D 203 8.87 -40.95 17.78
N HIS D 204 8.47 -40.08 16.85
CA HIS D 204 9.44 -39.34 16.04
C HIS D 204 10.16 -38.28 16.84
N TYR D 205 9.48 -37.73 17.84
CA TYR D 205 10.08 -36.80 18.79
C TYR D 205 11.31 -37.45 19.45
N LEU D 206 11.18 -38.72 19.82
CA LEU D 206 12.24 -39.46 20.47
C LEU D 206 13.36 -39.79 19.48
N GLU D 207 12.98 -40.27 18.30
CA GLU D 207 13.93 -40.50 17.23
C GLU D 207 14.75 -39.24 16.93
N ALA D 208 14.08 -38.10 16.85
CA ALA D 208 14.72 -36.83 16.47
C ALA D 208 15.77 -36.43 17.47
N LEU D 209 15.58 -36.80 18.73
CA LEU D 209 16.60 -36.62 19.76
C LEU D 209 17.93 -37.30 19.41
N HIS D 210 17.84 -38.50 18.82
CA HIS D 210 19.00 -39.19 18.30
C HIS D 210 19.48 -38.62 16.95
N MET D 211 18.54 -38.24 16.10
CA MET D 211 18.91 -37.71 14.78
C MET D 211 19.66 -36.37 14.87
N GLN D 212 19.23 -35.47 15.74
CA GLN D 212 19.89 -34.18 15.85
C GLN D 212 21.38 -34.34 16.21
N VAL D 213 21.72 -35.43 16.91
CA VAL D 213 23.11 -35.73 17.25
C VAL D 213 23.90 -35.95 15.97
N LYS D 214 23.33 -36.76 15.06
CA LYS D 214 23.93 -37.03 13.78
C LYS D 214 24.03 -35.78 12.92
N ALA D 215 23.02 -34.93 12.96
CA ALA D 215 23.04 -33.68 12.19
C ALA D 215 24.15 -32.72 12.69
N ALA D 216 24.36 -32.71 14.00
CA ALA D 216 25.44 -31.91 14.60
C ALA D 216 26.81 -32.53 14.29
N SER D 217 26.88 -33.87 14.19
CA SER D 217 28.13 -34.54 13.79
C SER D 217 28.52 -34.17 12.36
N ALA D 218 27.59 -34.29 11.42
CA ALA D 218 27.84 -33.84 10.05
C ALA D 218 28.43 -32.42 10.06
N MET D 219 27.78 -31.51 10.80
CA MET D 219 28.20 -30.12 10.83
C MET D 219 29.62 -29.98 11.38
N ALA D 220 29.93 -30.81 12.38
CA ALA D 220 31.20 -30.73 13.09
C ALA D 220 32.36 -31.24 12.26
N ILE D 221 32.07 -32.10 11.29
CA ILE D 221 33.07 -32.54 10.33
C ILE D 221 33.71 -31.33 9.62
N LEU D 222 32.87 -30.35 9.25
CA LEU D 222 33.37 -29.15 8.60
C LEU D 222 33.65 -28.02 9.59
N GLY D 223 32.85 -27.93 10.65
CA GLY D 223 32.90 -26.82 11.59
C GLY D 223 33.85 -26.98 12.77
N GLY D 224 34.50 -28.14 12.87
CA GLY D 224 35.39 -28.41 13.98
C GLY D 224 34.69 -28.99 15.21
N LYS D 225 33.52 -28.44 15.54
CA LYS D 225 32.72 -28.89 16.68
C LYS D 225 31.33 -28.24 16.63
N ASN D 226 30.41 -28.80 17.44
CA ASN D 226 29.04 -28.27 17.56
C ASN D 226 28.54 -28.60 18.97
N PRO D 227 28.02 -27.59 19.69
CA PRO D 227 27.89 -26.17 19.30
C PRO D 227 29.20 -25.36 19.23
N HIS D 228 29.10 -24.21 18.56
CA HIS D 228 30.16 -23.21 18.43
C HIS D 228 31.33 -23.64 17.55
N THR D 229 31.13 -23.51 16.25
CA THR D 229 32.09 -23.94 15.26
C THR D 229 33.39 -23.14 15.42
N GLN D 230 34.46 -23.65 14.83
CA GLN D 230 35.76 -23.04 14.94
C GLN D 230 36.60 -23.42 13.72
N PHE D 231 36.19 -22.93 12.55
CA PHE D 231 36.87 -23.21 11.26
C PHE D 231 36.95 -21.99 10.31
N THR D 232 36.19 -20.94 10.62
CA THR D 232 36.21 -19.71 9.85
C THR D 232 37.34 -18.77 10.33
N VAL D 233 38.01 -18.15 9.36
CA VAL D 233 39.02 -17.14 9.61
C VAL D 233 38.77 -16.00 8.61
N VAL D 234 39.29 -14.80 8.87
CA VAL D 234 39.21 -13.71 7.88
C VAL D 234 39.87 -14.21 6.60
N GLY D 235 39.18 -14.07 5.48
CA GLY D 235 39.72 -14.53 4.20
C GLY D 235 39.28 -15.93 3.81
N GLY D 236 38.56 -16.62 4.70
CA GLY D 236 38.04 -17.95 4.36
C GLY D 236 37.83 -18.90 5.52
N CYS D 237 38.47 -20.07 5.42
CA CYS D 237 38.38 -21.15 6.40
C CYS D 237 39.76 -21.75 6.70
N SER D 238 39.84 -22.45 7.84
CA SER D 238 41.11 -23.07 8.28
C SER D 238 41.13 -24.58 8.05
N ASN D 239 39.96 -25.15 7.78
CA ASN D 239 39.75 -26.58 7.82
C ASN D 239 40.06 -27.30 6.49
N TYR D 240 41.36 -27.40 6.19
CA TYR D 240 41.82 -28.10 5.00
C TYR D 240 41.36 -29.55 4.99
N GLN D 241 41.28 -30.17 6.16
CA GLN D 241 40.82 -31.55 6.24
C GLN D 241 39.38 -31.69 5.75
N GLY D 242 38.59 -30.63 5.89
CA GLY D 242 37.20 -30.63 5.43
C GLY D 242 37.02 -30.68 3.91
N LEU D 243 38.13 -30.66 3.18
CA LEU D 243 38.09 -30.72 1.73
C LEU D 243 38.49 -32.09 1.21
N THR D 244 38.84 -32.99 2.13
CA THR D 244 39.38 -34.30 1.76
C THR D 244 38.30 -35.40 1.64
N LYS D 245 38.70 -36.53 1.09
CA LYS D 245 37.80 -37.60 0.65
C LYS D 245 36.97 -38.23 1.78
N ASP D 246 37.64 -38.87 2.74
CA ASP D 246 36.97 -39.59 3.83
C ASP D 246 36.07 -38.73 4.72
N PRO D 247 36.57 -37.56 5.17
CA PRO D 247 35.68 -36.63 5.86
C PRO D 247 34.43 -36.26 5.07
N LEU D 248 34.58 -35.95 3.78
CA LEU D 248 33.41 -35.59 2.96
C LEU D 248 32.49 -36.78 2.65
N ALA D 249 33.06 -37.99 2.61
CA ALA D 249 32.25 -39.19 2.49
C ALA D 249 31.36 -39.33 3.74
N ASN D 250 31.97 -39.14 4.89
CA ASN D 250 31.34 -39.32 6.19
C ASN D 250 30.26 -38.22 6.37
N TYR D 251 30.61 -37.01 5.95
CA TYR D 251 29.68 -35.88 5.97
C TYR D 251 28.44 -36.15 5.14
N LEU D 252 28.62 -36.67 3.93
CA LEU D 252 27.52 -37.00 3.04
C LEU D 252 26.70 -38.20 3.56
N ALA D 253 27.37 -39.18 4.16
CA ALA D 253 26.68 -40.33 4.77
C ALA D 253 25.75 -39.89 5.91
N LEU D 254 26.26 -39.02 6.78
CA LEU D 254 25.47 -38.51 7.91
C LEU D 254 24.35 -37.59 7.44
N SER D 255 24.61 -36.76 6.45
CA SER D 255 23.60 -35.86 5.89
C SER D 255 22.45 -36.61 5.22
N LYS D 256 22.76 -37.70 4.52
CA LYS D 256 21.72 -38.52 3.86
C LYS D 256 20.81 -39.19 4.88
N GLU D 257 21.37 -39.61 6.00
CA GLU D 257 20.62 -40.19 7.11
C GLU D 257 19.64 -39.15 7.68
N VAL D 258 20.15 -37.94 7.91
CA VAL D 258 19.36 -36.82 8.36
C VAL D 258 18.25 -36.47 7.39
N CYS D 259 18.60 -36.36 6.12
CA CYS D 259 17.59 -36.07 5.09
C CYS D 259 16.56 -37.18 4.90
N GLN D 260 16.93 -38.41 5.20
CA GLN D 260 15.97 -39.51 5.18
C GLN D 260 14.93 -39.27 6.27
N PHE D 261 15.42 -38.90 7.45
CA PHE D 261 14.52 -38.58 8.55
C PHE D 261 13.64 -37.38 8.26
N VAL D 262 14.18 -36.37 7.58
CA VAL D 262 13.38 -35.19 7.20
C VAL D 262 12.21 -35.62 6.29
N ASN D 263 12.55 -36.44 5.31
CA ASN D 263 11.54 -36.85 4.32
C ASN D 263 10.58 -37.93 4.82
N GLU D 264 11.07 -38.85 5.67
CA GLU D 264 10.24 -39.94 6.21
C GLU D 264 9.39 -39.56 7.43
N CYS D 265 9.90 -38.65 8.26
CA CYS D 265 9.22 -38.29 9.50
C CYS D 265 8.76 -36.82 9.59
N TYR D 266 9.71 -35.89 9.50
CA TYR D 266 9.44 -34.47 9.69
C TYR D 266 8.33 -33.91 8.78
N ILE D 267 8.52 -34.02 7.47
CA ILE D 267 7.56 -33.50 6.50
C ILE D 267 6.17 -34.15 6.63
N PRO D 268 6.10 -35.50 6.58
CA PRO D 268 4.83 -36.16 6.83
C PRO D 268 4.17 -35.76 8.16
N ASP D 269 4.94 -35.68 9.24
CA ASP D 269 4.39 -35.22 10.52
C ASP D 269 3.87 -33.79 10.40
N LEU D 270 4.62 -32.95 9.70
CA LEU D 270 4.27 -31.54 9.50
C LEU D 270 2.96 -31.43 8.77
N LEU D 271 2.78 -32.29 7.77
CA LEU D 271 1.58 -32.27 6.92
C LEU D 271 0.39 -32.86 7.64
N ALA D 272 0.61 -33.95 8.39
CA ALA D 272 -0.45 -34.61 9.14
C ALA D 272 -1.01 -33.62 10.15
N VAL D 273 -0.12 -32.99 10.89
CA VAL D 273 -0.49 -31.92 11.81
C VAL D 273 -1.23 -30.80 11.07
N ALA D 274 -0.62 -30.27 10.02
CA ALA D 274 -1.20 -29.16 9.27
C ALA D 274 -2.62 -29.51 8.80
N GLY D 275 -2.83 -30.75 8.38
CA GLY D 275 -4.15 -31.22 7.98
C GLY D 275 -5.21 -31.13 9.07
N PHE D 276 -4.82 -31.42 10.31
CA PHE D 276 -5.74 -31.35 11.45
C PHE D 276 -5.98 -29.91 11.93
N TYR D 277 -4.98 -29.05 11.77
CA TYR D 277 -5.11 -27.67 12.23
C TYR D 277 -5.29 -26.68 11.09
N LYS D 278 -6.09 -27.04 10.10
CA LYS D 278 -6.31 -26.17 8.94
C LYS D 278 -6.80 -24.76 9.31
N ASP D 279 -7.56 -24.65 10.39
CA ASP D 279 -8.02 -23.36 10.87
C ASP D 279 -6.86 -22.39 11.18
N TRP D 280 -5.71 -22.95 11.56
CA TRP D 280 -4.53 -22.16 11.84
C TRP D 280 -3.91 -21.52 10.59
N GLY D 281 -4.52 -21.80 9.44
CA GLY D 281 -4.19 -21.10 8.21
C GLY D 281 -4.80 -19.70 8.15
N GLY D 282 -5.75 -19.42 9.05
CA GLY D 282 -6.38 -18.11 9.09
C GLY D 282 -5.98 -17.32 10.31
N ILE D 283 -4.91 -17.74 10.98
CA ILE D 283 -4.49 -17.16 12.24
C ILE D 283 -2.99 -16.84 12.17
N GLY D 284 -2.64 -15.66 12.68
CA GLY D 284 -1.24 -15.25 12.87
C GLY D 284 -0.49 -14.82 11.62
N GLY D 285 -1.22 -14.26 10.65
CA GLY D 285 -0.62 -13.73 9.43
C GLY D 285 -0.04 -12.33 9.61
N THR D 286 1.04 -12.03 8.89
CA THR D 286 1.58 -10.66 8.77
C THR D 286 1.65 -10.28 7.28
N SER D 287 2.19 -9.10 6.96
CA SER D 287 2.08 -8.58 5.58
C SER D 287 3.40 -8.37 4.81
N ASN D 288 4.49 -8.13 5.55
CA ASN D 288 5.76 -7.72 4.97
C ASN D 288 6.86 -8.74 5.24
N TYR D 289 7.63 -9.05 4.19
CA TYR D 289 8.66 -10.08 4.29
C TYR D 289 9.99 -9.60 3.76
N LEU D 290 11.06 -9.92 4.49
CA LEU D 290 12.42 -9.57 4.07
C LEU D 290 13.36 -10.78 4.13
N ALA D 291 14.20 -10.89 3.10
CA ALA D 291 15.29 -11.88 3.10
C ALA D 291 16.55 -11.30 2.47
N PHE D 292 17.70 -11.68 3.02
CA PHE D 292 18.98 -11.33 2.46
C PHE D 292 19.46 -12.41 1.51
N GLY D 293 18.81 -13.56 1.57
CA GLY D 293 19.18 -14.68 0.73
C GLY D 293 20.30 -15.49 1.36
N GLU D 294 20.44 -16.74 0.91
CA GLU D 294 21.51 -17.59 1.41
C GLU D 294 21.88 -18.61 0.34
N PHE D 295 23.06 -19.22 0.50
CA PHE D 295 23.55 -20.17 -0.50
C PHE D 295 23.82 -19.48 -1.84
N ALA D 296 24.62 -18.42 -1.77
CA ALA D 296 25.05 -17.66 -2.93
C ALA D 296 26.16 -18.41 -3.64
N THR D 297 26.19 -18.26 -4.95
CA THR D 297 27.24 -18.80 -5.79
C THR D 297 28.38 -17.75 -5.92
N ASP D 298 28.09 -16.53 -5.53
CA ASP D 298 29.09 -15.45 -5.53
C ASP D 298 28.96 -14.65 -4.24
N ASP D 299 29.88 -14.89 -3.30
CA ASP D 299 29.90 -14.18 -2.03
C ASP D 299 31.08 -13.21 -1.99
N SER D 300 31.42 -12.62 -3.13
CA SER D 300 32.55 -11.71 -3.22
C SER D 300 32.27 -10.37 -2.55
N SER D 301 30.98 -10.05 -2.36
CA SER D 301 30.51 -8.82 -1.72
C SER D 301 29.06 -8.98 -1.28
N PRO D 302 28.56 -8.08 -0.43
CA PRO D 302 27.15 -8.14 0.00
C PRO D 302 26.21 -8.01 -1.20
N GLU D 303 26.59 -7.15 -2.16
CA GLU D 303 25.83 -6.93 -3.38
C GLU D 303 25.69 -8.23 -4.17
N LYS D 304 26.77 -9.01 -4.22
CA LYS D 304 26.80 -10.28 -4.93
C LYS D 304 26.06 -11.37 -4.16
N HIS D 305 26.13 -11.30 -2.84
CA HIS D 305 25.36 -12.22 -2.02
C HIS D 305 23.86 -12.02 -2.25
N LEU D 306 23.42 -10.76 -2.16
CA LEU D 306 22.02 -10.45 -2.41
C LEU D 306 21.54 -10.94 -3.79
N ALA D 307 22.41 -10.87 -4.80
CA ALA D 307 21.96 -11.15 -6.15
C ALA D 307 22.07 -12.63 -6.51
N THR D 308 23.03 -13.34 -5.93
CA THR D 308 23.31 -14.70 -6.37
C THR D 308 22.87 -15.80 -5.39
N SER D 309 22.25 -15.40 -4.28
CA SER D 309 21.69 -16.34 -3.30
C SER D 309 20.70 -17.29 -3.96
N GLN D 310 20.96 -18.59 -3.85
CA GLN D 310 20.07 -19.61 -4.42
C GLN D 310 18.73 -19.66 -3.70
N PHE D 311 18.72 -19.33 -2.40
CA PHE D 311 17.49 -18.94 -1.71
C PHE D 311 17.49 -17.42 -1.80
N PRO D 312 16.75 -16.85 -2.77
CA PRO D 312 16.94 -15.46 -3.17
C PRO D 312 16.59 -14.45 -2.08
N SER D 313 17.18 -13.26 -2.20
CA SER D 313 16.87 -12.12 -1.37
C SER D 313 15.67 -11.37 -1.97
N GLY D 314 15.06 -10.49 -1.18
CA GLY D 314 14.00 -9.65 -1.69
C GLY D 314 13.17 -9.04 -0.60
N VAL D 315 12.21 -8.19 -1.01
CA VAL D 315 11.30 -7.56 -0.08
C VAL D 315 9.88 -7.62 -0.61
N ILE D 316 9.00 -8.20 0.19
CA ILE D 316 7.59 -8.23 -0.11
C ILE D 316 6.88 -7.35 0.90
N THR D 317 6.00 -6.50 0.39
CA THR D 317 5.19 -5.60 1.20
C THR D 317 3.72 -5.83 0.88
N GLY D 318 2.89 -5.82 1.91
CA GLY D 318 1.46 -5.99 1.77
C GLY D 318 1.03 -7.26 1.05
N ARG D 319 1.74 -8.36 1.33
CA ARG D 319 1.44 -9.70 0.75
C ARG D 319 1.39 -9.69 -0.77
N ASP D 320 1.98 -8.67 -1.37
CA ASP D 320 1.98 -8.56 -2.81
C ASP D 320 3.09 -9.41 -3.42
N LEU D 321 2.76 -10.65 -3.79
CA LEU D 321 3.72 -11.56 -4.43
C LEU D 321 4.06 -11.17 -5.88
N GLY D 322 3.34 -10.20 -6.43
CA GLY D 322 3.66 -9.70 -7.76
C GLY D 322 4.74 -8.63 -7.79
N LYS D 323 5.25 -8.25 -6.62
CA LYS D 323 6.26 -7.19 -6.56
C LYS D 323 7.32 -7.41 -5.47
N VAL D 324 8.33 -8.20 -5.80
CA VAL D 324 9.44 -8.46 -4.90
C VAL D 324 10.54 -7.44 -5.21
N ASP D 325 10.82 -6.55 -4.25
CA ASP D 325 11.79 -5.49 -4.45
C ASP D 325 13.17 -5.98 -4.06
N ASN D 326 14.19 -5.36 -4.63
CA ASN D 326 15.55 -5.58 -4.18
C ASN D 326 15.72 -5.02 -2.79
N VAL D 327 16.63 -5.63 -2.03
CA VAL D 327 16.93 -5.16 -0.68
C VAL D 327 17.82 -3.91 -0.75
N ASP D 328 17.38 -2.87 -0.05
CA ASP D 328 18.11 -1.61 0.07
C ASP D 328 18.75 -1.58 1.47
N LEU D 329 20.03 -1.85 1.56
CA LEU D 329 20.69 -1.88 2.87
C LEU D 329 20.72 -0.51 3.55
N GLY D 330 20.62 0.55 2.75
CA GLY D 330 20.56 1.90 3.30
C GLY D 330 19.26 2.24 4.01
N ALA D 331 18.24 1.43 3.82
CA ALA D 331 16.88 1.72 4.31
C ALA D 331 16.53 0.97 5.60
N ILE D 332 17.48 0.18 6.09
CA ILE D 332 17.35 -0.46 7.38
C ILE D 332 17.75 0.51 8.47
N TYR D 333 16.97 0.54 9.53
CA TYR D 333 17.34 1.25 10.72
C TYR D 333 16.72 0.59 11.95
N GLU D 334 17.15 1.02 13.12
CA GLU D 334 16.58 0.49 14.35
C GLU D 334 16.00 1.59 15.23
N ASP D 335 14.77 1.41 15.69
CA ASP D 335 14.20 2.29 16.70
C ASP D 335 14.39 1.75 18.11
N VAL D 336 14.32 2.64 19.09
CA VAL D 336 14.46 2.25 20.49
C VAL D 336 13.37 2.87 21.34
N LYS D 337 12.41 3.54 20.70
CA LYS D 337 11.35 4.24 21.41
C LYS D 337 10.65 3.39 22.49
N TYR D 338 10.40 2.11 22.18
CA TYR D 338 9.70 1.21 23.11
C TYR D 338 10.64 0.18 23.71
N SER D 339 11.94 0.45 23.61
CA SER D 339 12.96 -0.48 24.08
C SER D 339 13.69 0.10 25.29
N TRP D 340 14.41 -0.77 25.99
CA TRP D 340 15.18 -0.37 27.16
C TRP D 340 16.54 0.19 26.77
N TYR D 341 16.50 1.27 25.98
CA TYR D 341 17.66 2.08 25.64
C TYR D 341 17.38 3.56 25.88
N ALA D 342 18.44 4.36 25.96
CA ALA D 342 18.25 5.79 26.14
C ALA D 342 17.42 6.34 24.99
N PRO D 343 16.29 7.00 25.31
CA PRO D 343 15.52 7.73 24.31
C PRO D 343 16.38 8.67 23.46
N GLY D 344 15.93 8.90 22.21
CA GLY D 344 16.67 9.71 21.24
C GLY D 344 17.63 8.90 20.38
N GLY D 345 17.55 7.56 20.48
CA GLY D 345 18.36 6.64 19.66
C GLY D 345 17.61 6.02 18.49
N ASP D 346 16.47 6.62 18.16
CA ASP D 346 15.62 6.17 17.06
C ASP D 346 16.22 6.41 15.70
N GLY D 347 15.83 5.54 14.75
CA GLY D 347 16.11 5.74 13.34
C GLY D 347 17.57 5.68 12.96
N LYS D 348 18.34 4.85 13.68
CA LYS D 348 19.75 4.67 13.37
C LYS D 348 19.97 3.53 12.39
N HIS D 349 20.61 3.86 11.28
CA HIS D 349 21.17 2.85 10.39
C HIS D 349 22.25 2.12 11.19
N PRO D 350 22.36 0.80 11.04
CA PRO D 350 23.31 0.03 11.84
C PRO D 350 24.74 0.55 11.84
N TYR D 351 25.19 1.19 10.75
CA TYR D 351 26.57 1.74 10.74
C TYR D 351 26.73 2.86 11.76
N ASP D 352 25.61 3.47 12.13
CA ASP D 352 25.54 4.54 13.12
C ASP D 352 24.84 4.04 14.39
N GLY D 353 24.76 2.71 14.52
CA GLY D 353 24.06 2.13 15.65
C GLY D 353 24.59 2.57 17.01
N VAL D 354 23.67 2.74 17.95
CA VAL D 354 23.97 3.11 19.32
C VAL D 354 23.33 2.08 20.25
N THR D 355 24.11 1.59 21.21
CA THR D 355 23.62 0.61 22.19
C THR D 355 23.85 1.14 23.59
N ASP D 356 22.81 1.83 24.08
CA ASP D 356 22.87 2.61 25.30
C ASP D 356 21.81 2.10 26.28
N PRO D 357 22.08 0.98 26.96
CA PRO D 357 20.98 0.32 27.71
C PRO D 357 20.41 1.20 28.82
N LYS D 358 19.10 1.15 28.99
CA LYS D 358 18.43 1.93 30.00
C LYS D 358 17.12 1.23 30.34
N TYR D 359 17.14 0.53 31.47
CA TYR D 359 15.96 -0.18 31.95
C TYR D 359 15.00 0.74 32.69
N THR D 360 13.72 0.42 32.59
CA THR D 360 12.72 1.16 33.35
C THR D 360 12.09 0.23 34.41
N LYS D 361 11.07 -0.51 34.00
CA LYS D 361 10.38 -1.45 34.88
C LYS D 361 9.62 -2.42 34.01
N LEU D 362 9.26 -3.56 34.59
CA LEU D 362 8.44 -4.59 33.94
C LEU D 362 7.06 -4.04 33.56
N ASP D 363 6.65 -4.36 32.34
CA ASP D 363 5.32 -3.99 31.84
C ASP D 363 5.10 -2.47 31.83
N ASP D 364 6.16 -1.75 31.49
CA ASP D 364 6.11 -0.35 31.19
C ASP D 364 5.75 -0.30 29.73
N LYS D 365 4.52 0.12 29.44
CA LYS D 365 4.01 0.09 28.07
C LYS D 365 4.84 0.92 27.10
N ASP D 366 5.60 1.87 27.64
CA ASP D 366 6.41 2.74 26.82
C ASP D 366 7.82 2.21 26.60
N HIS D 367 8.24 1.24 27.41
CA HIS D 367 9.60 0.70 27.36
C HIS D 367 9.50 -0.69 27.96
N TYR D 368 9.46 -1.70 27.10
CA TYR D 368 9.08 -3.04 27.50
C TYR D 368 9.92 -4.15 26.86
N SER D 369 11.04 -3.80 26.22
CA SER D 369 11.89 -4.81 25.64
C SER D 369 13.36 -4.41 25.55
N TRP D 370 14.24 -5.40 25.73
CA TRP D 370 15.68 -5.26 25.47
C TRP D 370 16.03 -5.33 24.00
N MET D 371 15.12 -5.84 23.18
CA MET D 371 15.28 -5.78 21.73
C MET D 371 15.03 -4.38 21.19
N LYS D 372 15.85 -4.00 20.22
CA LYS D 372 15.55 -2.82 19.42
C LYS D 372 14.44 -3.18 18.41
N ALA D 373 13.93 -2.17 17.71
CA ALA D 373 12.88 -2.39 16.73
C ALA D 373 13.44 -2.06 15.33
N PRO D 374 13.89 -3.10 14.60
CA PRO D 374 14.39 -2.86 13.26
C PRO D 374 13.22 -2.58 12.31
N ARG D 375 13.40 -1.63 11.41
CA ARG D 375 12.36 -1.23 10.50
C ARG D 375 12.99 -0.96 9.16
N TYR D 376 12.20 -1.14 8.11
CA TYR D 376 12.67 -0.98 6.76
C TYR D 376 11.74 0.03 6.15
N LYS D 377 12.24 1.25 5.95
CA LYS D 377 11.44 2.38 5.44
C LYS D 377 10.18 2.60 6.29
N GLY D 378 10.32 2.34 7.59
CA GLY D 378 9.26 2.56 8.56
C GLY D 378 8.25 1.42 8.67
N LYS D 379 8.63 0.27 8.13
CA LYS D 379 7.75 -0.90 8.12
C LYS D 379 8.40 -2.06 8.83
N ALA D 380 7.62 -2.76 9.63
CA ALA D 380 8.09 -3.95 10.33
C ALA D 380 8.22 -5.03 9.29
N MET D 381 9.20 -5.91 9.44
CA MET D 381 9.39 -6.98 8.45
C MET D 381 9.47 -8.33 9.10
N GLU D 382 8.69 -9.27 8.59
CA GLU D 382 8.84 -10.65 8.98
C GLU D 382 10.01 -11.27 8.19
N VAL D 383 10.87 -11.97 8.91
CA VAL D 383 11.98 -12.66 8.28
C VAL D 383 11.91 -14.14 8.65
N GLY D 384 12.64 -14.96 7.88
CA GLY D 384 12.75 -16.37 8.20
C GLY D 384 12.20 -17.26 7.11
N PRO D 385 11.95 -18.54 7.45
CA PRO D 385 11.51 -19.52 6.45
C PRO D 385 10.32 -19.05 5.63
N LEU D 386 9.30 -18.48 6.29
CA LEU D 386 8.12 -18.01 5.57
C LEU D 386 8.44 -16.86 4.60
N ALA D 387 9.20 -15.88 5.06
CA ALA D 387 9.69 -14.80 4.19
C ALA D 387 10.45 -15.40 3.01
N ARG D 388 11.44 -16.23 3.30
CA ARG D 388 12.22 -16.85 2.24
C ARG D 388 11.33 -17.60 1.25
N THR D 389 10.36 -18.34 1.77
CA THR D 389 9.51 -19.20 0.96
C THR D 389 8.64 -18.38 0.00
N PHE D 390 8.06 -17.28 0.52
CA PHE D 390 7.27 -16.37 -0.30
C PHE D 390 8.11 -15.69 -1.36
N ILE D 391 9.30 -15.23 -0.98
CA ILE D 391 10.20 -14.53 -1.89
C ILE D 391 10.67 -15.46 -3.02
N ALA D 392 11.11 -16.65 -2.65
CA ALA D 392 11.53 -17.66 -3.60
C ALA D 392 10.35 -18.08 -4.51
N TYR D 393 9.18 -18.24 -3.91
CA TYR D 393 8.00 -18.69 -4.65
C TYR D 393 7.58 -17.62 -5.64
N ALA D 394 7.53 -16.37 -5.18
CA ALA D 394 7.19 -15.24 -6.04
C ALA D 394 8.17 -15.14 -7.21
N LYS D 395 9.44 -15.44 -6.96
CA LYS D 395 10.47 -15.31 -7.98
C LYS D 395 10.56 -16.54 -8.86
N GLY D 396 9.75 -17.56 -8.57
CA GLY D 396 9.69 -18.75 -9.40
C GLY D 396 10.90 -19.66 -9.21
N GLN D 397 11.48 -19.63 -8.02
CA GLN D 397 12.57 -20.54 -7.69
C GLN D 397 12.02 -21.97 -7.78
N PRO D 398 12.58 -22.80 -8.68
CA PRO D 398 11.96 -24.06 -9.11
C PRO D 398 11.69 -25.02 -7.95
N ASP D 399 12.68 -25.15 -7.05
CA ASP D 399 12.55 -26.06 -5.91
C ASP D 399 11.42 -25.62 -4.99
N PHE D 400 11.43 -24.34 -4.59
CA PHE D 400 10.36 -23.78 -3.77
C PHE D 400 8.98 -23.90 -4.46
N LYS D 401 8.94 -23.63 -5.78
CA LYS D 401 7.70 -23.72 -6.54
C LYS D 401 7.11 -25.13 -6.42
N LYS D 402 7.97 -26.14 -6.64
CA LYS D 402 7.62 -27.56 -6.56
C LYS D 402 7.18 -28.01 -5.16
N VAL D 403 7.89 -27.57 -4.12
CA VAL D 403 7.55 -28.03 -2.77
C VAL D 403 6.35 -27.29 -2.17
N VAL D 404 6.20 -26.01 -2.48
CA VAL D 404 5.07 -25.24 -1.97
C VAL D 404 3.79 -25.87 -2.53
N ASP D 405 3.75 -26.05 -3.85
CA ASP D 405 2.60 -26.65 -4.52
C ASP D 405 2.28 -28.06 -4.00
N MET D 406 3.30 -28.82 -3.61
CA MET D 406 3.09 -30.16 -3.08
C MET D 406 2.34 -30.06 -1.76
N VAL D 407 2.68 -29.05 -0.97
CA VAL D 407 2.01 -28.82 0.29
C VAL D 407 0.61 -28.25 0.06
N LEU D 408 0.51 -27.19 -0.74
CA LEU D 408 -0.79 -26.59 -1.05
C LEU D 408 -1.74 -27.66 -1.60
N GLY D 409 -1.21 -28.50 -2.48
CA GLY D 409 -1.95 -29.65 -3.04
C GLY D 409 -2.34 -30.63 -1.94
N LYS D 410 -1.38 -30.99 -1.09
CA LYS D 410 -1.65 -31.90 0.02
C LYS D 410 -2.74 -31.32 0.94
N LEU D 411 -2.59 -30.06 1.31
CA LEU D 411 -3.50 -29.41 2.27
C LEU D 411 -4.80 -28.83 1.65
N SER D 412 -4.92 -28.88 0.33
CA SER D 412 -6.02 -28.22 -0.40
C SER D 412 -6.33 -26.80 0.10
N VAL D 413 -5.31 -25.95 0.13
CA VAL D 413 -5.47 -24.54 0.50
C VAL D 413 -4.76 -23.65 -0.51
N PRO D 414 -5.19 -22.37 -0.64
CA PRO D 414 -4.53 -21.48 -1.61
C PRO D 414 -3.28 -20.90 -0.96
N ALA D 415 -2.36 -20.38 -1.76
CA ALA D 415 -1.07 -19.93 -1.25
C ALA D 415 -1.25 -18.83 -0.20
N THR D 416 -2.36 -18.09 -0.30
CA THR D 416 -2.69 -17.03 0.64
C THR D 416 -2.91 -17.59 2.05
N ALA D 417 -3.13 -18.89 2.12
CA ALA D 417 -3.26 -19.59 3.39
C ALA D 417 -1.91 -19.70 4.10
N LEU D 418 -0.83 -19.43 3.37
CA LEU D 418 0.51 -19.50 3.94
C LEU D 418 0.84 -18.27 4.78
N HIS D 419 0.06 -17.19 4.60
CA HIS D 419 0.21 -15.99 5.42
C HIS D 419 -0.41 -16.21 6.82
N SER D 420 0.24 -17.03 7.65
CA SER D 420 -0.40 -17.50 8.88
C SER D 420 0.57 -18.31 9.70
N THR D 421 0.13 -18.69 10.91
CA THR D 421 0.96 -19.48 11.82
C THR D 421 1.18 -20.88 11.25
N LEU D 422 0.17 -21.39 10.55
CA LEU D 422 0.27 -22.67 9.85
C LEU D 422 1.33 -22.58 8.75
N GLY D 423 1.22 -21.56 7.89
CA GLY D 423 2.15 -21.33 6.79
C GLY D 423 3.56 -21.20 7.33
N ARG D 424 3.71 -20.40 8.37
CA ARG D 424 5.00 -20.14 8.99
C ARG D 424 5.68 -21.43 9.44
N THR D 425 4.87 -22.34 10.00
CA THR D 425 5.33 -23.63 10.48
C THR D 425 5.68 -24.53 9.28
N ALA D 426 4.82 -24.54 8.28
CA ALA D 426 5.01 -25.35 7.08
C ALA D 426 6.21 -24.85 6.27
N ALA D 427 6.38 -23.53 6.17
CA ALA D 427 7.52 -22.96 5.45
C ALA D 427 8.83 -23.52 5.96
N ARG D 428 8.95 -23.64 7.29
CA ARG D 428 10.16 -24.19 7.92
C ARG D 428 10.51 -25.58 7.42
N GLY D 429 9.50 -26.45 7.29
CA GLY D 429 9.70 -27.77 6.72
C GLY D 429 9.98 -27.72 5.22
N ILE D 430 9.25 -26.87 4.50
CA ILE D 430 9.44 -26.73 3.06
C ILE D 430 10.91 -26.52 2.76
N GLU D 431 11.52 -25.52 3.38
CA GLU D 431 12.92 -25.22 3.10
C GLU D 431 13.89 -26.29 3.60
N THR D 432 13.53 -26.99 4.67
CA THR D 432 14.35 -28.10 5.15
C THR D 432 14.45 -29.17 4.06
N ALA D 433 13.31 -29.53 3.46
CA ALA D 433 13.26 -30.50 2.36
C ALA D 433 14.10 -30.06 1.14
N ILE D 434 14.15 -28.75 0.92
CA ILE D 434 14.90 -28.19 -0.21
C ILE D 434 16.41 -28.18 0.06
N VAL D 435 16.82 -27.76 1.25
CA VAL D 435 18.21 -27.89 1.66
C VAL D 435 18.61 -29.35 1.46
N CYS D 436 17.79 -30.26 1.99
CA CYS D 436 18.05 -31.67 1.84
C CYS D 436 18.26 -32.12 0.39
N ALA D 437 17.41 -31.61 -0.51
CA ALA D 437 17.48 -32.00 -1.91
C ALA D 437 18.76 -31.51 -2.57
N ASN D 438 19.41 -30.55 -1.92
CA ASN D 438 20.57 -29.86 -2.47
C ASN D 438 21.91 -30.32 -1.91
N MET D 439 21.89 -31.05 -0.81
CA MET D 439 23.10 -31.41 -0.09
C MET D 439 24.12 -32.16 -0.95
N GLU D 440 23.66 -33.21 -1.62
CA GLU D 440 24.52 -34.04 -2.41
C GLU D 440 25.23 -33.25 -3.50
N LYS D 441 24.49 -32.38 -4.18
CA LYS D 441 25.09 -31.54 -5.23
C LYS D 441 26.17 -30.62 -4.65
N TRP D 442 25.81 -29.90 -3.60
CA TRP D 442 26.74 -29.02 -2.92
C TRP D 442 27.98 -29.74 -2.41
N ILE D 443 27.79 -30.87 -1.77
CA ILE D 443 28.90 -31.67 -1.24
C ILE D 443 29.85 -32.09 -2.37
N LYS D 444 29.26 -32.64 -3.43
CA LYS D 444 29.97 -33.04 -4.65
C LYS D 444 30.75 -31.91 -5.32
N GLU D 445 30.16 -30.72 -5.32
CA GLU D 445 30.80 -29.54 -5.87
C GLU D 445 32.11 -29.30 -5.12
N MET D 446 32.02 -29.31 -3.79
CA MET D 446 33.15 -29.01 -2.93
C MET D 446 34.19 -30.13 -2.91
N ALA D 447 33.71 -31.36 -2.84
CA ALA D 447 34.58 -32.53 -2.86
C ALA D 447 35.47 -32.46 -4.10
N ASP D 448 34.84 -32.15 -5.23
CA ASP D 448 35.52 -32.02 -6.52
C ASP D 448 36.50 -30.85 -6.55
N SER D 449 36.06 -29.67 -6.14
CA SER D 449 36.91 -28.49 -6.11
C SER D 449 38.13 -28.67 -5.19
N GLY D 450 37.87 -29.19 -3.98
CA GLY D 450 38.90 -29.38 -2.95
C GLY D 450 39.93 -30.42 -3.30
N ALA D 451 39.54 -31.39 -4.13
CA ALA D 451 40.45 -32.41 -4.65
C ALA D 451 41.40 -31.87 -5.73
N LYS D 452 40.92 -30.94 -6.55
CA LYS D 452 41.73 -30.26 -7.55
C LYS D 452 42.67 -29.25 -6.90
N ASP D 453 42.11 -28.31 -6.16
CA ASP D 453 42.91 -27.25 -5.53
C ASP D 453 42.30 -26.90 -4.18
N ASN D 454 43.11 -27.05 -3.13
CA ASN D 454 42.61 -26.93 -1.75
C ASN D 454 42.83 -25.55 -1.10
N THR D 455 42.97 -24.51 -1.93
CA THR D 455 42.98 -23.15 -1.45
C THR D 455 41.72 -22.89 -0.61
N LEU D 456 41.90 -22.32 0.58
CA LEU D 456 40.78 -22.20 1.50
C LEU D 456 40.71 -20.84 2.20
N CYS D 457 41.80 -20.09 2.13
CA CYS D 457 41.89 -18.82 2.82
C CYS D 457 42.72 -17.84 1.97
N ALA D 458 42.22 -16.62 1.80
CA ALA D 458 42.88 -15.60 0.98
C ALA D 458 43.78 -14.71 1.82
N LYS D 459 44.77 -14.11 1.16
CA LYS D 459 45.61 -13.11 1.81
C LYS D 459 44.84 -11.82 1.92
N TRP D 460 45.09 -11.06 2.98
CA TRP D 460 44.35 -9.84 3.28
C TRP D 460 45.19 -8.93 4.15
N GLU D 461 44.86 -7.64 4.13
CA GLU D 461 45.52 -6.69 5.01
C GLU D 461 44.48 -5.93 5.83
N MET D 462 44.82 -5.64 7.09
CA MET D 462 43.93 -4.89 7.97
C MET D 462 44.01 -3.39 7.67
N PRO D 463 42.90 -2.76 7.28
CA PRO D 463 42.96 -1.34 6.95
C PRO D 463 42.89 -0.49 8.24
N GLU D 464 43.43 0.73 8.20
CA GLU D 464 43.34 1.62 9.37
C GLU D 464 41.88 1.96 9.67
N GLU D 465 41.16 2.34 8.62
CA GLU D 465 39.79 2.82 8.75
C GLU D 465 38.91 2.22 7.65
N SER D 466 37.75 1.69 8.02
CA SER D 466 36.90 1.01 7.06
C SER D 466 35.54 0.66 7.63
N LYS D 467 34.63 0.22 6.77
CA LYS D 467 33.34 -0.32 7.19
C LYS D 467 32.92 -1.51 6.32
N GLY D 468 32.06 -2.36 6.88
CA GLY D 468 31.70 -3.60 6.24
C GLY D 468 30.42 -4.17 6.80
N VAL D 469 29.73 -4.95 5.99
CA VAL D 469 28.50 -5.61 6.38
C VAL D 469 28.56 -7.06 5.89
N GLY D 470 28.22 -7.98 6.78
CA GLY D 470 28.11 -9.38 6.48
C GLY D 470 26.65 -9.72 6.60
N LEU D 471 26.13 -10.30 5.54
CA LEU D 471 24.75 -10.72 5.49
C LEU D 471 24.69 -12.23 5.46
N ALA D 472 23.63 -12.74 6.07
CA ALA D 472 23.28 -14.15 5.98
C ALA D 472 21.77 -14.26 6.17
N ASP D 473 21.18 -15.33 5.63
CA ASP D 473 19.87 -15.74 6.07
C ASP D 473 20.05 -16.95 6.96
N ALA D 474 20.09 -16.69 8.26
CA ALA D 474 20.12 -17.75 9.26
C ALA D 474 18.80 -18.56 9.25
N PRO D 475 18.75 -19.69 9.99
CA PRO D 475 17.50 -20.50 10.02
C PRO D 475 16.28 -19.66 10.40
N ARG D 476 16.48 -18.61 11.19
CA ARG D 476 15.40 -17.69 11.59
C ARG D 476 15.20 -16.44 10.72
N GLY D 477 16.15 -16.18 9.82
CA GLY D 477 15.96 -15.14 8.82
C GLY D 477 17.12 -14.18 8.63
N ALA D 478 16.81 -13.03 8.04
CA ALA D 478 17.83 -12.06 7.62
C ALA D 478 18.71 -11.54 8.78
N LEU D 479 20.00 -11.88 8.72
CA LEU D 479 20.98 -11.50 9.73
C LEU D 479 22.04 -10.59 9.12
N SER D 480 22.41 -9.53 9.83
CA SER D 480 23.44 -8.63 9.36
C SER D 480 24.32 -8.14 10.52
N HIS D 481 25.62 -8.10 10.25
CA HIS D 481 26.60 -7.60 11.16
C HIS D 481 27.22 -6.44 10.41
N TRP D 482 27.45 -5.35 11.12
CA TRP D 482 27.88 -4.09 10.56
C TRP D 482 29.04 -3.58 11.40
N ILE D 483 30.19 -3.43 10.76
CA ILE D 483 31.38 -3.01 11.48
C ILE D 483 31.88 -1.67 10.96
N ARG D 484 32.30 -0.81 11.89
CA ARG D 484 33.18 0.29 11.56
C ARG D 484 34.54 0.00 12.19
N ILE D 485 35.60 0.07 11.39
CA ILE D 485 36.97 -0.09 11.86
C ILE D 485 37.64 1.27 11.87
N LYS D 486 38.39 1.55 12.93
CA LYS D 486 39.04 2.83 13.10
C LYS D 486 40.27 2.56 13.96
N GLY D 487 41.44 2.98 13.47
CA GLY D 487 42.71 2.67 14.13
C GLY D 487 42.94 1.17 14.22
N LYS D 488 42.45 0.44 13.21
CA LYS D 488 42.62 -1.02 13.06
C LYS D 488 41.88 -1.79 14.14
N LYS D 489 40.95 -1.11 14.81
CA LYS D 489 40.19 -1.68 15.92
C LYS D 489 38.71 -1.52 15.64
N ILE D 490 37.88 -2.24 16.38
CA ILE D 490 36.44 -2.08 16.24
C ILE D 490 36.01 -0.75 16.85
N ASP D 491 35.46 0.12 15.99
CA ASP D 491 34.91 1.40 16.42
C ASP D 491 33.42 1.28 16.72
N ASN D 492 32.73 0.50 15.89
CA ASN D 492 31.34 0.20 16.07
C ASN D 492 31.10 -1.16 15.46
N PHE D 493 30.27 -1.94 16.13
CA PHE D 493 29.86 -3.24 15.66
C PHE D 493 28.42 -3.43 16.10
N GLN D 494 27.54 -3.55 15.12
CA GLN D 494 26.14 -3.70 15.43
C GLN D 494 25.63 -4.98 14.81
N LEU D 495 24.85 -5.73 15.58
CA LEU D 495 24.20 -6.93 15.08
C LEU D 495 22.75 -6.56 14.90
N VAL D 496 22.18 -6.94 13.75
CA VAL D 496 20.74 -6.84 13.51
C VAL D 496 20.28 -8.23 13.10
N VAL D 497 19.52 -8.84 14.00
CA VAL D 497 19.31 -10.28 14.02
C VAL D 497 17.86 -10.63 13.70
N PRO D 498 17.62 -11.78 13.03
CA PRO D 498 16.25 -12.11 12.58
C PRO D 498 15.20 -11.99 13.70
N SER D 499 15.50 -12.53 14.88
CA SER D 499 14.57 -12.44 16.00
C SER D 499 14.34 -10.98 16.43
N THR D 500 15.33 -10.10 16.19
CA THR D 500 15.11 -8.66 16.42
C THR D 500 14.00 -8.13 15.48
N TRP D 501 14.07 -8.52 14.21
CA TRP D 501 13.05 -8.14 13.23
C TRP D 501 11.67 -8.65 13.65
N ASN D 502 11.61 -9.95 13.98
CA ASN D 502 10.35 -10.66 14.22
C ASN D 502 9.75 -10.37 15.58
N LEU D 503 10.60 -10.35 16.61
CA LEU D 503 10.10 -10.33 17.97
C LEU D 503 10.42 -9.07 18.76
N GLY D 504 10.93 -8.05 18.07
CA GLY D 504 11.23 -6.75 18.69
C GLY D 504 9.94 -6.06 19.14
N PRO D 505 10.06 -4.94 19.88
CA PRO D 505 8.88 -4.20 20.28
C PRO D 505 8.36 -3.30 19.14
N ARG D 506 7.45 -2.40 19.47
CA ARG D 506 6.93 -1.43 18.52
C ARG D 506 8.06 -0.48 18.04
N GLY D 507 7.92 0.04 16.83
CA GLY D 507 8.84 1.04 16.31
C GLY D 507 8.47 2.44 16.79
N ALA D 508 9.16 3.44 16.26
CA ALA D 508 9.01 4.81 16.73
C ALA D 508 7.64 5.36 16.39
N GLN D 509 6.93 4.73 15.44
CA GLN D 509 5.55 5.17 15.15
C GLN D 509 4.52 4.37 15.97
N GLY D 510 4.99 3.57 16.91
CA GLY D 510 4.12 2.75 17.74
C GLY D 510 3.58 1.54 17.00
N ASP D 511 4.20 1.22 15.87
CA ASP D 511 3.77 0.13 14.98
C ASP D 511 4.26 -1.21 15.52
N LYS D 512 3.32 -2.13 15.72
CA LYS D 512 3.60 -3.45 16.27
C LYS D 512 4.59 -4.20 15.40
N SER D 513 5.42 -5.01 16.05
CA SER D 513 6.36 -5.92 15.38
C SER D 513 5.60 -7.10 14.78
N PRO D 514 6.29 -7.92 13.96
CA PRO D 514 5.61 -9.07 13.32
C PRO D 514 4.87 -9.98 14.31
N VAL D 515 5.56 -10.47 15.35
CA VAL D 515 4.95 -11.40 16.32
C VAL D 515 3.78 -10.72 17.03
N GLU D 516 3.97 -9.46 17.43
CA GLU D 516 2.90 -8.65 18.00
C GLU D 516 1.68 -8.56 17.09
N GLU D 517 1.91 -8.27 15.82
CA GLU D 517 0.85 -8.27 14.83
C GLU D 517 0.21 -9.66 14.67
N ALA D 518 1.04 -10.69 14.58
CA ALA D 518 0.57 -12.07 14.35
C ALA D 518 -0.34 -12.52 15.47
N LEU D 519 -0.05 -12.05 16.69
CA LEU D 519 -0.83 -12.43 17.86
C LEU D 519 -2.25 -11.86 17.86
N ILE D 520 -2.46 -10.75 17.17
CA ILE D 520 -3.79 -10.15 17.14
C ILE D 520 -4.76 -11.13 16.49
N GLY D 521 -5.85 -11.43 17.18
CA GLY D 521 -6.89 -12.30 16.63
C GLY D 521 -6.70 -13.75 17.04
N THR D 522 -5.71 -13.99 17.91
CA THR D 522 -5.48 -15.33 18.43
C THR D 522 -6.65 -15.70 19.35
N PRO D 523 -7.33 -16.82 19.05
CA PRO D 523 -8.41 -17.28 19.90
C PRO D 523 -7.83 -18.01 21.09
N ILE D 524 -8.45 -17.87 22.25
CA ILE D 524 -7.95 -18.50 23.47
C ILE D 524 -9.04 -19.40 24.01
N ALA D 525 -8.86 -20.71 23.82
CA ALA D 525 -9.82 -21.70 24.25
C ALA D 525 -9.87 -21.81 25.77
N ASP D 526 -8.71 -21.71 26.43
CA ASP D 526 -8.61 -21.85 27.86
C ASP D 526 -7.58 -20.87 28.37
N PRO D 527 -8.03 -19.75 28.96
CA PRO D 527 -7.12 -18.71 29.41
C PRO D 527 -6.10 -19.21 30.43
N LYS D 528 -6.48 -20.20 31.23
CA LYS D 528 -5.57 -20.86 32.17
C LYS D 528 -4.38 -21.53 31.44
N ARG D 529 -4.65 -22.05 30.24
CA ARG D 529 -3.64 -22.82 29.48
C ARG D 529 -3.59 -22.33 28.00
N PRO D 530 -3.02 -21.14 27.75
CA PRO D 530 -3.11 -20.50 26.43
C PRO D 530 -2.11 -21.02 25.42
N VAL D 531 -2.29 -22.26 25.00
CA VAL D 531 -1.41 -22.87 24.03
C VAL D 531 -1.34 -22.08 22.74
N GLU D 532 -2.44 -21.42 22.38
CA GLU D 532 -2.55 -20.70 21.09
C GLU D 532 -1.52 -19.59 20.93
N ILE D 533 -1.24 -18.91 22.04
CA ILE D 533 -0.18 -17.90 22.08
C ILE D 533 1.13 -18.58 21.74
N LEU D 534 1.35 -19.75 22.34
CA LEU D 534 2.59 -20.48 22.15
C LEU D 534 2.75 -20.91 20.71
N ARG D 535 1.64 -21.35 20.11
CA ARG D 535 1.66 -21.78 18.72
C ARG D 535 2.20 -20.71 17.77
N THR D 536 1.68 -19.51 17.91
CA THR D 536 2.08 -18.39 17.07
C THR D 536 3.48 -17.92 17.42
N VAL D 537 3.74 -17.64 18.69
CA VAL D 537 5.09 -17.26 19.12
C VAL D 537 6.13 -18.30 18.64
N HIS D 538 5.86 -19.59 18.91
CA HIS D 538 6.82 -20.66 18.51
C HIS D 538 7.06 -20.73 17.02
N ALA D 539 6.04 -20.42 16.22
CA ALA D 539 6.13 -20.49 14.78
C ALA D 539 7.20 -19.57 14.18
N PHE D 540 7.42 -18.42 14.82
CA PHE D 540 8.55 -17.52 14.53
C PHE D 540 9.91 -18.08 15.00
N ASP D 541 9.89 -19.13 15.83
CA ASP D 541 11.15 -19.77 16.26
C ASP D 541 12.02 -18.70 16.96
N PRO D 542 11.51 -18.12 18.07
CA PRO D 542 12.18 -17.01 18.68
C PRO D 542 13.49 -17.40 19.32
N CYS D 543 14.45 -16.47 19.29
CA CYS D 543 15.74 -16.66 19.87
C CYS D 543 16.11 -15.30 20.49
N ILE D 544 15.96 -15.19 21.81
CA ILE D 544 16.03 -13.91 22.45
C ILE D 544 17.48 -13.48 22.68
N ALA D 545 18.35 -14.47 22.84
CA ALA D 545 19.80 -14.25 22.94
C ALA D 545 20.30 -13.58 21.66
N CYS D 546 19.84 -14.13 20.54
CA CYS D 546 20.03 -13.57 19.21
C CYS D 546 19.42 -12.18 19.11
N GLY D 547 18.15 -12.06 19.51
CA GLY D 547 17.39 -10.84 19.30
C GLY D 547 18.03 -9.64 19.96
N VAL D 548 18.53 -9.84 21.19
CA VAL D 548 19.00 -8.76 22.03
C VAL D 548 20.51 -8.62 21.99
N HIS D 549 21.21 -9.76 22.03
CA HIS D 549 22.66 -9.81 22.09
C HIS D 549 23.25 -8.82 23.10
N HIS E 5 39.10 29.12 4.88
CA HIS E 5 38.81 27.77 4.31
C HIS E 5 37.35 27.36 4.46
N ARG E 6 36.79 26.83 3.37
CA ARG E 6 35.37 26.47 3.28
C ARG E 6 35.16 24.97 3.04
N PRO E 7 34.13 24.38 3.69
CA PRO E 7 33.78 22.96 3.53
C PRO E 7 33.65 22.49 2.08
N SER E 8 34.38 21.43 1.75
CA SER E 8 34.47 20.91 0.41
C SER E 8 33.24 20.08 0.05
N VAL E 9 32.61 20.43 -1.07
CA VAL E 9 31.44 19.73 -1.57
C VAL E 9 31.72 19.18 -2.96
N VAL E 10 31.49 17.89 -3.12
CA VAL E 10 31.58 17.23 -4.42
C VAL E 10 30.17 16.94 -4.89
N TRP E 11 29.88 17.30 -6.13
CA TRP E 11 28.54 17.17 -6.69
C TRP E 11 28.60 16.30 -7.94
N LEU E 12 27.96 15.13 -7.87
CA LEU E 12 27.99 14.18 -8.98
C LEU E 12 26.65 14.17 -9.73
N HIS E 13 26.74 14.14 -11.06
CA HIS E 13 25.59 14.03 -11.94
C HIS E 13 25.55 12.61 -12.48
N ASN E 14 24.47 11.91 -12.16
CA ASN E 14 24.28 10.56 -12.66
C ASN E 14 23.18 10.52 -13.72
N ALA E 15 22.18 9.66 -13.54
CA ALA E 15 21.07 9.62 -14.48
C ALA E 15 20.09 10.72 -14.11
N GLU E 16 20.31 11.90 -14.69
CA GLU E 16 19.57 13.10 -14.29
C GLU E 16 19.20 13.97 -15.48
N CYS E 17 18.33 14.95 -15.23
CA CYS E 17 17.89 15.90 -16.26
C CYS E 17 18.47 17.29 -15.99
N THR E 18 19.16 17.43 -14.86
CA THR E 18 19.83 18.68 -14.47
C THR E 18 18.87 19.73 -13.91
N GLY E 19 17.59 19.37 -13.82
CA GLY E 19 16.58 20.19 -13.16
C GLY E 19 16.97 20.54 -11.72
N CYS E 20 17.65 19.61 -11.06
CA CYS E 20 18.03 19.76 -9.66
C CYS E 20 19.17 20.76 -9.48
N THR E 21 20.17 20.69 -10.37
CA THR E 21 21.19 21.72 -10.46
C THR E 21 20.54 23.08 -10.68
N GLU E 22 19.65 23.16 -11.69
CA GLU E 22 18.91 24.37 -12.00
C GLU E 22 18.14 24.90 -10.79
N ALA E 23 17.48 24.00 -10.05
CA ALA E 23 16.74 24.41 -8.87
C ALA E 23 17.69 25.04 -7.85
N ALA E 24 18.81 24.38 -7.57
CA ALA E 24 19.78 24.86 -6.60
C ALA E 24 20.16 26.31 -6.89
N ILE E 25 20.39 26.63 -8.15
CA ILE E 25 20.92 27.95 -8.47
C ILE E 25 19.85 29.03 -8.40
N ARG E 26 18.61 28.62 -8.13
CA ARG E 26 17.50 29.54 -7.88
C ARG E 26 17.44 30.00 -6.42
N THR E 27 18.42 29.58 -5.60
CA THR E 27 18.48 29.99 -4.19
C THR E 27 18.68 31.50 -4.08
N ILE E 28 18.00 32.11 -3.11
CA ILE E 28 18.21 33.52 -2.80
C ILE E 28 18.62 33.75 -1.35
N LYS E 29 18.66 32.70 -0.54
CA LYS E 29 19.15 32.86 0.83
C LYS E 29 20.12 31.75 1.24
N PRO E 30 21.41 31.88 0.82
CA PRO E 30 21.97 32.97 0.01
C PRO E 30 21.87 32.69 -1.50
N TYR E 31 22.23 33.68 -2.31
CA TYR E 31 22.40 33.47 -3.75
C TYR E 31 23.54 32.50 -4.00
N ILE E 32 23.52 31.83 -5.14
CA ILE E 32 24.50 30.79 -5.42
C ILE E 32 25.95 31.29 -5.41
N ASP E 33 26.19 32.50 -5.88
CA ASP E 33 27.54 33.07 -5.85
C ASP E 33 28.05 33.23 -4.42
N ALA E 34 27.22 33.77 -3.54
CA ALA E 34 27.58 33.88 -2.14
C ALA E 34 27.85 32.51 -1.53
N LEU E 35 27.00 31.52 -1.85
CA LEU E 35 27.17 30.18 -1.31
C LEU E 35 28.54 29.59 -1.64
N ILE E 36 28.95 29.71 -2.89
CA ILE E 36 30.17 29.06 -3.35
C ILE E 36 31.41 29.93 -3.17
N LEU E 37 31.21 31.21 -2.88
CA LEU E 37 32.34 32.10 -2.56
C LEU E 37 32.63 32.21 -1.06
N ASP E 38 31.57 32.17 -0.23
CA ASP E 38 31.71 32.43 1.22
C ASP E 38 31.40 31.24 2.10
N THR E 39 30.51 30.35 1.66
CA THR E 39 29.98 29.32 2.56
C THR E 39 30.57 27.93 2.31
N ILE E 40 30.58 27.51 1.05
CA ILE E 40 31.13 26.19 0.71
C ILE E 40 32.24 26.32 -0.32
N SER E 41 32.95 25.22 -0.53
CA SER E 41 33.84 25.08 -1.68
C SER E 41 33.25 24.03 -2.61
N LEU E 42 32.64 24.49 -3.69
CA LEU E 42 32.06 23.59 -4.68
C LEU E 42 33.17 23.08 -5.59
N ASP E 43 33.67 21.88 -5.31
CA ASP E 43 34.93 21.41 -5.87
C ASP E 43 34.80 20.55 -7.12
N TYR E 44 33.56 20.16 -7.43
CA TYR E 44 33.26 19.45 -8.65
C TYR E 44 31.78 19.63 -8.91
N GLN E 45 31.47 20.08 -10.12
CA GLN E 45 30.11 20.34 -10.55
C GLN E 45 30.14 20.50 -12.06
N GLU E 46 29.77 19.44 -12.78
CA GLU E 46 30.00 19.36 -14.23
C GLU E 46 29.28 20.44 -15.02
N THR E 47 28.12 20.87 -14.52
CA THR E 47 27.30 21.85 -15.22
C THR E 47 27.96 23.23 -15.31
N ILE E 48 28.78 23.58 -14.31
CA ILE E 48 29.34 24.93 -14.27
C ILE E 48 30.85 25.06 -14.09
N MET E 49 31.53 23.94 -13.83
CA MET E 49 32.98 23.97 -13.64
C MET E 49 33.75 24.33 -14.94
N ALA E 50 34.87 25.01 -14.77
CA ALA E 50 35.72 25.42 -15.88
C ALA E 50 36.45 24.26 -16.56
N ALA E 51 37.07 23.37 -15.78
CA ALA E 51 37.84 22.27 -16.35
C ALA E 51 36.96 21.35 -17.17
N ALA E 52 37.53 20.67 -18.16
CA ALA E 52 36.84 19.59 -18.83
C ALA E 52 37.71 18.36 -18.86
N GLY E 53 37.17 17.27 -19.39
CA GLY E 53 37.91 16.03 -19.61
C GLY E 53 38.86 15.65 -18.49
N GLU E 54 40.07 15.28 -18.86
CA GLU E 54 41.13 14.90 -17.89
C GLU E 54 41.31 15.91 -16.74
N ALA E 55 41.34 17.20 -17.06
CA ALA E 55 41.45 18.25 -16.04
C ALA E 55 40.25 18.27 -15.08
N ALA E 56 39.05 17.96 -15.58
CA ALA E 56 37.88 17.84 -14.72
C ALA E 56 37.99 16.59 -13.85
N GLU E 57 38.54 15.53 -14.41
CA GLU E 57 38.65 14.26 -13.71
C GLU E 57 39.72 14.37 -12.63
N ALA E 58 40.77 15.13 -12.94
CA ALA E 58 41.80 15.46 -11.98
C ALA E 58 41.25 16.30 -10.82
N ALA E 59 40.43 17.30 -11.14
CA ALA E 59 39.74 18.12 -10.15
C ALA E 59 38.92 17.29 -9.16
N LEU E 60 38.20 16.28 -9.67
CA LEU E 60 37.44 15.37 -8.82
C LEU E 60 38.35 14.57 -7.85
N HIS E 61 39.36 13.89 -8.38
CA HIS E 61 40.25 13.09 -7.54
C HIS E 61 40.96 13.96 -6.50
N GLN E 62 41.31 15.20 -6.88
CA GLN E 62 41.87 16.19 -5.97
C GLN E 62 40.94 16.43 -4.79
N ALA E 63 39.65 16.60 -5.09
CA ALA E 63 38.63 16.82 -4.07
C ALA E 63 38.46 15.58 -3.20
N LEU E 64 38.35 14.42 -3.84
CA LEU E 64 38.15 13.17 -3.11
C LEU E 64 39.32 12.84 -2.20
N GLU E 65 40.51 13.35 -2.52
CA GLU E 65 41.74 13.12 -1.74
C GLU E 65 42.04 14.27 -0.76
N GLY E 66 41.16 15.27 -0.74
CA GLY E 66 41.33 16.44 0.13
C GLY E 66 41.53 16.07 1.60
N LYS E 67 42.51 16.69 2.24
CA LYS E 67 42.86 16.42 3.63
C LYS E 67 41.68 16.62 4.60
N ASP E 68 40.85 17.63 4.33
CA ASP E 68 39.73 17.96 5.22
C ASP E 68 38.47 17.17 4.91
N GLY E 69 38.55 16.26 3.94
CA GLY E 69 37.38 15.51 3.51
C GLY E 69 36.38 16.39 2.77
N TYR E 70 35.23 15.82 2.46
CA TYR E 70 34.25 16.46 1.59
C TYR E 70 32.86 15.93 1.89
N TYR E 71 31.85 16.73 1.55
CA TYR E 71 30.46 16.29 1.54
C TYR E 71 30.05 15.97 0.09
N LEU E 72 29.29 14.89 -0.07
CA LEU E 72 28.86 14.44 -1.38
C LEU E 72 27.40 14.78 -1.66
N VAL E 73 27.19 15.51 -2.76
CA VAL E 73 25.85 15.76 -3.27
C VAL E 73 25.69 14.92 -4.53
N VAL E 74 24.62 14.13 -4.56
CA VAL E 74 24.34 13.29 -5.72
C VAL E 74 23.06 13.73 -6.42
N GLU E 75 23.17 13.99 -7.71
CA GLU E 75 22.03 14.31 -8.53
C GLU E 75 21.85 13.16 -9.53
N GLY E 76 20.63 12.68 -9.67
CA GLY E 76 20.34 11.63 -10.62
C GLY E 76 20.40 10.24 -10.04
N GLY E 77 19.70 9.31 -10.69
CA GLY E 77 19.70 7.91 -10.29
C GLY E 77 20.85 7.13 -10.91
N LEU E 78 20.98 5.88 -10.54
CA LEU E 78 22.10 5.06 -10.98
C LEU E 78 21.65 3.93 -11.90
N PRO E 79 22.05 4.00 -13.19
CA PRO E 79 21.70 2.97 -14.16
C PRO E 79 22.64 1.78 -13.97
N THR E 80 22.08 0.61 -13.65
CA THR E 80 22.91 -0.55 -13.25
C THR E 80 22.99 -1.69 -14.27
N ILE E 81 22.19 -1.61 -15.34
CA ILE E 81 22.23 -2.63 -16.40
C ILE E 81 23.60 -2.66 -17.10
N ASP E 82 23.98 -3.83 -17.62
CA ASP E 82 25.26 -4.05 -18.30
C ASP E 82 26.42 -3.43 -17.52
N GLY E 83 26.53 -3.80 -16.24
CA GLY E 83 27.62 -3.35 -15.37
C GLY E 83 27.72 -1.86 -15.20
N GLY E 84 26.58 -1.15 -15.32
CA GLY E 84 26.53 0.30 -15.14
C GLY E 84 26.98 1.11 -16.33
N GLN E 85 27.17 0.44 -17.48
CA GLN E 85 27.71 1.07 -18.69
C GLN E 85 26.75 2.00 -19.47
N TRP E 86 25.46 2.02 -19.11
CA TRP E 86 24.52 2.90 -19.81
C TRP E 86 24.59 4.35 -19.30
N GLY E 87 25.35 4.55 -18.23
CA GLY E 87 25.62 5.87 -17.71
C GLY E 87 27.06 5.92 -17.31
N MET E 88 27.85 6.72 -18.05
CA MET E 88 29.30 6.77 -17.83
C MET E 88 29.84 8.19 -17.85
N VAL E 89 30.86 8.43 -17.03
CA VAL E 89 31.57 9.69 -17.05
C VAL E 89 33.05 9.36 -17.09
N ALA E 90 33.78 10.03 -17.98
CA ALA E 90 35.23 9.83 -18.14
C ALA E 90 35.59 8.36 -18.35
N GLY E 91 34.68 7.61 -18.95
CA GLY E 91 34.89 6.19 -19.23
C GLY E 91 34.58 5.25 -18.08
N HIS E 92 33.98 5.78 -17.00
CA HIS E 92 33.64 4.96 -15.83
C HIS E 92 32.14 4.92 -15.65
N PRO E 93 31.60 3.73 -15.34
CA PRO E 93 30.20 3.67 -14.94
C PRO E 93 29.92 4.61 -13.76
N MET E 94 28.81 5.32 -13.85
CA MET E 94 28.34 6.20 -12.77
C MET E 94 28.28 5.52 -11.41
N ILE E 95 27.78 4.30 -11.38
CA ILE E 95 27.67 3.52 -10.15
C ILE E 95 29.06 3.35 -9.48
N GLU E 96 30.07 3.13 -10.30
CA GLU E 96 31.44 2.94 -9.81
C GLU E 96 31.96 4.20 -9.13
N THR E 97 31.78 5.35 -9.78
CA THR E 97 32.29 6.64 -9.27
C THR E 97 31.55 7.15 -8.03
N THR E 98 30.23 6.93 -8.00
CA THR E 98 29.40 7.30 -6.87
C THR E 98 29.79 6.45 -5.67
N LYS E 99 29.94 5.15 -5.92
CA LYS E 99 30.40 4.20 -4.90
C LYS E 99 31.72 4.67 -4.27
N LYS E 100 32.68 5.07 -5.10
CA LYS E 100 33.98 5.50 -4.60
C LYS E 100 33.93 6.85 -3.85
N ALA E 101 33.13 7.78 -4.37
CA ALA E 101 32.93 9.08 -3.73
C ALA E 101 32.18 8.97 -2.39
N ALA E 102 31.18 8.09 -2.33
CA ALA E 102 30.40 7.88 -1.11
C ALA E 102 31.24 7.28 0.00
N ALA E 103 32.14 6.37 -0.40
CA ALA E 103 32.98 5.62 0.52
C ALA E 103 33.61 6.47 1.63
N LYS E 104 34.15 7.63 1.28
CA LYS E 104 34.85 8.46 2.25
C LYS E 104 34.18 9.79 2.52
N ALA E 105 32.95 9.93 2.02
CA ALA E 105 32.19 11.14 2.22
C ALA E 105 31.80 11.34 3.69
N LYS E 106 31.91 12.58 4.18
CA LYS E 106 31.39 13.00 5.50
C LYS E 106 29.89 12.79 5.61
N GLY E 107 29.20 13.03 4.50
CA GLY E 107 27.76 12.84 4.40
C GLY E 107 27.36 12.85 2.94
N ILE E 108 26.20 12.27 2.66
CA ILE E 108 25.68 12.19 1.32
C ILE E 108 24.28 12.78 1.26
N ILE E 109 24.12 13.82 0.44
CA ILE E 109 22.82 14.44 0.20
C ILE E 109 22.35 14.09 -1.20
N CYS E 110 21.21 13.43 -1.28
CA CYS E 110 20.61 13.15 -2.58
C CYS E 110 19.64 14.26 -2.94
N ILE E 111 20.05 15.13 -3.87
CA ILE E 111 19.18 16.21 -4.32
C ILE E 111 18.26 15.65 -5.39
N GLY E 112 16.96 15.72 -5.12
CA GLY E 112 15.98 15.27 -6.10
C GLY E 112 15.50 13.84 -5.93
N THR E 113 14.35 13.57 -6.51
CA THR E 113 13.70 12.27 -6.44
C THR E 113 14.51 11.18 -7.16
N CYS E 114 15.22 11.57 -8.21
CA CYS E 114 16.05 10.62 -8.94
C CYS E 114 17.12 9.97 -8.07
N SER E 115 17.94 10.79 -7.41
CA SER E 115 19.00 10.27 -6.56
C SER E 115 18.44 9.63 -5.28
N ALA E 116 17.44 10.26 -4.69
CA ALA E 116 16.77 9.73 -3.50
C ALA E 116 16.19 8.35 -3.71
N TYR E 117 15.44 8.16 -4.79
CA TYR E 117 14.54 7.02 -4.94
C TYR E 117 14.60 6.32 -6.30
N GLY E 118 15.36 6.89 -7.24
CA GLY E 118 15.45 6.32 -8.60
C GLY E 118 14.89 7.21 -9.69
N GLY E 119 13.76 7.84 -9.43
CA GLY E 119 13.27 8.89 -10.31
C GLY E 119 12.72 8.41 -11.61
N VAL E 120 12.68 9.31 -12.59
CA VAL E 120 11.94 9.09 -13.83
C VAL E 120 12.43 7.83 -14.62
N GLN E 121 13.74 7.62 -14.66
CA GLN E 121 14.35 6.52 -15.43
C GLN E 121 14.08 5.18 -14.77
N LYS E 122 13.67 5.21 -13.51
CA LYS E 122 13.30 4.01 -12.80
C LYS E 122 11.86 3.61 -13.06
N ALA E 123 11.04 4.54 -13.55
CA ALA E 123 9.65 4.22 -13.84
C ALA E 123 9.57 3.01 -14.80
N LYS E 124 8.52 2.18 -14.65
CA LYS E 124 8.29 1.01 -15.52
C LYS E 124 8.37 1.31 -17.01
N PRO E 125 9.04 0.44 -17.79
CA PRO E 125 9.66 -0.83 -17.35
C PRO E 125 11.14 -0.72 -16.96
N ASN E 126 11.56 0.47 -16.51
CA ASN E 126 12.93 0.67 -16.04
C ASN E 126 13.98 0.00 -16.94
N PRO E 127 14.12 0.47 -18.19
CA PRO E 127 15.04 -0.19 -19.13
C PRO E 127 16.50 -0.20 -18.69
N SER E 128 16.94 0.84 -17.97
CA SER E 128 18.35 0.91 -17.57
C SER E 128 18.60 0.34 -16.18
N GLN E 129 17.58 -0.28 -15.59
CA GLN E 129 17.70 -0.83 -14.24
C GLN E 129 18.28 0.21 -13.29
N ALA E 130 17.65 1.38 -13.30
CA ALA E 130 18.08 2.52 -12.49
C ALA E 130 17.68 2.31 -11.04
N LYS E 131 18.51 2.81 -10.14
CA LYS E 131 18.27 2.71 -8.71
C LYS E 131 18.55 4.03 -8.02
N GLY E 132 17.88 4.28 -6.89
CA GLY E 132 18.28 5.38 -6.02
C GLY E 132 19.65 5.06 -5.46
N VAL E 133 20.28 6.08 -4.90
CA VAL E 133 21.63 5.92 -4.37
C VAL E 133 21.69 4.92 -3.18
N SER E 134 20.76 4.99 -2.23
CA SER E 134 20.81 4.10 -1.06
C SER E 134 20.72 2.62 -1.44
N GLU E 135 19.80 2.30 -2.36
CA GLU E 135 19.70 0.94 -2.86
C GLU E 135 20.97 0.52 -3.59
N ALA E 136 21.50 1.42 -4.43
CA ALA E 136 22.68 1.09 -5.22
C ALA E 136 23.92 0.91 -4.36
N LEU E 137 24.05 1.70 -3.29
CA LEU E 137 25.24 1.67 -2.45
C LEU E 137 25.05 0.92 -1.13
N GLY E 138 23.83 0.90 -0.60
CA GLY E 138 23.56 0.25 0.68
C GLY E 138 24.04 1.09 1.84
N VAL E 139 23.91 2.41 1.71
CA VAL E 139 24.19 3.31 2.82
C VAL E 139 23.03 4.28 2.93
N LYS E 140 22.84 4.83 4.14
CA LYS E 140 21.89 5.89 4.36
C LYS E 140 22.29 7.18 3.59
N THR E 141 21.28 7.87 3.07
CA THR E 141 21.45 9.18 2.42
C THR E 141 20.44 10.20 2.99
N ILE E 142 20.81 11.48 2.95
CA ILE E 142 19.87 12.55 3.28
C ILE E 142 19.13 12.92 1.99
N ASN E 143 17.85 12.58 1.94
CA ASN E 143 17.06 12.78 0.73
C ASN E 143 16.32 14.10 0.70
N ILE E 144 16.57 14.89 -0.35
CA ILE E 144 15.89 16.15 -0.60
C ILE E 144 15.09 16.02 -1.90
N PRO E 145 13.97 15.25 -1.87
CA PRO E 145 13.24 14.94 -3.07
C PRO E 145 12.30 16.04 -3.53
N GLY E 146 11.50 15.72 -4.54
CA GLY E 146 10.87 16.73 -5.36
C GLY E 146 11.51 16.62 -6.73
N CYS E 147 10.82 17.09 -7.75
CA CYS E 147 11.28 16.92 -9.10
C CYS E 147 11.11 18.25 -9.88
N PRO E 148 11.97 19.24 -9.61
CA PRO E 148 13.05 19.24 -8.60
C PRO E 148 12.60 19.70 -7.21
N PRO E 149 13.46 19.50 -6.19
CA PRO E 149 13.20 20.07 -4.87
C PRO E 149 13.30 21.59 -4.89
N ASN E 150 12.67 22.22 -3.90
CA ASN E 150 12.84 23.64 -3.70
C ASN E 150 14.28 23.92 -3.30
N PRO E 151 14.92 24.94 -3.89
CA PRO E 151 16.27 25.29 -3.44
C PRO E 151 16.30 25.61 -1.97
N ILE E 152 15.16 26.06 -1.43
CA ILE E 152 15.05 26.32 0.00
C ILE E 152 15.34 25.04 0.80
N ASN E 153 14.82 23.92 0.32
CA ASN E 153 15.01 22.63 0.98
C ASN E 153 16.44 22.11 0.85
N PHE E 154 17.01 22.21 -0.34
CA PHE E 154 18.37 21.72 -0.57
C PHE E 154 19.43 22.55 0.14
N VAL E 155 19.43 23.86 -0.11
CA VAL E 155 20.40 24.76 0.53
C VAL E 155 20.18 24.77 2.04
N GLY E 156 18.92 24.71 2.45
CA GLY E 156 18.59 24.58 3.86
C GLY E 156 19.29 23.39 4.49
N ALA E 157 19.14 22.23 3.86
CA ALA E 157 19.75 20.97 4.31
C ALA E 157 21.28 21.04 4.29
N VAL E 158 21.83 21.51 3.19
CA VAL E 158 23.28 21.70 3.06
C VAL E 158 23.83 22.54 4.20
N VAL E 159 23.23 23.73 4.41
CA VAL E 159 23.67 24.61 5.49
C VAL E 159 23.49 23.92 6.84
N HIS E 160 22.40 23.15 6.98
CA HIS E 160 22.16 22.48 8.25
C HIS E 160 23.29 21.50 8.56
N VAL E 161 23.55 20.60 7.61
CA VAL E 161 24.56 19.57 7.74
C VAL E 161 25.95 20.14 8.06
N LEU E 162 26.32 21.23 7.40
CA LEU E 162 27.65 21.82 7.59
C LEU E 162 27.82 22.49 8.95
N THR E 163 26.74 23.01 9.51
CA THR E 163 26.85 23.84 10.70
C THR E 163 26.26 23.15 11.92
N LYS E 164 25.12 22.50 11.76
CA LYS E 164 24.44 21.93 12.90
C LYS E 164 24.59 20.42 12.99
N GLY E 165 24.54 19.73 11.85
CA GLY E 165 24.65 18.27 11.82
C GLY E 165 23.53 17.68 11.00
N ILE E 166 23.35 16.36 11.12
CA ILE E 166 22.30 15.67 10.39
C ILE E 166 20.91 16.02 10.96
N PRO E 167 20.06 16.69 10.14
CA PRO E 167 18.72 17.07 10.59
C PRO E 167 17.88 15.84 10.83
N ASP E 168 16.80 15.97 11.58
CA ASP E 168 15.91 14.83 11.81
C ASP E 168 15.20 14.45 10.52
N LEU E 169 15.23 13.14 10.22
CA LEU E 169 14.67 12.61 8.99
C LEU E 169 13.45 11.73 9.23
N ASP E 170 12.60 11.64 8.22
CA ASP E 170 11.46 10.75 8.28
C ASP E 170 11.88 9.35 7.84
N GLU E 171 10.91 8.44 7.72
CA GLU E 171 11.13 7.05 7.31
C GLU E 171 11.75 6.93 5.92
N ASN E 172 11.50 7.94 5.08
CA ASN E 172 11.99 7.97 3.71
C ASN E 172 13.23 8.89 3.55
N GLY E 173 13.88 9.21 4.68
CA GLY E 173 15.14 9.96 4.70
C GLY E 173 15.07 11.45 4.38
N ARG E 174 13.87 12.02 4.48
CA ARG E 174 13.64 13.45 4.17
C ARG E 174 13.68 14.33 5.42
N PRO E 175 14.40 15.47 5.38
CA PRO E 175 14.42 16.34 6.54
C PRO E 175 13.03 16.80 6.90
N LYS E 176 12.69 16.66 8.18
CA LYS E 176 11.36 17.01 8.70
C LYS E 176 11.10 18.50 8.70
N LEU E 177 12.17 19.31 8.72
CA LEU E 177 12.05 20.77 8.60
C LEU E 177 11.28 21.15 7.34
N PHE E 178 11.51 20.42 6.25
CA PHE E 178 10.92 20.74 4.94
C PHE E 178 9.83 19.77 4.48
N TYR E 179 9.97 18.50 4.84
CA TYR E 179 9.04 17.48 4.39
C TYR E 179 8.14 16.94 5.50
N GLY E 180 8.06 17.66 6.61
CA GLY E 180 7.29 17.19 7.74
C GLY E 180 5.78 17.29 7.59
N GLU E 181 5.30 18.09 6.63
CA GLU E 181 3.87 18.34 6.45
C GLU E 181 3.41 18.04 5.04
N LEU E 182 2.15 17.64 4.94
CA LEU E 182 1.51 17.44 3.65
C LEU E 182 1.27 18.76 2.95
N VAL E 183 1.48 18.73 1.64
CA VAL E 183 1.15 19.85 0.77
C VAL E 183 -0.29 20.31 1.03
N HIS E 184 -1.20 19.34 1.04
CA HIS E 184 -2.62 19.53 1.21
C HIS E 184 -3.02 20.28 2.51
N ASP E 185 -2.34 20.02 3.60
CA ASP E 185 -2.62 20.69 4.88
C ASP E 185 -2.31 22.19 4.90
N ASN E 186 -1.49 22.65 3.96
CA ASN E 186 -1.19 24.08 3.82
C ASN E 186 -1.77 24.72 2.55
N CYS E 187 -2.61 23.99 1.84
CA CYS E 187 -3.16 24.48 0.59
C CYS E 187 -4.26 25.51 0.83
N PRO E 188 -4.19 26.65 0.13
CA PRO E 188 -5.25 27.65 0.25
C PRO E 188 -6.59 27.17 -0.29
N ARG E 189 -6.61 26.05 -0.98
CA ARG E 189 -7.84 25.51 -1.55
C ARG E 189 -8.47 24.50 -0.62
N LEU E 190 -7.87 24.34 0.55
CA LEU E 190 -8.38 23.41 1.55
C LEU E 190 -9.87 23.66 1.92
N PRO E 191 -10.26 24.94 2.12
CA PRO E 191 -11.68 25.16 2.43
C PRO E 191 -12.63 24.57 1.38
N HIS E 192 -12.24 24.66 0.11
CA HIS E 192 -13.03 24.08 -0.98
C HIS E 192 -13.08 22.56 -0.88
N PHE E 193 -11.94 21.93 -0.59
CA PHE E 193 -11.86 20.47 -0.40
C PHE E 193 -12.81 20.05 0.71
N GLU E 194 -12.80 20.83 1.80
CA GLU E 194 -13.63 20.53 2.97
C GLU E 194 -15.10 20.69 2.61
N ALA E 195 -15.39 21.71 1.80
CA ALA E 195 -16.75 21.99 1.33
C ALA E 195 -17.21 21.10 0.17
N SER E 196 -16.37 20.16 -0.27
CA SER E 196 -16.69 19.30 -1.41
C SER E 196 -16.91 20.11 -2.70
N GLU E 197 -16.08 21.13 -2.86
CA GLU E 197 -16.14 22.01 -4.01
C GLU E 197 -14.95 21.74 -4.89
N PHE E 198 -15.18 20.89 -5.89
CA PHE E 198 -14.14 20.38 -6.75
C PHE E 198 -14.34 20.83 -8.18
N ALA E 199 -13.25 21.20 -8.86
CA ALA E 199 -13.29 21.44 -10.30
C ALA E 199 -13.41 20.09 -11.02
N PRO E 200 -14.44 19.94 -11.88
CA PRO E 200 -14.59 18.70 -12.64
C PRO E 200 -13.74 18.69 -13.90
N SER E 201 -13.26 19.86 -14.32
CA SER E 201 -12.45 19.98 -15.52
C SER E 201 -11.71 21.30 -15.47
N PHE E 202 -10.69 21.44 -16.31
CA PHE E 202 -9.87 22.65 -16.31
C PHE E 202 -10.58 23.82 -16.98
N ASP E 203 -11.58 23.55 -17.81
CA ASP E 203 -12.34 24.61 -18.46
C ASP E 203 -13.53 25.07 -17.61
N SER E 204 -13.84 24.33 -16.56
CA SER E 204 -15.07 24.58 -15.81
C SER E 204 -15.03 25.92 -15.08
N GLU E 205 -16.21 26.44 -14.79
CA GLU E 205 -16.38 27.59 -13.95
C GLU E 205 -15.76 27.33 -12.58
N GLU E 206 -15.90 26.10 -12.08
CA GLU E 206 -15.30 25.73 -10.82
C GLU E 206 -13.76 25.93 -10.89
N ALA E 207 -13.13 25.50 -11.96
CA ALA E 207 -11.71 25.78 -12.16
C ALA E 207 -11.43 27.30 -12.10
N LYS E 208 -12.22 28.07 -12.86
CA LYS E 208 -12.05 29.53 -12.90
C LYS E 208 -12.16 30.17 -11.53
N LYS E 209 -12.99 29.58 -10.67
CA LYS E 209 -13.25 30.03 -9.32
C LYS E 209 -12.23 29.57 -8.28
N GLY E 210 -11.26 28.75 -8.69
CA GLY E 210 -10.23 28.26 -7.79
C GLY E 210 -10.69 27.11 -6.92
N PHE E 211 -11.61 26.29 -7.44
CA PHE E 211 -12.10 25.15 -6.70
C PHE E 211 -10.96 24.13 -6.53
N CYS E 212 -11.13 23.23 -5.55
CA CYS E 212 -10.11 22.25 -5.23
C CYS E 212 -9.87 21.33 -6.42
N LEU E 213 -8.64 20.83 -6.52
CA LEU E 213 -8.22 20.08 -7.71
C LEU E 213 -8.19 18.57 -7.53
N TYR E 214 -8.75 18.10 -6.43
CA TYR E 214 -8.70 16.70 -6.04
C TYR E 214 -9.35 15.78 -7.07
N GLU E 215 -10.49 16.19 -7.62
CA GLU E 215 -11.18 15.40 -8.65
C GLU E 215 -10.39 15.38 -9.96
N LEU E 216 -9.39 16.25 -10.05
CA LEU E 216 -8.55 16.33 -11.24
C LEU E 216 -7.18 15.73 -11.00
N GLY E 217 -7.08 14.96 -9.93
CA GLY E 217 -5.92 14.12 -9.68
C GLY E 217 -4.92 14.62 -8.67
N CYS E 218 -5.23 15.73 -8.01
CA CYS E 218 -4.30 16.35 -7.07
C CYS E 218 -3.86 15.37 -6.00
N LYS E 219 -2.54 15.23 -5.86
CA LYS E 219 -1.95 14.27 -4.91
C LYS E 219 -1.43 14.99 -3.69
N GLY E 220 -1.79 16.27 -3.54
CA GLY E 220 -1.46 17.03 -2.35
C GLY E 220 -1.73 16.31 -1.04
N PRO E 221 -2.90 15.63 -0.93
CA PRO E 221 -3.25 14.89 0.30
C PRO E 221 -2.33 13.70 0.68
N VAL E 222 -1.53 13.21 -0.27
CA VAL E 222 -0.60 12.12 0.04
C VAL E 222 0.86 12.52 -0.20
N THR E 223 1.14 13.83 -0.21
CA THR E 223 2.45 14.34 -0.63
C THR E 223 3.04 15.25 0.45
N TYR E 224 4.22 14.88 0.94
CA TYR E 224 4.93 15.68 1.92
C TYR E 224 5.88 16.62 1.22
N ASN E 225 5.57 17.90 1.30
CA ASN E 225 6.43 18.95 0.77
C ASN E 225 5.94 20.27 1.35
N ASN E 226 6.68 21.35 1.13
CA ASN E 226 6.38 22.65 1.74
C ASN E 226 5.98 23.71 0.71
N CYS E 227 5.56 23.22 -0.46
CA CYS E 227 5.34 24.06 -1.65
C CYS E 227 4.41 25.24 -1.42
N PRO E 228 3.25 25.02 -0.76
CA PRO E 228 2.31 26.13 -0.55
C PRO E 228 2.81 27.15 0.46
N LYS E 229 3.67 26.69 1.37
CA LYS E 229 4.21 27.53 2.43
C LYS E 229 5.32 28.46 1.90
N VAL E 230 6.29 27.90 1.19
CA VAL E 230 7.50 28.64 0.77
C VAL E 230 7.42 29.12 -0.68
N LEU E 231 6.58 28.44 -1.46
CA LEU E 231 6.43 28.68 -2.91
C LEU E 231 7.73 28.40 -3.70
N PHE E 232 7.62 28.55 -5.01
CA PHE E 232 8.76 28.47 -5.89
C PHE E 232 9.03 29.83 -6.51
N ASN E 233 10.30 30.13 -6.72
CA ASN E 233 10.72 31.34 -7.39
C ASN E 233 10.14 32.62 -6.74
N GLN E 234 9.80 32.51 -5.45
CA GLN E 234 9.19 33.60 -4.69
C GLN E 234 7.82 34.11 -5.19
N VAL E 235 7.13 33.34 -6.01
CA VAL E 235 5.94 33.88 -6.70
C VAL E 235 4.76 32.95 -6.87
N ASN E 236 5.01 31.64 -6.99
CA ASN E 236 3.96 30.71 -7.36
C ASN E 236 4.19 29.28 -6.82
N TRP E 237 3.16 28.45 -6.96
CA TRP E 237 3.30 27.00 -6.92
C TRP E 237 2.20 26.36 -7.78
N PRO E 238 2.36 25.06 -8.14
CA PRO E 238 1.46 24.43 -9.11
C PRO E 238 -0.03 24.64 -8.87
N VAL E 239 -0.52 24.39 -7.67
CA VAL E 239 -1.95 24.55 -7.37
C VAL E 239 -2.42 26.01 -7.52
N GLN E 240 -1.57 26.95 -7.11
CA GLN E 240 -1.86 28.36 -7.33
C GLN E 240 -2.00 28.64 -8.84
N ALA E 241 -1.22 27.90 -9.64
CA ALA E 241 -1.30 27.98 -11.09
C ALA E 241 -2.43 27.08 -11.64
N GLY E 242 -3.36 26.68 -10.77
CA GLY E 242 -4.53 25.91 -11.20
C GLY E 242 -4.27 24.46 -11.59
N HIS E 243 -3.07 23.96 -11.29
CA HIS E 243 -2.71 22.59 -11.65
C HIS E 243 -2.53 21.66 -10.43
N PRO E 244 -3.06 20.42 -10.53
CA PRO E 244 -2.91 19.47 -9.42
C PRO E 244 -1.45 19.16 -9.11
N CYS E 245 -1.20 18.82 -7.85
CA CYS E 245 0.09 18.30 -7.41
C CYS E 245 0.25 16.87 -7.97
N LEU E 246 1.44 16.57 -8.47
CA LEU E 246 1.75 15.28 -9.07
C LEU E 246 2.33 14.31 -8.02
N GLY E 247 2.69 14.84 -6.85
CA GLY E 247 3.30 14.02 -5.82
C GLY E 247 4.78 13.85 -5.99
N CYS E 248 5.44 14.83 -6.62
CA CYS E 248 6.79 14.63 -7.16
C CYS E 248 7.89 14.44 -6.11
N SER E 249 7.55 14.65 -4.82
CA SER E 249 8.51 14.38 -3.73
C SER E 249 8.37 12.99 -3.09
N GLU E 250 7.39 12.23 -3.55
CA GLU E 250 7.16 10.89 -3.03
C GLU E 250 7.97 9.84 -3.82
N PRO E 251 8.54 8.85 -3.12
CA PRO E 251 9.30 7.82 -3.84
C PRO E 251 8.46 7.12 -4.89
N ASP E 252 9.05 6.91 -6.06
CA ASP E 252 8.43 6.16 -7.17
C ASP E 252 7.09 6.76 -7.59
N PHE E 253 6.94 8.08 -7.43
CA PHE E 253 5.67 8.74 -7.76
C PHE E 253 5.22 8.47 -9.19
N TRP E 254 6.17 8.30 -10.11
CA TRP E 254 5.87 8.05 -11.52
C TRP E 254 4.98 6.84 -11.72
N ASP E 255 5.06 5.89 -10.80
CA ASP E 255 4.25 4.68 -10.83
C ASP E 255 3.19 4.63 -9.72
N THR E 256 3.37 5.40 -8.64
CA THR E 256 2.38 5.40 -7.56
C THR E 256 1.35 6.53 -7.63
N MET E 257 1.68 7.63 -8.32
CA MET E 257 0.79 8.80 -8.41
C MET E 257 0.11 8.92 -9.76
N THR E 258 0.40 7.98 -10.66
CA THR E 258 -0.16 8.01 -12.02
C THR E 258 -1.35 7.04 -12.10
N PRO E 259 -2.37 7.36 -12.94
CA PRO E 259 -2.52 8.54 -13.80
C PRO E 259 -2.57 9.83 -12.98
N PHE E 260 -1.91 10.86 -13.50
CA PHE E 260 -1.75 12.11 -12.78
C PHE E 260 -3.04 12.90 -12.65
N TYR E 261 -3.97 12.68 -13.60
CA TYR E 261 -5.22 13.45 -13.61
C TYR E 261 -6.40 12.70 -13.02
N GLU E 262 -6.08 11.64 -12.28
CA GLU E 262 -7.07 10.79 -11.66
C GLU E 262 -6.68 10.46 -10.24
N GLN E 263 -7.64 9.94 -9.47
CA GLN E 263 -7.34 9.45 -8.13
C GLN E 263 -7.37 7.92 -8.09
N GLY E 264 -7.84 7.30 -9.18
CA GLY E 264 -7.94 5.85 -9.30
C GLY E 264 -6.61 5.11 -9.19
N LYS F 5 49.27 37.62 -33.91
CA LYS F 5 48.71 37.69 -35.29
C LYS F 5 47.70 36.59 -35.58
N PRO F 6 48.17 35.46 -36.16
CA PRO F 6 47.30 34.33 -36.52
C PRO F 6 46.65 33.61 -35.35
N THR F 7 45.63 32.80 -35.65
CA THR F 7 45.04 31.90 -34.68
C THR F 7 46.14 30.96 -34.19
N PRO F 8 46.38 30.94 -32.86
CA PRO F 8 47.36 30.01 -32.28
C PRO F 8 47.01 28.56 -32.57
N GLN F 9 48.03 27.79 -32.96
CA GLN F 9 47.85 26.43 -33.44
C GLN F 9 49.12 25.65 -33.16
N SER F 10 48.99 24.50 -32.48
CA SER F 10 50.16 23.67 -32.18
C SER F 10 50.49 22.76 -33.36
N THR F 11 51.52 21.93 -33.20
CA THR F 11 51.87 20.96 -34.23
C THR F 11 51.40 19.54 -33.86
N PHE F 12 50.56 19.47 -32.83
CA PHE F 12 50.12 18.18 -32.29
C PHE F 12 49.40 17.27 -33.28
N THR F 13 49.92 16.06 -33.39
CA THR F 13 49.29 14.97 -34.12
C THR F 13 48.95 13.87 -33.12
N GLY F 14 47.68 13.48 -33.09
CA GLY F 14 47.22 12.40 -32.23
C GLY F 14 45.76 12.55 -31.84
N PRO F 15 45.25 11.60 -31.03
CA PRO F 15 43.87 11.69 -30.56
C PRO F 15 43.73 12.62 -29.35
N ILE F 16 42.58 13.28 -29.24
CA ILE F 16 42.21 13.98 -28.01
C ILE F 16 40.81 13.54 -27.64
N VAL F 17 40.64 13.14 -26.39
CA VAL F 17 39.34 12.85 -25.82
C VAL F 17 39.05 13.87 -24.74
N VAL F 18 37.85 14.43 -24.76
CA VAL F 18 37.37 15.31 -23.71
C VAL F 18 36.11 14.70 -23.12
N ASP F 19 36.23 14.19 -21.90
CA ASP F 19 35.16 13.49 -21.22
C ASP F 19 35.45 13.61 -19.72
N PRO F 20 34.64 14.36 -18.97
CA PRO F 20 33.38 14.99 -19.39
C PRO F 20 33.56 16.34 -20.09
N ILE F 21 32.67 16.63 -21.03
CA ILE F 21 32.47 17.98 -21.52
C ILE F 21 31.67 18.65 -20.41
N THR F 22 32.27 19.64 -19.77
CA THR F 22 31.61 20.35 -18.70
C THR F 22 30.91 21.57 -19.27
N ARG F 23 30.15 22.23 -18.42
CA ARG F 23 29.37 23.41 -18.81
C ARG F 23 28.45 23.13 -20.00
N ILE F 24 27.81 21.98 -19.94
CA ILE F 24 26.68 21.62 -20.80
C ILE F 24 25.63 20.96 -19.90
N GLU F 25 24.46 20.66 -20.46
CA GLU F 25 23.56 19.76 -19.77
C GLU F 25 23.88 18.33 -20.23
N GLY F 26 24.12 17.45 -19.26
CA GLY F 26 24.24 16.03 -19.53
C GLY F 26 25.66 15.54 -19.78
N HIS F 27 25.75 14.32 -20.28
CA HIS F 27 27.03 13.61 -20.33
C HIS F 27 27.53 13.36 -21.74
N LEU F 28 28.50 14.18 -22.14
CA LEU F 28 29.06 14.13 -23.47
C LEU F 28 30.53 13.82 -23.42
N ARG F 29 30.94 12.92 -24.32
CA ARG F 29 32.32 12.60 -24.59
C ARG F 29 32.57 13.00 -26.03
N ILE F 30 33.59 13.83 -26.23
CA ILE F 30 34.04 14.22 -27.56
C ILE F 30 35.34 13.51 -27.86
N MET F 31 35.42 12.87 -29.02
CA MET F 31 36.69 12.31 -29.49
C MET F 31 37.06 13.00 -30.79
N VAL F 32 38.33 13.38 -30.91
CA VAL F 32 38.84 14.00 -32.14
C VAL F 32 40.19 13.40 -32.51
N GLU F 33 40.43 13.32 -33.82
CA GLU F 33 41.77 13.05 -34.35
C GLU F 33 42.33 14.40 -34.81
N VAL F 34 43.53 14.69 -34.35
CA VAL F 34 44.22 15.94 -34.63
C VAL F 34 45.43 15.62 -35.48
N GLU F 35 45.67 16.44 -36.49
CA GLU F 35 46.86 16.35 -37.31
C GLU F 35 47.44 17.75 -37.48
N ASN F 36 48.69 17.92 -37.04
CA ASN F 36 49.42 19.18 -37.15
C ASN F 36 48.64 20.35 -36.55
N GLY F 37 47.97 20.09 -35.44
CA GLY F 37 47.31 21.13 -34.66
C GLY F 37 45.88 21.48 -35.03
N LYS F 38 45.33 20.78 -36.03
CA LYS F 38 43.93 20.96 -36.44
C LYS F 38 43.19 19.63 -36.38
N VAL F 39 41.93 19.69 -35.94
CA VAL F 39 41.06 18.52 -35.91
C VAL F 39 40.76 18.07 -37.34
N LYS F 40 40.99 16.80 -37.61
CA LYS F 40 40.75 16.24 -38.93
C LYS F 40 39.55 15.28 -38.95
N ASP F 41 39.14 14.79 -37.78
CA ASP F 41 37.97 13.93 -37.64
C ASP F 41 37.40 14.04 -36.23
N ALA F 42 36.10 13.81 -36.09
CA ALA F 42 35.43 13.97 -34.80
C ALA F 42 34.30 12.98 -34.57
N TRP F 43 34.06 12.72 -33.29
CA TRP F 43 32.97 11.85 -32.83
C TRP F 43 32.30 12.50 -31.64
N SER F 44 30.97 12.59 -31.71
CA SER F 44 30.17 13.09 -30.62
C SER F 44 29.51 11.90 -29.94
N SER F 45 29.99 11.58 -28.74
CA SER F 45 29.57 10.38 -28.02
C SER F 45 28.79 10.73 -26.75
N SER F 46 27.47 10.56 -26.82
CA SER F 46 26.57 10.74 -25.67
C SER F 46 26.65 9.54 -24.72
N GLN F 47 26.86 9.83 -23.44
CA GLN F 47 27.23 8.79 -22.48
C GLN F 47 26.14 8.28 -21.50
N LEU F 48 24.91 8.81 -21.61
CA LEU F 48 23.82 8.37 -20.75
C LEU F 48 22.55 8.03 -21.54
N PHE F 49 21.94 6.89 -21.21
CA PHE F 49 20.59 6.57 -21.69
C PHE F 49 19.61 6.35 -20.54
N ARG F 50 18.42 6.95 -20.64
CA ARG F 50 17.37 6.86 -19.63
C ARG F 50 16.14 6.14 -20.19
N GLY F 51 15.75 6.51 -21.41
CA GLY F 51 14.71 5.82 -22.15
C GLY F 51 13.29 6.24 -21.83
N LEU F 52 13.05 7.55 -21.76
CA LEU F 52 11.69 8.06 -21.54
C LEU F 52 10.67 7.50 -22.53
N GLU F 53 11.03 7.35 -23.79
CA GLU F 53 10.11 6.83 -24.81
C GLU F 53 9.64 5.40 -24.50
N ILE F 54 10.54 4.59 -23.95
CA ILE F 54 10.19 3.24 -23.52
C ILE F 54 9.25 3.29 -22.31
N ILE F 55 9.54 4.20 -21.39
CA ILE F 55 8.78 4.33 -20.17
C ILE F 55 7.33 4.79 -20.42
N LEU F 56 7.12 5.53 -21.50
CA LEU F 56 5.81 6.11 -21.77
C LEU F 56 4.80 5.13 -22.34
N LYS F 57 5.29 4.02 -22.89
CA LYS F 57 4.45 3.04 -23.56
C LYS F 57 3.36 2.51 -22.62
N GLY F 58 2.12 2.55 -23.08
CA GLY F 58 1.00 2.01 -22.33
C GLY F 58 0.41 2.98 -21.33
N ARG F 59 1.03 4.16 -21.21
CA ARG F 59 0.55 5.13 -20.23
C ARG F 59 -0.51 6.07 -20.79
N ASP F 60 -1.11 6.84 -19.89
CA ASP F 60 -2.16 7.80 -20.21
C ASP F 60 -1.52 8.95 -20.99
N PRO F 61 -2.01 9.22 -22.21
CA PRO F 61 -1.43 10.33 -23.01
C PRO F 61 -1.39 11.66 -22.23
N ARG F 62 -2.31 11.85 -21.29
CA ARG F 62 -2.34 13.06 -20.46
C ARG F 62 -1.10 13.16 -19.57
N ASP F 63 -0.55 12.01 -19.19
CA ASP F 63 0.66 11.95 -18.36
C ASP F 63 1.94 12.31 -19.10
N ALA F 64 1.94 12.19 -20.44
CA ALA F 64 3.18 12.32 -21.24
C ALA F 64 3.99 13.58 -20.93
N GLN F 65 3.31 14.72 -20.88
CA GLN F 65 3.99 16.01 -20.67
C GLN F 65 4.81 16.06 -19.38
N HIS F 66 4.34 15.37 -18.34
CA HIS F 66 4.99 15.37 -17.04
C HIS F 66 6.24 14.49 -17.04
N PHE F 67 6.18 13.35 -17.73
CA PHE F 67 7.31 12.49 -17.97
C PHE F 67 8.33 13.17 -18.89
N THR F 68 7.86 13.65 -20.05
CA THR F 68 8.75 14.24 -21.03
C THR F 68 9.38 15.57 -20.61
N GLN F 69 8.71 16.32 -19.74
CA GLN F 69 9.37 17.52 -19.23
C GLN F 69 10.69 17.17 -18.56
N ARG F 70 10.75 16.02 -17.90
CA ARG F 70 11.96 15.57 -17.22
C ARG F 70 13.02 15.03 -18.16
N ALA F 71 12.79 15.13 -19.46
CA ALA F 71 13.86 14.92 -20.43
C ALA F 71 15.00 15.89 -20.11
N CYS F 72 14.65 17.07 -19.63
CA CYS F 72 15.67 18.04 -19.33
C CYS F 72 15.14 19.13 -18.44
N GLY F 73 15.95 19.51 -17.47
CA GLY F 73 15.59 20.60 -16.57
C GLY F 73 16.31 21.91 -16.87
N MET F 74 17.30 21.86 -17.77
CA MET F 74 17.85 23.10 -18.29
C MET F 74 16.84 23.76 -19.23
N CYS F 75 16.46 23.09 -20.30
CA CYS F 75 15.37 23.59 -21.11
C CYS F 75 14.09 23.06 -20.49
N THR F 76 13.84 23.45 -19.24
CA THR F 76 12.58 23.08 -18.62
C THR F 76 11.42 23.65 -19.45
N TYR F 77 10.21 23.18 -19.20
CA TYR F 77 9.02 23.60 -19.93
C TYR F 77 8.87 23.05 -21.33
N VAL F 78 9.90 23.16 -22.16
CA VAL F 78 9.73 23.02 -23.62
C VAL F 78 9.16 21.65 -24.03
N HIS F 79 9.57 20.60 -23.33
CA HIS F 79 9.03 19.27 -23.57
C HIS F 79 7.60 19.11 -23.09
N ALA F 80 7.27 19.73 -21.94
CA ALA F 80 5.85 19.87 -21.54
C ALA F 80 5.04 20.51 -22.66
N LEU F 81 5.58 21.59 -23.23
CA LEU F 81 4.90 22.31 -24.30
C LEU F 81 4.74 21.44 -25.54
N ALA F 82 5.80 20.74 -25.93
CA ALA F 82 5.77 19.94 -27.14
C ALA F 82 4.85 18.76 -26.99
N SER F 83 4.85 18.17 -25.80
CA SER F 83 3.94 17.08 -25.47
C SER F 83 2.48 17.49 -25.45
N SER F 84 2.19 18.67 -24.87
CA SER F 84 0.83 19.22 -24.88
C SER F 84 0.36 19.53 -26.30
N ARG F 85 1.22 20.18 -27.10
CA ARG F 85 0.91 20.44 -28.50
C ARG F 85 0.67 19.12 -29.25
N CYS F 86 1.53 18.15 -28.95
CA CYS F 86 1.45 16.82 -29.52
C CYS F 86 0.09 16.15 -29.26
N VAL F 87 -0.27 16.05 -27.98
CA VAL F 87 -1.54 15.46 -27.58
C VAL F 87 -2.74 16.29 -28.07
N ASP F 88 -2.61 17.61 -28.02
CA ASP F 88 -3.64 18.51 -28.51
C ASP F 88 -3.96 18.20 -29.97
N ASP F 89 -2.92 17.89 -30.75
CA ASP F 89 -3.06 17.52 -32.16
C ASP F 89 -3.66 16.11 -32.33
N ALA F 90 -3.26 15.19 -31.47
CA ALA F 90 -3.79 13.82 -31.50
C ALA F 90 -5.27 13.76 -31.14
N VAL F 91 -5.71 14.62 -30.23
CA VAL F 91 -7.13 14.65 -29.84
C VAL F 91 -7.91 15.64 -30.70
N LYS F 92 -7.19 16.35 -31.56
CA LYS F 92 -7.77 17.36 -32.45
C LYS F 92 -8.49 18.47 -31.66
N VAL F 93 -7.86 18.95 -30.59
CA VAL F 93 -8.32 20.16 -29.92
C VAL F 93 -7.52 21.40 -30.34
N SER F 94 -8.23 22.50 -30.54
CA SER F 94 -7.64 23.80 -30.82
C SER F 94 -7.72 24.63 -29.54
N ILE F 95 -6.56 24.92 -28.95
CA ILE F 95 -6.49 25.63 -27.67
C ILE F 95 -6.99 27.08 -27.79
N PRO F 96 -7.53 27.65 -26.68
CA PRO F 96 -8.01 29.04 -26.78
C PRO F 96 -6.88 30.02 -26.96
N ALA F 97 -7.21 31.15 -27.57
CA ALA F 97 -6.26 32.23 -27.80
C ALA F 97 -5.37 32.54 -26.59
N ASN F 98 -5.97 32.64 -25.40
CA ASN F 98 -5.24 32.91 -24.17
C ASN F 98 -4.19 31.85 -23.84
N ALA F 99 -4.50 30.60 -24.18
CA ALA F 99 -3.63 29.48 -23.91
C ALA F 99 -2.44 29.56 -24.85
N ARG F 100 -2.69 29.91 -26.10
CA ARG F 100 -1.64 30.12 -27.08
C ARG F 100 -0.70 31.23 -26.62
N MET F 101 -1.28 32.34 -26.17
CA MET F 101 -0.51 33.46 -25.69
C MET F 101 0.30 33.12 -24.45
N MET F 102 -0.32 32.43 -23.49
CA MET F 102 0.38 32.07 -22.26
C MET F 102 1.50 31.05 -22.53
N ARG F 103 1.21 30.05 -23.36
CA ARG F 103 2.23 29.07 -23.71
C ARG F 103 3.41 29.74 -24.41
N ASN F 104 3.12 30.69 -25.28
CA ASN F 104 4.16 31.37 -26.02
C ASN F 104 4.98 32.33 -25.16
N LEU F 105 4.34 32.95 -24.17
CA LEU F 105 5.04 33.86 -23.29
C LEU F 105 5.97 33.10 -22.40
N VAL F 106 5.55 31.92 -21.94
CA VAL F 106 6.41 31.05 -21.11
C VAL F 106 7.63 30.56 -21.90
N MET F 107 7.43 30.21 -23.17
CA MET F 107 8.56 29.94 -24.03
C MET F 107 9.51 31.16 -24.15
N ALA F 108 8.95 32.36 -24.23
CA ALA F 108 9.76 33.56 -24.36
C ALA F 108 10.64 33.71 -23.12
N SER F 109 10.00 33.59 -21.96
CA SER F 109 10.68 33.66 -20.68
C SER F 109 11.79 32.62 -20.58
N GLN F 110 11.56 31.43 -21.14
CA GLN F 110 12.54 30.34 -21.13
C GLN F 110 13.72 30.72 -22.01
N TYR F 111 13.47 31.28 -23.19
CA TYR F 111 14.53 31.78 -24.06
C TYR F 111 15.44 32.73 -23.31
N LEU F 112 14.83 33.66 -22.57
CA LEU F 112 15.57 34.67 -21.84
C LEU F 112 16.44 34.02 -20.78
N HIS F 113 15.82 33.22 -19.93
CA HIS F 113 16.56 32.55 -18.87
C HIS F 113 17.68 31.70 -19.45
N ASP F 114 17.33 30.92 -20.47
CA ASP F 114 18.21 29.89 -20.99
C ASP F 114 19.44 30.52 -21.63
N HIS F 115 19.24 31.48 -22.53
CA HIS F 115 20.34 32.10 -23.26
C HIS F 115 21.27 32.90 -22.35
N LEU F 116 20.74 33.53 -21.30
CA LEU F 116 21.59 34.29 -20.38
C LEU F 116 22.49 33.33 -19.63
N VAL F 117 21.91 32.23 -19.15
CA VAL F 117 22.67 31.28 -18.38
C VAL F 117 23.73 30.64 -19.25
N HIS F 118 23.37 30.28 -20.49
CA HIS F 118 24.32 29.64 -21.38
C HIS F 118 25.52 30.53 -21.68
N PHE F 119 25.26 31.77 -22.03
CA PHE F 119 26.35 32.63 -22.43
C PHE F 119 27.34 32.83 -21.30
N TYR F 120 26.83 33.24 -20.14
CA TYR F 120 27.68 33.59 -19.03
C TYR F 120 28.22 32.38 -18.29
N HIS F 121 27.35 31.44 -17.94
CA HIS F 121 27.71 30.41 -16.99
C HIS F 121 28.20 29.11 -17.63
N MET F 122 27.92 28.94 -18.91
CA MET F 122 28.44 27.77 -19.64
C MET F 122 29.48 28.14 -20.70
N HIS F 123 29.28 29.25 -21.40
CA HIS F 123 30.10 29.55 -22.58
C HIS F 123 31.27 30.50 -22.34
N ALA F 124 31.04 31.54 -21.53
CA ALA F 124 32.01 32.63 -21.36
C ALA F 124 33.40 32.19 -20.89
N LEU F 125 33.44 31.17 -20.02
CA LEU F 125 34.71 30.67 -19.49
C LEU F 125 35.62 30.03 -20.55
N ASP F 126 35.10 29.92 -21.78
CA ASP F 126 35.89 29.47 -22.93
C ASP F 126 36.62 30.65 -23.56
N TRP F 127 36.13 31.86 -23.28
CA TRP F 127 36.62 33.05 -23.95
C TRP F 127 37.22 33.99 -22.95
N VAL F 128 36.80 33.87 -21.69
CA VAL F 128 37.19 34.79 -20.65
C VAL F 128 38.12 34.11 -19.67
N ASP F 129 39.25 34.75 -19.43
CA ASP F 129 40.22 34.31 -18.43
C ASP F 129 39.90 35.07 -17.15
N VAL F 130 39.22 34.39 -16.23
CA VAL F 130 38.77 34.99 -14.98
C VAL F 130 39.94 35.40 -14.08
N THR F 131 40.99 34.58 -14.06
CA THR F 131 42.22 34.91 -13.30
C THR F 131 42.93 36.16 -13.82
N ALA F 132 42.89 36.38 -15.13
CA ALA F 132 43.48 37.58 -15.72
C ALA F 132 42.76 38.83 -15.23
N ALA F 133 41.46 38.72 -14.97
CA ALA F 133 40.66 39.84 -14.44
C ALA F 133 41.25 40.49 -13.19
N LEU F 134 42.10 39.74 -12.48
CA LEU F 134 42.77 40.25 -11.28
C LEU F 134 43.87 41.23 -11.64
N LYS F 135 44.31 41.18 -12.89
CA LYS F 135 45.41 42.02 -13.37
C LYS F 135 44.91 43.26 -14.11
N ALA F 136 43.62 43.55 -13.99
CA ALA F 136 43.01 44.69 -14.64
C ALA F 136 42.96 45.96 -13.78
N ASP F 137 43.18 47.10 -14.43
CA ASP F 137 43.01 48.41 -13.81
C ASP F 137 41.52 48.69 -13.85
N PRO F 138 40.86 48.76 -12.67
CA PRO F 138 39.39 48.91 -12.62
C PRO F 138 38.89 50.24 -13.23
N ASN F 139 39.64 51.32 -13.05
CA ASN F 139 39.32 52.62 -13.65
C ASN F 139 39.44 52.66 -15.19
N LYS F 140 40.52 51.74 -15.62
CA LYS F 140 40.69 51.61 -17.08
C LYS F 140 39.55 50.78 -17.61
N ALA F 141 39.14 49.80 -16.80
CA ALA F 141 38.07 48.88 -17.14
C ALA F 141 36.72 49.59 -17.06
N ALA F 142 36.66 50.60 -16.13
CA ALA F 142 35.40 51.33 -15.95
C ALA F 142 35.11 52.14 -17.21
N LYS F 143 36.13 52.87 -17.67
CA LYS F 143 35.99 53.76 -18.81
C LYS F 143 35.89 53.00 -20.14
N LEU F 144 36.33 51.75 -20.15
CA LEU F 144 36.16 50.90 -21.33
C LEU F 144 34.70 50.48 -21.45
N ALA F 145 34.08 50.14 -20.33
CA ALA F 145 32.66 49.77 -20.31
C ALA F 145 31.75 50.95 -20.66
N ALA F 146 32.22 52.17 -20.36
CA ALA F 146 31.47 53.39 -20.68
C ALA F 146 31.40 53.64 -22.19
N SER F 147 32.38 53.11 -22.93
CA SER F 147 32.46 53.29 -24.37
C SER F 147 31.70 52.24 -25.17
N ILE F 148 31.57 51.04 -24.62
CA ILE F 148 31.05 49.88 -25.35
C ILE F 148 29.66 49.40 -24.90
N ALA F 149 29.15 50.00 -23.83
CA ALA F 149 27.85 49.62 -23.29
C ALA F 149 27.14 50.84 -22.71
N PRO F 150 25.80 50.74 -22.55
CA PRO F 150 25.07 51.87 -21.96
C PRO F 150 25.57 52.11 -20.54
N ALA F 151 25.67 53.36 -20.15
CA ALA F 151 26.09 53.70 -18.79
C ALA F 151 25.23 52.97 -17.78
N ARG F 152 25.87 52.45 -16.74
CA ARG F 152 25.18 51.73 -15.67
C ARG F 152 26.11 51.61 -14.46
N PRO F 153 25.54 51.77 -13.24
CA PRO F 153 26.35 51.81 -12.01
C PRO F 153 27.19 50.56 -11.78
N GLY F 154 26.68 49.42 -12.25
CA GLY F 154 27.39 48.14 -12.17
C GLY F 154 28.70 48.09 -12.94
N ASN F 155 28.90 49.04 -13.85
CA ASN F 155 30.15 49.14 -14.61
C ASN F 155 31.09 50.22 -14.11
N SER F 156 30.80 50.76 -12.92
CA SER F 156 31.64 51.79 -12.30
C SER F 156 32.93 51.19 -11.79
N ALA F 157 33.96 52.03 -11.65
CA ALA F 157 35.25 51.61 -11.11
C ALA F 157 35.07 50.95 -9.74
N LYS F 158 34.25 51.57 -8.89
CA LYS F 158 33.93 51.06 -7.56
C LYS F 158 33.37 49.64 -7.65
N ALA F 159 32.37 49.45 -8.51
CA ALA F 159 31.67 48.18 -8.61
C ALA F 159 32.49 47.10 -9.31
N LEU F 160 33.42 47.51 -10.17
CA LEU F 160 34.35 46.59 -10.79
C LEU F 160 35.51 46.24 -9.84
N LYS F 161 35.88 47.18 -8.98
CA LYS F 161 36.92 46.96 -7.98
C LYS F 161 36.43 45.94 -6.94
N ALA F 162 35.16 46.09 -6.53
CA ALA F 162 34.57 45.22 -5.53
C ALA F 162 34.53 43.77 -6.02
N VAL F 163 34.25 43.61 -7.31
CA VAL F 163 34.29 42.29 -7.94
C VAL F 163 35.71 41.74 -7.88
N GLN F 164 36.68 42.55 -8.30
CA GLN F 164 38.06 42.13 -8.34
C GLN F 164 38.51 41.70 -6.94
N ASP F 165 38.16 42.51 -5.93
CA ASP F 165 38.45 42.21 -4.52
C ASP F 165 37.82 40.89 -4.06
N LYS F 166 36.57 40.66 -4.47
CA LYS F 166 35.88 39.43 -4.09
C LYS F 166 36.53 38.24 -4.77
N LEU F 167 37.01 38.48 -5.99
CA LEU F 167 37.64 37.45 -6.80
C LEU F 167 39.03 37.14 -6.28
N LYS F 168 39.75 38.19 -5.88
CA LYS F 168 41.09 38.07 -5.35
C LYS F 168 41.07 37.24 -4.08
N ALA F 169 40.13 37.57 -3.19
CA ALA F 169 39.98 36.91 -1.89
C ALA F 169 39.72 35.43 -2.11
N PHE F 170 38.84 35.14 -3.07
CA PHE F 170 38.53 33.80 -3.49
C PHE F 170 39.78 33.06 -3.99
N VAL F 171 40.51 33.69 -4.90
CA VAL F 171 41.72 33.10 -5.48
C VAL F 171 42.82 32.92 -4.43
N GLU F 172 42.99 33.92 -3.59
CA GLU F 172 44.00 33.91 -2.53
C GLU F 172 43.77 32.82 -1.48
N SER F 173 42.54 32.32 -1.41
CA SER F 173 42.17 31.29 -0.43
C SER F 173 42.74 29.92 -0.75
N GLY F 174 43.15 29.72 -2.01
CA GLY F 174 43.68 28.44 -2.45
C GLY F 174 42.59 27.45 -2.83
N GLN F 175 41.33 27.76 -2.50
CA GLN F 175 40.20 26.90 -2.88
C GLN F 175 39.46 27.49 -4.09
N LEU F 176 39.91 27.11 -5.28
CA LEU F 176 39.40 27.72 -6.51
C LEU F 176 38.03 27.19 -6.92
N GLY F 177 37.55 26.17 -6.21
CA GLY F 177 36.22 25.62 -6.45
C GLY F 177 36.04 25.30 -7.92
N ILE F 178 35.06 25.95 -8.55
CA ILE F 178 34.73 25.68 -9.95
C ILE F 178 35.77 26.13 -10.98
N PHE F 179 36.81 26.84 -10.54
CA PHE F 179 37.89 27.28 -11.43
C PHE F 179 39.10 26.35 -11.38
N THR F 180 39.08 25.41 -10.44
CA THR F 180 40.14 24.42 -10.29
C THR F 180 40.52 23.86 -11.67
N ASN F 181 41.82 23.87 -11.98
CA ASN F 181 42.35 23.38 -13.26
C ASN F 181 41.68 23.95 -14.51
N ALA F 182 41.16 25.18 -14.44
CA ALA F 182 40.60 25.79 -15.64
C ALA F 182 41.69 25.88 -16.72
N TYR F 183 41.26 25.87 -17.97
CA TYR F 183 42.18 25.89 -19.10
C TYR F 183 42.95 27.20 -19.20
N PHE F 184 42.44 28.25 -18.58
CA PHE F 184 43.09 29.56 -18.63
C PHE F 184 44.07 29.83 -17.48
N LEU F 185 44.08 28.96 -16.48
CA LEU F 185 44.99 29.14 -15.33
C LEU F 185 46.44 29.22 -15.81
N GLY F 186 47.12 30.29 -15.40
CA GLY F 186 48.52 30.52 -15.77
C GLY F 186 48.71 30.98 -17.21
N GLY F 187 47.64 31.48 -17.83
CA GLY F 187 47.73 31.99 -19.19
C GLY F 187 47.54 30.93 -20.26
N HIS F 188 47.01 31.34 -21.41
CA HIS F 188 46.69 30.42 -22.49
C HIS F 188 46.66 31.18 -23.83
N LYS F 189 47.40 30.67 -24.81
CA LYS F 189 47.47 31.26 -26.14
C LYS F 189 46.10 31.56 -26.78
N ALA F 190 45.12 30.68 -26.56
CA ALA F 190 43.82 30.82 -27.23
C ALA F 190 42.87 31.80 -26.53
N TYR F 191 43.30 32.36 -25.40
CA TYR F 191 42.53 33.38 -24.69
C TYR F 191 43.09 34.76 -25.04
N TYR F 192 42.31 35.58 -25.75
CA TYR F 192 42.82 36.86 -26.30
C TYR F 192 42.46 38.10 -25.50
N LEU F 193 41.44 38.00 -24.65
CA LEU F 193 40.86 39.19 -24.02
C LEU F 193 41.85 39.95 -23.13
N PRO F 194 41.89 41.29 -23.27
CA PRO F 194 42.58 42.13 -22.31
C PRO F 194 42.04 41.91 -20.90
N PRO F 195 42.88 42.06 -19.86
CA PRO F 195 42.42 41.87 -18.49
C PRO F 195 41.17 42.70 -18.14
N GLU F 196 41.08 43.89 -18.73
CA GLU F 196 39.97 44.80 -18.48
C GLU F 196 38.64 44.22 -18.93
N VAL F 197 38.66 43.50 -20.05
CA VAL F 197 37.46 42.85 -20.58
C VAL F 197 37.14 41.63 -19.74
N ASP F 198 38.16 40.89 -19.32
CA ASP F 198 37.99 39.78 -18.39
C ASP F 198 37.24 40.23 -17.14
N LEU F 199 37.64 41.38 -16.59
CA LEU F 199 37.01 41.90 -15.39
C LEU F 199 35.55 42.25 -15.63
N ILE F 200 35.29 42.97 -16.72
CA ILE F 200 33.93 43.31 -17.09
C ILE F 200 33.07 42.07 -17.28
N ALA F 201 33.53 41.14 -18.11
CA ALA F 201 32.81 39.90 -18.34
C ALA F 201 32.51 39.17 -17.02
N THR F 202 33.50 39.12 -16.12
CA THR F 202 33.39 38.42 -14.85
C THR F 202 32.39 39.11 -13.92
N ALA F 203 32.37 40.45 -13.94
CA ALA F 203 31.43 41.21 -13.13
C ALA F 203 30.00 40.87 -13.55
N HIS F 204 29.78 40.78 -14.86
CA HIS F 204 28.46 40.45 -15.41
C HIS F 204 28.12 38.98 -15.20
N TYR F 205 29.14 38.13 -15.17
CA TYR F 205 28.98 36.73 -14.83
C TYR F 205 28.30 36.63 -13.46
N LEU F 206 28.77 37.39 -12.49
CA LEU F 206 28.19 37.37 -11.15
C LEU F 206 26.79 37.97 -11.13
N GLU F 207 26.63 39.14 -11.77
CA GLU F 207 25.32 39.78 -11.91
C GLU F 207 24.29 38.83 -12.50
N ALA F 208 24.67 38.12 -13.57
CA ALA F 208 23.75 37.24 -14.27
C ALA F 208 23.29 36.10 -13.36
N LEU F 209 24.12 35.70 -12.43
CA LEU F 209 23.74 34.70 -11.43
C LEU F 209 22.49 35.16 -10.67
N HIS F 210 22.43 36.44 -10.33
CA HIS F 210 21.21 37.01 -9.73
C HIS F 210 20.12 37.22 -10.78
N MET F 211 20.48 37.63 -11.98
CA MET F 211 19.48 37.95 -12.96
C MET F 211 18.69 36.71 -13.42
N GLN F 212 19.37 35.59 -13.58
CA GLN F 212 18.68 34.35 -13.97
C GLN F 212 17.61 33.95 -12.93
N VAL F 213 17.83 34.33 -11.67
CA VAL F 213 16.80 34.14 -10.64
C VAL F 213 15.53 34.94 -11.00
N LYS F 214 15.69 36.23 -11.32
CA LYS F 214 14.57 37.07 -11.75
C LYS F 214 13.84 36.52 -12.98
N ALA F 215 14.61 36.09 -13.99
CA ALA F 215 14.07 35.47 -15.22
C ALA F 215 13.24 34.23 -14.90
N ALA F 216 13.71 33.42 -13.97
CA ALA F 216 12.98 32.24 -13.56
C ALA F 216 11.68 32.62 -12.84
N SER F 217 11.73 33.68 -12.02
CA SER F 217 10.54 34.18 -11.34
C SER F 217 9.47 34.68 -12.31
N ALA F 218 9.90 35.44 -13.32
CA ALA F 218 8.94 35.90 -14.34
C ALA F 218 8.23 34.68 -14.89
N MET F 219 9.01 33.70 -15.31
CA MET F 219 8.49 32.46 -15.91
C MET F 219 7.52 31.71 -14.99
N ALA F 220 7.86 31.63 -13.71
CA ALA F 220 7.07 30.94 -12.70
C ALA F 220 5.73 31.63 -12.43
N ILE F 221 5.65 32.94 -12.64
CA ILE F 221 4.37 33.66 -12.53
C ILE F 221 3.31 33.01 -13.42
N LEU F 222 3.73 32.60 -14.62
CA LEU F 222 2.82 31.95 -15.56
C LEU F 222 2.91 30.43 -15.48
N GLY F 223 4.11 29.90 -15.26
CA GLY F 223 4.37 28.46 -15.27
C GLY F 223 4.13 27.69 -13.98
N GLY F 224 3.80 28.41 -12.90
CA GLY F 224 3.60 27.78 -11.60
C GLY F 224 4.87 27.60 -10.78
N LYS F 225 5.98 27.28 -11.45
CA LYS F 225 7.27 27.10 -10.79
C LYS F 225 8.35 26.91 -11.83
N ASN F 226 9.60 27.10 -11.41
CA ASN F 226 10.75 26.86 -12.27
C ASN F 226 11.91 26.40 -11.41
N PRO F 227 12.56 25.28 -11.76
CA PRO F 227 12.33 24.43 -12.92
C PRO F 227 11.09 23.54 -12.89
N HIS F 228 10.67 23.11 -14.08
CA HIS F 228 9.58 22.16 -14.30
C HIS F 228 8.19 22.77 -14.09
N THR F 229 7.74 23.49 -15.10
CA THR F 229 6.45 24.20 -15.04
C THR F 229 5.31 23.22 -14.90
N GLN F 230 4.17 23.75 -14.44
CA GLN F 230 3.01 22.94 -14.12
C GLN F 230 1.75 23.79 -14.30
N PHE F 231 1.46 24.19 -15.54
CA PHE F 231 0.30 25.01 -15.88
C PHE F 231 -0.36 24.57 -17.20
N THR F 232 0.31 23.69 -17.93
CA THR F 232 -0.25 23.21 -19.18
C THR F 232 -1.12 22.00 -18.90
N VAL F 233 -2.25 21.94 -19.62
CA VAL F 233 -3.15 20.79 -19.64
C VAL F 233 -3.57 20.53 -21.11
N VAL F 234 -4.10 19.35 -21.42
CA VAL F 234 -4.63 19.13 -22.75
C VAL F 234 -5.77 20.10 -23.01
N GLY F 235 -5.68 20.78 -24.15
CA GLY F 235 -6.67 21.79 -24.52
C GLY F 235 -6.33 23.21 -24.07
N GLY F 236 -5.20 23.37 -23.37
CA GLY F 236 -4.75 24.72 -23.02
C GLY F 236 -3.89 24.86 -21.79
N CYS F 237 -4.34 25.70 -20.86
CA CYS F 237 -3.63 25.96 -19.59
C CYS F 237 -4.59 25.97 -18.41
N SER F 238 -4.06 25.82 -17.21
CA SER F 238 -4.85 25.80 -15.98
C SER F 238 -4.76 27.11 -15.21
N ASN F 239 -3.84 27.98 -15.62
CA ASN F 239 -3.44 29.12 -14.81
C ASN F 239 -4.25 30.38 -15.09
N TYR F 240 -5.51 30.37 -14.64
CA TYR F 240 -6.37 31.54 -14.74
C TYR F 240 -5.80 32.77 -14.05
N GLN F 241 -5.06 32.57 -12.97
CA GLN F 241 -4.44 33.70 -12.30
C GLN F 241 -3.44 34.40 -13.23
N GLY F 242 -2.82 33.64 -14.12
CA GLY F 242 -1.81 34.19 -15.02
C GLY F 242 -2.40 35.16 -16.03
N LEU F 243 -3.72 35.30 -16.02
CA LEU F 243 -4.38 36.21 -16.92
C LEU F 243 -4.75 37.53 -16.24
N THR F 244 -4.47 37.63 -14.94
CA THR F 244 -4.95 38.78 -14.15
C THR F 244 -3.95 39.92 -14.07
N LYS F 245 -4.42 41.07 -13.57
CA LYS F 245 -3.69 42.33 -13.64
C LYS F 245 -2.37 42.36 -12.84
N ASP F 246 -2.46 42.13 -11.54
CA ASP F 246 -1.28 42.22 -10.67
C ASP F 246 -0.15 41.24 -11.06
N PRO F 247 -0.49 39.95 -11.29
CA PRO F 247 0.53 39.01 -11.74
C PRO F 247 1.17 39.42 -13.05
N LEU F 248 0.37 39.90 -14.01
CA LEU F 248 0.94 40.28 -15.30
C LEU F 248 1.78 41.55 -15.22
N ALA F 249 1.43 42.42 -14.27
CA ALA F 249 2.20 43.63 -13.99
C ALA F 249 3.57 43.27 -13.40
N ASN F 250 3.58 42.34 -12.45
CA ASN F 250 4.82 41.82 -11.88
C ASN F 250 5.68 41.11 -12.93
N TYR F 251 5.05 40.26 -13.74
CA TYR F 251 5.71 39.55 -14.83
C TYR F 251 6.40 40.52 -15.78
N LEU F 252 5.68 41.56 -16.18
CA LEU F 252 6.26 42.58 -17.04
C LEU F 252 7.39 43.34 -16.38
N ALA F 253 7.27 43.61 -15.07
CA ALA F 253 8.30 44.34 -14.36
C ALA F 253 9.58 43.51 -14.24
N LEU F 254 9.41 42.21 -14.01
CA LEU F 254 10.57 41.32 -13.90
C LEU F 254 11.22 41.14 -15.27
N SER F 255 10.40 40.98 -16.30
CA SER F 255 10.89 40.80 -17.66
C SER F 255 11.66 42.01 -18.19
N LYS F 256 11.23 43.22 -17.80
CA LYS F 256 11.90 44.44 -18.23
C LYS F 256 13.28 44.56 -17.58
N GLU F 257 13.39 44.09 -16.33
CA GLU F 257 14.66 44.04 -15.61
C GLU F 257 15.63 43.11 -16.34
N VAL F 258 15.11 41.95 -16.71
CA VAL F 258 15.88 40.93 -17.42
C VAL F 258 16.35 41.48 -18.76
N CYS F 259 15.45 42.17 -19.44
CA CYS F 259 15.71 42.68 -20.77
C CYS F 259 16.67 43.85 -20.76
N GLN F 260 16.66 44.62 -19.68
CA GLN F 260 17.65 45.67 -19.46
C GLN F 260 19.05 45.05 -19.36
N PHE F 261 19.18 44.00 -18.55
CA PHE F 261 20.43 43.28 -18.42
C PHE F 261 20.90 42.69 -19.77
N VAL F 262 19.95 42.12 -20.54
CA VAL F 262 20.22 41.62 -21.89
C VAL F 262 20.90 42.67 -22.76
N ASN F 263 20.29 43.86 -22.80
CA ASN F 263 20.75 44.99 -23.60
C ASN F 263 21.99 45.68 -23.06
N GLU F 264 22.08 45.78 -21.73
CA GLU F 264 23.17 46.50 -21.06
C GLU F 264 24.43 45.68 -20.89
N CYS F 265 24.27 44.38 -20.73
CA CYS F 265 25.39 43.50 -20.43
C CYS F 265 25.59 42.40 -21.47
N TYR F 266 24.58 41.57 -21.67
CA TYR F 266 24.73 40.40 -22.55
C TYR F 266 25.25 40.76 -23.95
N ILE F 267 24.48 41.56 -24.68
CA ILE F 267 24.80 41.90 -26.05
C ILE F 267 26.14 42.65 -26.19
N PRO F 268 26.34 43.71 -25.39
CA PRO F 268 27.65 44.37 -25.44
C PRO F 268 28.83 43.43 -25.10
N ASP F 269 28.67 42.55 -24.12
CA ASP F 269 29.70 41.54 -23.82
C ASP F 269 29.91 40.59 -25.01
N LEU F 270 28.81 40.12 -25.60
CA LEU F 270 28.88 39.25 -26.77
C LEU F 270 29.65 39.96 -27.90
N LEU F 271 29.31 41.22 -28.16
CA LEU F 271 29.99 41.96 -29.24
C LEU F 271 31.46 42.22 -28.90
N ALA F 272 31.72 42.59 -27.65
CA ALA F 272 33.10 42.83 -27.19
C ALA F 272 33.96 41.59 -27.42
N VAL F 273 33.47 40.46 -26.94
CA VAL F 273 34.13 39.18 -27.13
C VAL F 273 34.26 38.86 -28.62
N ALA F 274 33.13 38.95 -29.34
CA ALA F 274 33.12 38.68 -30.78
C ALA F 274 34.19 39.48 -31.53
N GLY F 275 34.35 40.74 -31.16
CA GLY F 275 35.35 41.61 -31.77
C GLY F 275 36.78 41.13 -31.60
N PHE F 276 37.07 40.52 -30.46
CA PHE F 276 38.43 40.04 -30.19
C PHE F 276 38.69 38.67 -30.80
N TYR F 277 37.60 37.90 -31.01
CA TYR F 277 37.73 36.57 -31.57
C TYR F 277 37.19 36.46 -33.00
N LYS F 278 37.47 37.49 -33.79
CA LYS F 278 37.00 37.58 -35.17
C LYS F 278 37.42 36.38 -36.01
N ASP F 279 38.55 35.78 -35.68
CA ASP F 279 39.04 34.61 -36.39
C ASP F 279 38.09 33.42 -36.23
N TRP F 280 37.33 33.42 -35.14
CA TRP F 280 36.35 32.38 -34.90
C TRP F 280 35.13 32.51 -35.82
N GLY F 281 35.17 33.53 -36.68
CA GLY F 281 34.20 33.69 -37.76
C GLY F 281 34.50 32.74 -38.91
N GLY F 282 35.71 32.18 -38.94
CA GLY F 282 36.08 31.22 -39.98
C GLY F 282 36.23 29.79 -39.50
N ILE F 283 35.70 29.52 -38.30
CA ILE F 283 35.84 28.22 -37.67
C ILE F 283 34.48 27.72 -37.24
N GLY F 284 34.23 26.43 -37.49
CA GLY F 284 33.07 25.74 -36.93
C GLY F 284 31.76 25.97 -37.66
N GLY F 285 31.84 26.25 -38.96
CA GLY F 285 30.64 26.41 -39.78
C GLY F 285 30.03 25.12 -40.28
N THR F 286 28.71 25.12 -40.44
CA THR F 286 27.99 23.99 -41.08
C THR F 286 27.16 24.56 -42.24
N SER F 287 26.42 23.70 -42.95
CA SER F 287 25.73 24.12 -44.19
C SER F 287 24.21 24.16 -44.17
N ASN F 288 23.59 23.28 -43.40
CA ASN F 288 22.16 23.08 -43.41
C ASN F 288 21.44 23.49 -42.12
N TYR F 289 20.33 24.23 -42.26
CA TYR F 289 19.61 24.73 -41.09
C TYR F 289 18.11 24.46 -41.15
N LEU F 290 17.57 24.02 -40.01
CA LEU F 290 16.17 23.70 -39.87
C LEU F 290 15.57 24.44 -38.68
N ALA F 291 14.36 24.99 -38.88
CA ALA F 291 13.55 25.53 -37.78
C ALA F 291 12.09 25.18 -37.98
N PHE F 292 11.41 24.89 -36.87
CA PHE F 292 9.98 24.66 -36.86
C PHE F 292 9.27 25.98 -36.61
N GLY F 293 10.05 26.96 -36.17
CA GLY F 293 9.52 28.26 -35.81
C GLY F 293 8.94 28.30 -34.41
N GLU F 294 8.79 29.51 -33.89
CA GLU F 294 8.16 29.67 -32.58
C GLU F 294 7.42 31.01 -32.49
N PHE F 295 6.56 31.14 -31.49
CA PHE F 295 5.78 32.35 -31.24
C PHE F 295 4.77 32.55 -32.37
N ALA F 296 3.99 31.51 -32.62
CA ALA F 296 2.98 31.53 -33.66
C ALA F 296 1.77 32.33 -33.19
N THR F 297 1.13 33.01 -34.13
CA THR F 297 -0.13 33.67 -33.87
C THR F 297 -1.31 32.72 -34.07
N ASP F 298 -1.04 31.55 -34.65
CA ASP F 298 -2.05 30.52 -34.86
C ASP F 298 -1.44 29.15 -34.56
N ASP F 299 -1.72 28.64 -33.36
CA ASP F 299 -1.22 27.31 -32.97
C ASP F 299 -2.35 26.29 -33.02
N SER F 300 -3.30 26.48 -33.94
CA SER F 300 -4.45 25.58 -34.05
C SER F 300 -4.06 24.20 -34.61
N SER F 301 -2.87 24.11 -35.23
CA SER F 301 -2.33 22.87 -35.80
C SER F 301 -0.83 23.02 -36.10
N PRO F 302 -0.11 21.89 -36.31
CA PRO F 302 1.32 21.98 -36.59
C PRO F 302 1.60 22.75 -37.87
N GLU F 303 0.75 22.59 -38.88
CA GLU F 303 0.87 23.32 -40.13
C GLU F 303 0.75 24.84 -39.88
N LYS F 304 -0.24 25.24 -39.08
CA LYS F 304 -0.43 26.63 -38.71
C LYS F 304 0.71 27.20 -37.88
N HIS F 305 1.24 26.38 -36.97
CA HIS F 305 2.45 26.74 -36.26
C HIS F 305 3.61 27.03 -37.23
N LEU F 306 3.85 26.12 -38.17
CA LEU F 306 4.91 26.28 -39.17
C LEU F 306 4.72 27.55 -39.99
N ALA F 307 3.48 27.89 -40.27
CA ALA F 307 3.21 29.01 -41.14
C ALA F 307 3.18 30.35 -40.41
N THR F 308 2.74 30.35 -39.15
CA THR F 308 2.45 31.62 -38.47
C THR F 308 3.44 32.00 -37.41
N SER F 309 4.45 31.15 -37.20
CA SER F 309 5.52 31.43 -36.25
C SER F 309 6.19 32.77 -36.55
N GLN F 310 6.26 33.62 -35.54
CA GLN F 310 6.87 34.94 -35.70
C GLN F 310 8.38 34.86 -35.87
N PHE F 311 8.98 33.85 -35.22
CA PHE F 311 10.32 33.39 -35.58
C PHE F 311 10.04 32.28 -36.57
N PRO F 312 10.14 32.58 -37.88
CA PRO F 312 9.59 31.67 -38.89
C PRO F 312 10.27 30.31 -38.95
N SER F 313 9.54 29.34 -39.49
CA SER F 313 10.07 28.01 -39.77
C SER F 313 10.78 28.03 -41.11
N GLY F 314 11.45 26.93 -41.45
CA GLY F 314 12.03 26.82 -42.77
C GLY F 314 13.24 25.91 -42.83
N VAL F 315 13.70 25.64 -44.05
CA VAL F 315 14.87 24.81 -44.26
C VAL F 315 15.82 25.49 -45.23
N ILE F 316 17.04 25.70 -44.77
CA ILE F 316 18.15 26.15 -45.59
C ILE F 316 19.16 25.00 -45.81
N THR F 317 19.54 24.82 -47.07
CA THR F 317 20.49 23.78 -47.46
C THR F 317 21.66 24.44 -48.17
N GLY F 318 22.88 24.00 -47.85
CA GLY F 318 24.06 24.51 -48.53
C GLY F 318 24.25 26.00 -48.41
N ARG F 319 23.89 26.56 -47.25
CA ARG F 319 24.13 27.97 -46.96
C ARG F 319 23.41 28.91 -47.92
N ASP F 320 22.49 28.37 -48.70
CA ASP F 320 21.77 29.14 -49.72
C ASP F 320 20.61 29.90 -49.07
N LEU F 321 20.86 31.18 -48.80
CA LEU F 321 19.91 32.06 -48.14
C LEU F 321 18.83 32.51 -49.10
N GLY F 322 18.99 32.21 -50.38
CA GLY F 322 18.01 32.58 -51.37
C GLY F 322 16.92 31.55 -51.54
N LYS F 323 17.03 30.44 -50.80
CA LYS F 323 16.09 29.34 -50.97
C LYS F 323 15.71 28.67 -49.65
N VAL F 324 14.82 29.32 -48.90
CA VAL F 324 14.26 28.72 -47.70
C VAL F 324 13.05 27.89 -48.09
N ASP F 325 13.14 26.59 -47.86
CA ASP F 325 12.03 25.69 -48.15
C ASP F 325 11.10 25.57 -46.97
N ASN F 326 9.85 25.23 -47.24
CA ASN F 326 8.94 24.89 -46.15
C ASN F 326 9.36 23.55 -45.54
N VAL F 327 9.02 23.36 -44.27
CA VAL F 327 9.35 22.13 -43.57
C VAL F 327 8.39 21.02 -43.99
N ASP F 328 8.97 19.88 -44.36
CA ASP F 328 8.22 18.66 -44.69
C ASP F 328 8.35 17.70 -43.52
N LEU F 329 7.30 17.60 -42.71
CA LEU F 329 7.35 16.74 -41.52
C LEU F 329 7.42 15.26 -41.85
N GLY F 330 7.04 14.88 -43.06
CA GLY F 330 7.19 13.49 -43.52
C GLY F 330 8.61 13.11 -43.90
N ALA F 331 9.51 14.10 -43.96
CA ALA F 331 10.90 13.92 -44.42
C ALA F 331 11.90 13.75 -43.25
N ILE F 332 11.41 13.95 -42.04
CA ILE F 332 12.20 13.72 -40.85
C ILE F 332 12.29 12.22 -40.58
N TYR F 333 13.49 11.76 -40.26
CA TYR F 333 13.66 10.39 -39.82
C TYR F 333 14.90 10.32 -38.95
N GLU F 334 15.06 9.20 -38.26
CA GLU F 334 16.22 8.99 -37.41
C GLU F 334 16.90 7.69 -37.74
N ASP F 335 18.23 7.75 -37.81
CA ASP F 335 19.07 6.59 -38.04
C ASP F 335 19.69 6.13 -36.72
N VAL F 336 20.09 4.86 -36.66
CA VAL F 336 20.77 4.30 -35.48
C VAL F 336 22.02 3.51 -35.83
N LYS F 337 22.45 3.61 -37.09
CA LYS F 337 23.60 2.87 -37.58
C LYS F 337 24.83 3.01 -36.65
N TYR F 338 25.11 4.23 -36.22
CA TYR F 338 26.29 4.49 -35.36
C TYR F 338 25.94 4.76 -33.90
N SER F 339 24.71 4.36 -33.55
CA SER F 339 24.17 4.57 -32.22
C SER F 339 24.06 3.26 -31.44
N TRP F 340 23.89 3.38 -30.13
CA TRP F 340 23.71 2.21 -29.27
C TRP F 340 22.25 1.66 -29.25
N TYR F 341 21.78 1.27 -30.43
CA TYR F 341 20.47 0.63 -30.59
C TYR F 341 20.56 -0.58 -31.52
N ALA F 342 19.53 -1.43 -31.49
CA ALA F 342 19.52 -2.69 -32.26
C ALA F 342 19.54 -2.51 -33.80
N PRO F 343 20.22 -3.42 -34.51
CA PRO F 343 20.20 -3.47 -35.97
C PRO F 343 18.81 -3.26 -36.61
N GLY F 344 18.80 -2.79 -37.85
CA GLY F 344 17.58 -2.57 -38.63
C GLY F 344 16.62 -1.56 -38.03
N GLY F 345 17.17 -0.48 -37.48
CA GLY F 345 16.34 0.59 -36.91
C GLY F 345 16.50 1.91 -37.66
N ASP F 346 17.16 1.86 -38.81
CA ASP F 346 17.51 3.04 -39.57
C ASP F 346 16.34 3.57 -40.38
N GLY F 347 16.33 4.89 -40.58
CA GLY F 347 15.36 5.53 -41.48
C GLY F 347 13.94 5.55 -40.99
N LYS F 348 13.76 5.58 -39.68
CA LYS F 348 12.41 5.59 -39.09
C LYS F 348 11.86 7.00 -38.95
N HIS F 349 10.76 7.30 -39.63
CA HIS F 349 9.99 8.49 -39.33
C HIS F 349 9.56 8.33 -37.87
N PRO F 350 9.61 9.40 -37.07
CA PRO F 350 9.30 9.27 -35.64
C PRO F 350 7.91 8.64 -35.32
N TYR F 351 6.91 8.76 -36.19
CA TYR F 351 5.63 8.06 -35.96
C TYR F 351 5.82 6.54 -35.95
N ASP F 352 6.88 6.07 -36.61
CA ASP F 352 7.22 4.64 -36.64
C ASP F 352 8.51 4.42 -35.86
N GLY F 353 8.85 5.36 -35.00
CA GLY F 353 10.10 5.32 -34.25
C GLY F 353 10.25 4.07 -33.40
N VAL F 354 11.50 3.64 -33.25
CA VAL F 354 11.84 2.44 -32.48
C VAL F 354 12.97 2.79 -31.52
N THR F 355 12.81 2.41 -30.26
CA THR F 355 13.85 2.67 -29.26
C THR F 355 14.21 1.35 -28.58
N ASP F 356 15.24 0.69 -29.11
CA ASP F 356 15.69 -0.61 -28.62
C ASP F 356 17.19 -0.57 -28.29
N PRO F 357 17.53 -0.12 -27.05
CA PRO F 357 18.91 0.13 -26.68
C PRO F 357 19.77 -1.11 -26.78
N LYS F 358 20.99 -0.94 -27.31
CA LYS F 358 21.97 -2.01 -27.43
C LYS F 358 23.35 -1.40 -27.36
N TYR F 359 23.95 -1.48 -26.19
CA TYR F 359 25.29 -0.96 -25.94
C TYR F 359 26.34 -1.92 -26.50
N THR F 360 27.43 -1.37 -27.04
CA THR F 360 28.54 -2.22 -27.48
C THR F 360 29.67 -2.03 -26.49
N LYS F 361 30.53 -1.06 -26.76
CA LYS F 361 31.57 -0.70 -25.81
C LYS F 361 32.05 0.70 -26.11
N LEU F 362 32.78 1.25 -25.14
CA LEU F 362 33.31 2.59 -25.24
C LEU F 362 34.18 2.67 -26.47
N ASP F 363 33.97 3.74 -27.24
CA ASP F 363 34.82 4.05 -28.39
C ASP F 363 34.82 2.95 -29.47
N ASP F 364 33.65 2.34 -29.67
CA ASP F 364 33.42 1.49 -30.83
C ASP F 364 32.99 2.40 -31.97
N LYS F 365 33.88 2.63 -32.93
CA LYS F 365 33.66 3.57 -34.04
C LYS F 365 32.37 3.29 -34.83
N ASP F 366 31.91 2.04 -34.75
CA ASP F 366 30.66 1.59 -35.34
C ASP F 366 29.42 1.96 -34.53
N HIS F 367 29.56 2.05 -33.21
CA HIS F 367 28.47 2.44 -32.33
C HIS F 367 29.06 3.23 -31.17
N TYR F 368 28.82 4.54 -31.16
CA TYR F 368 29.51 5.42 -30.23
C TYR F 368 28.64 6.47 -29.53
N SER F 369 27.33 6.37 -29.68
CA SER F 369 26.42 7.33 -29.04
C SER F 369 25.07 6.75 -28.67
N TRP F 370 24.50 7.28 -27.60
CA TRP F 370 23.12 6.97 -27.21
C TRP F 370 22.11 7.85 -27.96
N MET F 371 22.60 8.88 -28.64
CA MET F 371 21.75 9.69 -29.50
C MET F 371 21.52 9.00 -30.82
N LYS F 372 20.28 9.10 -31.30
CA LYS F 372 19.96 8.72 -32.66
C LYS F 372 20.50 9.82 -33.58
N ALA F 373 20.53 9.54 -34.87
CA ALA F 373 20.96 10.54 -35.83
C ALA F 373 19.78 10.99 -36.69
N PRO F 374 19.15 12.13 -36.33
CA PRO F 374 18.05 12.66 -37.11
C PRO F 374 18.55 13.25 -38.42
N ARG F 375 17.86 12.92 -39.49
CA ARG F 375 18.23 13.39 -40.81
C ARG F 375 17.00 13.88 -41.54
N TYR F 376 17.22 14.77 -42.51
CA TYR F 376 16.15 15.37 -43.27
C TYR F 376 16.49 15.24 -44.75
N LYS F 377 15.73 14.41 -45.48
CA LYS F 377 16.00 14.13 -46.90
C LYS F 377 17.42 13.62 -47.17
N GLY F 378 18.06 13.08 -46.14
CA GLY F 378 19.39 12.49 -46.28
C GLY F 378 20.51 13.37 -45.72
N LYS F 379 20.15 14.54 -45.21
CA LYS F 379 21.12 15.50 -44.66
C LYS F 379 20.96 15.72 -43.18
N ALA F 380 22.10 15.98 -42.53
CA ALA F 380 22.19 16.46 -41.17
C ALA F 380 21.80 17.92 -41.16
N MET F 381 21.10 18.33 -40.11
CA MET F 381 20.60 19.71 -39.99
C MET F 381 21.06 20.34 -38.69
N GLU F 382 21.63 21.54 -38.81
CA GLU F 382 21.85 22.34 -37.62
C GLU F 382 20.56 23.08 -37.23
N VAL F 383 20.24 23.03 -35.95
CA VAL F 383 19.04 23.67 -35.44
C VAL F 383 19.46 24.65 -34.33
N GLY F 384 18.58 25.58 -33.98
CA GLY F 384 18.86 26.48 -32.88
C GLY F 384 18.94 27.95 -33.28
N PRO F 385 19.49 28.81 -32.40
CA PRO F 385 19.51 30.26 -32.65
C PRO F 385 20.11 30.63 -33.99
N LEU F 386 21.19 29.97 -34.42
CA LEU F 386 21.79 30.31 -35.71
C LEU F 386 20.87 29.92 -36.86
N ALA F 387 20.30 28.72 -36.78
CA ALA F 387 19.33 28.25 -37.76
C ALA F 387 18.18 29.24 -37.85
N ARG F 388 17.61 29.58 -36.70
CA ARG F 388 16.49 30.53 -36.64
C ARG F 388 16.86 31.88 -37.28
N THR F 389 18.01 32.40 -36.87
CA THR F 389 18.51 33.69 -37.34
C THR F 389 18.68 33.73 -38.87
N PHE F 390 19.31 32.71 -39.44
CA PHE F 390 19.49 32.66 -40.90
C PHE F 390 18.15 32.58 -41.61
N ILE F 391 17.28 31.72 -41.10
CA ILE F 391 15.96 31.53 -41.70
C ILE F 391 15.14 32.83 -41.64
N ALA F 392 15.11 33.46 -40.47
CA ALA F 392 14.42 34.73 -40.31
C ALA F 392 15.05 35.80 -41.21
N TYR F 393 16.38 35.88 -41.18
CA TYR F 393 17.12 36.85 -41.99
C TYR F 393 16.82 36.68 -43.47
N ALA F 394 16.92 35.44 -43.95
CA ALA F 394 16.64 35.16 -45.36
C ALA F 394 15.19 35.55 -45.71
N LYS F 395 14.28 35.34 -44.76
CA LYS F 395 12.87 35.66 -44.98
C LYS F 395 12.53 37.16 -44.86
N GLY F 396 13.51 37.96 -44.46
CA GLY F 396 13.28 39.40 -44.28
C GLY F 396 12.45 39.73 -43.04
N GLN F 397 12.54 38.89 -42.02
CA GLN F 397 11.92 39.20 -40.73
C GLN F 397 12.57 40.47 -40.19
N PRO F 398 11.76 41.55 -40.02
CA PRO F 398 12.30 42.89 -39.81
C PRO F 398 13.15 43.05 -38.55
N ASP F 399 12.73 42.43 -37.45
CA ASP F 399 13.52 42.47 -36.22
C ASP F 399 14.88 41.80 -36.43
N PHE F 400 14.87 40.61 -37.02
CA PHE F 400 16.11 39.88 -37.28
C PHE F 400 17.01 40.61 -38.26
N LYS F 401 16.42 41.14 -39.32
CA LYS F 401 17.15 41.91 -40.30
C LYS F 401 17.88 43.07 -39.62
N LYS F 402 17.16 43.76 -38.73
CA LYS F 402 17.68 44.94 -38.03
C LYS F 402 18.82 44.60 -37.08
N VAL F 403 18.68 43.52 -36.34
CA VAL F 403 19.63 43.14 -35.30
C VAL F 403 20.86 42.46 -35.89
N VAL F 404 20.62 41.58 -36.86
CA VAL F 404 21.69 40.96 -37.62
C VAL F 404 22.57 42.03 -38.31
N ASP F 405 21.94 42.99 -38.98
CA ASP F 405 22.69 44.07 -39.62
C ASP F 405 23.46 44.92 -38.62
N MET F 406 22.87 45.13 -37.45
CA MET F 406 23.54 45.87 -36.38
C MET F 406 24.82 45.15 -35.93
N VAL F 407 24.75 43.82 -35.82
CA VAL F 407 25.86 43.01 -35.34
C VAL F 407 26.94 42.84 -36.43
N LEU F 408 26.53 42.54 -37.65
CA LEU F 408 27.45 42.43 -38.78
C LEU F 408 28.19 43.74 -39.03
N GLY F 409 27.50 44.85 -38.75
CA GLY F 409 28.10 46.18 -38.84
C GLY F 409 29.12 46.36 -37.74
N LYS F 410 28.68 46.20 -36.50
CA LYS F 410 29.55 46.35 -35.32
C LYS F 410 30.85 45.55 -35.46
N LEU F 411 30.73 44.34 -35.99
CA LEU F 411 31.88 43.44 -36.17
C LEU F 411 32.57 43.60 -37.54
N SER F 412 32.02 44.47 -38.39
CA SER F 412 32.49 44.62 -39.78
C SER F 412 32.85 43.29 -40.45
N VAL F 413 31.86 42.41 -40.55
CA VAL F 413 31.99 41.14 -41.23
C VAL F 413 30.76 40.92 -42.14
N PRO F 414 30.91 40.10 -43.21
CA PRO F 414 29.73 39.76 -44.01
C PRO F 414 28.87 38.66 -43.38
N ALA F 415 27.64 38.52 -43.85
CA ALA F 415 26.70 37.55 -43.29
C ALA F 415 27.23 36.13 -43.37
N THR F 416 28.04 35.84 -44.37
CA THR F 416 28.67 34.53 -44.51
C THR F 416 29.57 34.18 -43.30
N ALA F 417 30.07 35.20 -42.60
CA ALA F 417 30.88 34.97 -41.39
C ALA F 417 30.02 34.39 -40.29
N LEU F 418 28.70 34.44 -40.44
CA LEU F 418 27.83 33.88 -39.42
C LEU F 418 27.80 32.35 -39.45
N HIS F 419 28.21 31.77 -40.58
CA HIS F 419 28.33 30.33 -40.70
C HIS F 419 29.57 29.84 -39.97
N SER F 420 29.54 29.93 -38.64
CA SER F 420 30.73 29.68 -37.84
C SER F 420 30.37 29.55 -36.39
N THR F 421 31.36 29.29 -35.55
CA THR F 421 31.19 29.25 -34.11
C THR F 421 30.88 30.63 -33.54
N LEU F 422 31.54 31.66 -34.09
CA LEU F 422 31.25 33.02 -33.67
C LEU F 422 29.81 33.40 -34.03
N GLY F 423 29.39 33.08 -35.26
CA GLY F 423 28.01 33.30 -35.69
C GLY F 423 27.01 32.58 -34.81
N ARG F 424 27.27 31.30 -34.55
CA ARG F 424 26.43 30.48 -33.69
C ARG F 424 26.25 31.10 -32.31
N THR F 425 27.34 31.65 -31.78
CA THR F 425 27.34 32.31 -30.48
C THR F 425 26.57 33.64 -30.55
N ALA F 426 26.85 34.44 -31.58
CA ALA F 426 26.17 35.72 -31.79
C ALA F 426 24.67 35.58 -32.06
N ALA F 427 24.30 34.57 -32.86
CA ALA F 427 22.91 34.29 -33.15
C ALA F 427 22.06 34.15 -31.88
N ARG F 428 22.63 33.49 -30.87
CA ARG F 428 21.96 33.27 -29.60
C ARG F 428 21.62 34.60 -28.94
N GLY F 429 22.54 35.56 -29.01
CA GLY F 429 22.31 36.87 -28.44
C GLY F 429 21.35 37.70 -29.28
N ILE F 430 21.51 37.61 -30.59
CA ILE F 430 20.59 38.27 -31.52
C ILE F 430 19.13 37.94 -31.18
N GLU F 431 18.78 36.66 -31.13
CA GLU F 431 17.40 36.29 -30.83
C GLU F 431 16.94 36.66 -29.42
N THR F 432 17.87 36.71 -28.46
CA THR F 432 17.56 37.09 -27.09
C THR F 432 17.06 38.55 -27.06
N ALA F 433 17.77 39.41 -27.78
CA ALA F 433 17.42 40.80 -27.90
C ALA F 433 16.07 40.99 -28.59
N ILE F 434 15.73 40.08 -29.50
CA ILE F 434 14.49 40.17 -30.25
C ILE F 434 13.31 39.71 -29.40
N VAL F 435 13.47 38.59 -28.71
CA VAL F 435 12.48 38.17 -27.72
C VAL F 435 12.22 39.35 -26.78
N CYS F 436 13.30 39.94 -26.27
CA CYS F 436 13.19 41.08 -25.37
C CYS F 436 12.37 42.22 -25.95
N ALA F 437 12.62 42.55 -27.22
CA ALA F 437 11.91 43.65 -27.87
C ALA F 437 10.42 43.36 -28.05
N ASN F 438 10.04 42.10 -27.92
CA ASN F 438 8.67 41.68 -28.17
C ASN F 438 7.85 41.48 -26.91
N MET F 439 8.51 41.33 -25.77
CA MET F 439 7.87 40.98 -24.51
C MET F 439 6.67 41.85 -24.18
N GLU F 440 6.87 43.15 -24.11
CA GLU F 440 5.83 44.08 -23.72
C GLU F 440 4.58 43.99 -24.60
N LYS F 441 4.78 43.91 -25.92
CA LYS F 441 3.72 43.66 -26.89
C LYS F 441 2.90 42.41 -26.54
N TRP F 442 3.60 41.28 -26.45
CA TRP F 442 2.96 39.98 -26.16
C TRP F 442 2.21 40.01 -24.85
N ILE F 443 2.85 40.58 -23.82
CA ILE F 443 2.27 40.67 -22.50
C ILE F 443 0.98 41.48 -22.54
N LYS F 444 1.05 42.63 -23.20
CA LYS F 444 -0.10 43.50 -23.35
C LYS F 444 -1.23 42.85 -24.14
N GLU F 445 -0.87 42.09 -25.17
CA GLU F 445 -1.86 41.36 -25.93
C GLU F 445 -2.65 40.44 -24.98
N MET F 446 -1.93 39.70 -24.14
CA MET F 446 -2.56 38.71 -23.28
C MET F 446 -3.31 39.33 -22.11
N ALA F 447 -2.78 40.43 -21.57
CA ALA F 447 -3.45 41.20 -20.53
C ALA F 447 -4.81 41.71 -21.02
N ASP F 448 -4.83 42.36 -22.18
CA ASP F 448 -6.09 42.87 -22.73
C ASP F 448 -7.07 41.73 -22.98
N SER F 449 -6.59 40.69 -23.67
CA SER F 449 -7.41 39.54 -24.00
C SER F 449 -8.03 38.86 -22.77
N GLY F 450 -7.20 38.59 -21.76
CA GLY F 450 -7.60 37.85 -20.59
C GLY F 450 -8.52 38.63 -19.70
N ALA F 451 -8.48 39.97 -19.85
CA ALA F 451 -9.40 40.87 -19.15
C ALA F 451 -10.80 40.85 -19.78
N LYS F 452 -10.85 40.66 -21.10
CA LYS F 452 -12.13 40.54 -21.81
C LYS F 452 -12.77 39.16 -21.62
N ASP F 453 -12.00 38.10 -21.81
CA ASP F 453 -12.50 36.75 -21.65
C ASP F 453 -11.37 35.87 -21.13
N ASN F 454 -11.57 35.27 -19.96
CA ASN F 454 -10.51 34.47 -19.37
C ASN F 454 -10.54 32.98 -19.74
N THR F 455 -11.14 32.64 -20.89
CA THR F 455 -11.09 31.27 -21.42
C THR F 455 -9.64 30.81 -21.64
N LEU F 456 -9.32 29.64 -21.09
CA LEU F 456 -7.94 29.20 -21.05
C LEU F 456 -7.72 27.74 -21.46
N CYS F 457 -8.79 26.96 -21.47
CA CYS F 457 -8.70 25.54 -21.79
C CYS F 457 -9.95 25.13 -22.57
N ALA F 458 -9.78 24.35 -23.63
CA ALA F 458 -10.92 23.95 -24.43
C ALA F 458 -11.40 22.55 -24.06
N LYS F 459 -12.64 22.25 -24.40
CA LYS F 459 -13.16 20.89 -24.20
C LYS F 459 -12.56 19.97 -25.26
N TRP F 460 -12.39 18.70 -24.91
CA TRP F 460 -11.81 17.75 -25.85
C TRP F 460 -12.21 16.35 -25.45
N GLU F 461 -12.03 15.40 -26.36
CA GLU F 461 -12.35 14.00 -26.11
C GLU F 461 -11.16 13.13 -26.47
N MET F 462 -10.88 12.13 -25.65
CA MET F 462 -9.83 11.17 -25.95
C MET F 462 -10.29 10.19 -27.04
N PRO F 463 -9.59 10.17 -28.19
CA PRO F 463 -9.93 9.20 -29.23
C PRO F 463 -9.44 7.80 -28.87
N GLU F 464 -10.07 6.75 -29.40
CA GLU F 464 -9.55 5.39 -29.25
C GLU F 464 -8.19 5.26 -29.91
N GLU F 465 -8.09 5.72 -31.15
CA GLU F 465 -6.86 5.59 -31.91
C GLU F 465 -6.58 6.88 -32.65
N SER F 466 -5.33 7.30 -32.65
CA SER F 466 -4.96 8.58 -33.23
C SER F 466 -3.47 8.78 -33.27
N LYS F 467 -3.01 9.77 -34.04
CA LYS F 467 -1.64 10.23 -33.97
C LYS F 467 -1.59 11.75 -33.98
N GLY F 468 -0.49 12.29 -33.45
CA GLY F 468 -0.30 13.74 -33.36
C GLY F 468 1.16 14.12 -33.21
N VAL F 469 1.48 15.32 -33.70
CA VAL F 469 2.82 15.89 -33.58
C VAL F 469 2.74 17.29 -32.94
N GLY F 470 3.60 17.48 -31.95
CA GLY F 470 3.79 18.77 -31.30
C GLY F 470 5.15 19.28 -31.71
N LEU F 471 5.16 20.50 -32.28
CA LEU F 471 6.37 21.16 -32.71
C LEU F 471 6.65 22.35 -31.83
N ALA F 472 7.93 22.65 -31.64
CA ALA F 472 8.35 23.87 -30.96
C ALA F 472 9.76 24.16 -31.40
N ASP F 473 10.12 25.44 -31.39
CA ASP F 473 11.51 25.80 -31.45
C ASP F 473 11.96 26.23 -30.04
N ALA F 474 12.54 25.26 -29.34
CA ALA F 474 13.10 25.45 -28.03
C ALA F 474 14.37 26.30 -28.17
N PRO F 475 14.93 26.77 -27.04
CA PRO F 475 16.14 27.60 -27.11
C PRO F 475 17.28 27.00 -27.94
N ARG F 476 17.33 25.66 -28.01
CA ARG F 476 18.37 24.97 -28.76
C ARG F 476 17.93 24.52 -30.14
N GLY F 477 16.63 24.69 -30.43
CA GLY F 477 16.12 24.48 -31.79
C GLY F 477 14.93 23.57 -31.95
N ALA F 478 14.80 23.03 -33.17
CA ALA F 478 13.60 22.35 -33.60
C ALA F 478 13.31 21.09 -32.79
N LEU F 479 12.20 21.17 -32.03
CA LEU F 479 11.74 20.09 -31.17
C LEU F 479 10.44 19.50 -31.68
N SER F 480 10.37 18.17 -31.67
CA SER F 480 9.14 17.50 -32.05
C SER F 480 8.86 16.28 -31.17
N HIS F 481 7.61 16.18 -30.74
CA HIS F 481 7.10 15.02 -30.02
C HIS F 481 6.04 14.39 -30.94
N TRP F 482 6.08 13.06 -31.02
CA TRP F 482 5.23 12.32 -31.96
C TRP F 482 4.59 11.17 -31.20
N ILE F 483 3.26 11.14 -31.20
CA ILE F 483 2.48 10.16 -30.44
C ILE F 483 1.59 9.35 -31.35
N ARG F 484 1.55 8.05 -31.09
CA ARG F 484 0.51 7.16 -31.62
C ARG F 484 -0.36 6.74 -30.44
N ILE F 485 -1.66 6.93 -30.56
CA ILE F 485 -2.59 6.55 -29.49
C ILE F 485 -3.39 5.35 -29.94
N LYS F 486 -3.37 4.30 -29.13
CA LYS F 486 -4.15 3.10 -29.43
C LYS F 486 -4.82 2.62 -28.14
N GLY F 487 -6.11 2.33 -28.21
CA GLY F 487 -6.87 1.93 -27.03
C GLY F 487 -6.80 3.00 -25.96
N LYS F 488 -6.79 4.25 -26.41
CA LYS F 488 -6.76 5.43 -25.54
C LYS F 488 -5.49 5.53 -24.71
N LYS F 489 -4.48 4.75 -25.10
CA LYS F 489 -3.20 4.68 -24.41
C LYS F 489 -2.08 5.03 -25.38
N ILE F 490 -0.91 5.37 -24.82
CA ILE F 490 0.29 5.65 -25.60
C ILE F 490 0.75 4.37 -26.26
N ASP F 491 0.73 4.34 -27.59
CA ASP F 491 1.24 3.16 -28.30
C ASP F 491 2.66 3.36 -28.76
N ASN F 492 2.97 4.57 -29.19
CA ASN F 492 4.33 4.97 -29.45
C ASN F 492 4.42 6.44 -29.11
N PHE F 493 5.55 6.82 -28.53
CA PHE F 493 5.85 8.19 -28.24
C PHE F 493 7.33 8.41 -28.52
N GLN F 494 7.62 9.27 -29.49
CA GLN F 494 9.00 9.51 -29.87
C GLN F 494 9.30 11.00 -29.76
N LEU F 495 10.41 11.33 -29.08
CA LEU F 495 10.93 12.68 -29.04
C LEU F 495 12.06 12.77 -30.04
N VAL F 496 12.05 13.84 -30.84
CA VAL F 496 13.19 14.20 -31.70
C VAL F 496 13.57 15.61 -31.26
N VAL F 497 14.75 15.73 -30.69
CA VAL F 497 15.12 16.89 -29.89
C VAL F 497 16.27 17.66 -30.59
N PRO F 498 16.32 19.00 -30.42
CA PRO F 498 17.35 19.80 -31.12
C PRO F 498 18.79 19.27 -30.95
N SER F 499 19.17 18.93 -29.72
CA SER F 499 20.51 18.38 -29.50
C SER F 499 20.69 17.03 -30.20
N THR F 500 19.60 16.31 -30.44
CA THR F 500 19.69 15.08 -31.21
C THR F 500 20.10 15.43 -32.66
N TRP F 501 19.49 16.47 -33.23
CA TRP F 501 19.89 16.98 -34.53
C TRP F 501 21.35 17.40 -34.53
N ASN F 502 21.71 18.19 -33.52
CA ASN F 502 22.99 18.88 -33.49
C ASN F 502 24.17 18.00 -33.10
N LEU F 503 23.99 17.18 -32.08
CA LEU F 503 25.10 16.47 -31.47
C LEU F 503 24.98 14.95 -31.54
N GLY F 504 24.06 14.45 -32.36
CA GLY F 504 23.95 13.03 -32.61
C GLY F 504 25.16 12.51 -33.36
N PRO F 505 25.25 11.19 -33.54
CA PRO F 505 26.37 10.61 -34.29
C PRO F 505 26.12 10.68 -35.79
N ARG F 506 26.94 9.96 -36.55
CA ARG F 506 26.81 9.87 -37.99
C ARG F 506 25.48 9.20 -38.33
N GLY F 507 24.95 9.51 -39.52
CA GLY F 507 23.77 8.84 -40.04
C GLY F 507 24.11 7.54 -40.76
N ALA F 508 23.10 6.91 -41.34
CA ALA F 508 23.27 5.60 -42.00
C ALA F 508 24.27 5.64 -43.16
N GLN F 509 24.51 6.82 -43.73
CA GLN F 509 25.49 6.95 -44.81
C GLN F 509 26.90 7.29 -44.27
N GLY F 510 27.04 7.31 -42.95
CA GLY F 510 28.31 7.66 -42.32
C GLY F 510 28.58 9.15 -42.33
N ASP F 511 27.55 9.94 -42.59
CA ASP F 511 27.70 11.39 -42.66
C ASP F 511 27.71 12.01 -41.26
N LYS F 512 28.70 12.86 -41.02
CA LYS F 512 28.91 13.47 -39.72
C LYS F 512 27.74 14.36 -39.36
N SER F 513 27.47 14.44 -38.05
CA SER F 513 26.45 15.36 -37.51
C SER F 513 26.98 16.80 -37.55
N PRO F 514 26.10 17.80 -37.31
CA PRO F 514 26.55 19.20 -37.32
C PRO F 514 27.74 19.50 -36.42
N VAL F 515 27.72 19.03 -35.17
CA VAL F 515 28.83 19.28 -34.25
C VAL F 515 30.13 18.62 -34.71
N GLU F 516 30.02 17.37 -35.19
CA GLU F 516 31.17 16.64 -35.69
C GLU F 516 31.75 17.36 -36.90
N GLU F 517 30.89 17.79 -37.83
CA GLU F 517 31.31 18.60 -38.99
C GLU F 517 31.96 19.93 -38.56
N ALA F 518 31.32 20.62 -37.61
CA ALA F 518 31.78 21.91 -37.07
C ALA F 518 33.19 21.80 -36.53
N LEU F 519 33.47 20.68 -35.86
CA LEU F 519 34.76 20.49 -35.21
C LEU F 519 35.93 20.28 -36.19
N ILE F 520 35.64 19.86 -37.41
CA ILE F 520 36.68 19.67 -38.41
C ILE F 520 37.34 21.02 -38.72
N GLY F 521 38.66 21.06 -38.62
CA GLY F 521 39.40 22.29 -38.86
C GLY F 521 39.59 23.16 -37.61
N THR F 522 39.17 22.65 -36.46
CA THR F 522 39.40 23.35 -35.20
C THR F 522 40.90 23.34 -34.88
N PRO F 523 41.52 24.53 -34.75
CA PRO F 523 42.92 24.62 -34.37
C PRO F 523 43.06 24.33 -32.89
N ILE F 524 44.17 23.70 -32.50
CA ILE F 524 44.40 23.35 -31.12
C ILE F 524 45.71 23.96 -30.65
N ALA F 525 45.61 25.03 -29.86
CA ALA F 525 46.80 25.74 -29.38
C ALA F 525 47.60 24.90 -28.39
N ASP F 526 46.91 24.18 -27.50
CA ASP F 526 47.50 23.27 -26.49
C ASP F 526 46.66 22.00 -26.35
N PRO F 527 47.25 20.82 -26.65
CA PRO F 527 46.53 19.54 -26.61
C PRO F 527 45.96 19.16 -25.22
N LYS F 528 46.68 19.51 -24.16
CA LYS F 528 46.25 19.18 -22.81
C LYS F 528 45.17 20.13 -22.29
N ARG F 529 45.02 21.30 -22.93
CA ARG F 529 43.96 22.25 -22.56
C ARG F 529 43.17 22.75 -23.78
N PRO F 530 42.46 21.84 -24.47
CA PRO F 530 41.83 22.14 -25.77
C PRO F 530 40.54 22.97 -25.66
N VAL F 531 40.67 24.25 -25.33
CA VAL F 531 39.51 25.12 -25.19
C VAL F 531 38.73 25.29 -26.51
N GLU F 532 39.45 25.28 -27.64
CA GLU F 532 38.83 25.44 -28.95
C GLU F 532 37.72 24.42 -29.19
N ILE F 533 37.93 23.19 -28.74
CA ILE F 533 36.90 22.14 -28.84
C ILE F 533 35.68 22.58 -28.07
N LEU F 534 35.92 23.12 -26.88
CA LEU F 534 34.87 23.55 -25.98
C LEU F 534 34.11 24.70 -26.59
N ARG F 535 34.84 25.63 -27.21
CA ARG F 535 34.23 26.78 -27.87
C ARG F 535 33.19 26.36 -28.88
N THR F 536 33.57 25.45 -29.79
CA THR F 536 32.65 24.95 -30.80
C THR F 536 31.52 24.11 -30.19
N VAL F 537 31.86 23.14 -29.36
CA VAL F 537 30.85 22.29 -28.74
C VAL F 537 29.86 23.13 -27.92
N HIS F 538 30.37 24.06 -27.12
CA HIS F 538 29.50 24.93 -26.32
C HIS F 538 28.59 25.84 -27.12
N ALA F 539 29.03 26.23 -28.31
CA ALA F 539 28.28 27.15 -29.16
C ALA F 539 26.96 26.55 -29.61
N PHE F 540 26.89 25.22 -29.75
CA PHE F 540 25.65 24.49 -30.02
C PHE F 540 24.75 24.34 -28.76
N ASP F 541 25.26 24.77 -27.61
CA ASP F 541 24.50 24.72 -26.39
C ASP F 541 23.95 23.29 -26.21
N PRO F 542 24.87 22.28 -26.08
CA PRO F 542 24.44 20.87 -26.03
C PRO F 542 23.61 20.56 -24.79
N CYS F 543 22.66 19.67 -24.99
CA CYS F 543 21.85 19.13 -23.92
C CYS F 543 21.71 17.63 -24.16
N ILE F 544 22.48 16.84 -23.41
CA ILE F 544 22.56 15.40 -23.68
C ILE F 544 21.37 14.63 -23.13
N ALA F 545 20.82 15.13 -22.02
CA ALA F 545 19.56 14.61 -21.44
C ALA F 545 18.43 14.82 -22.46
N CYS F 546 18.38 16.01 -23.05
CA CYS F 546 17.48 16.27 -24.18
C CYS F 546 17.75 15.33 -25.36
N GLY F 547 19.02 15.26 -25.80
CA GLY F 547 19.39 14.56 -27.02
C GLY F 547 19.04 13.09 -27.01
N VAL F 548 19.30 12.44 -25.87
CA VAL F 548 19.08 11.00 -25.71
C VAL F 548 17.70 10.65 -25.12
N HIS F 549 17.27 11.40 -24.11
CA HIS F 549 16.04 11.10 -23.39
C HIS F 549 15.90 9.60 -23.03
FE1 SF4 G . -68.88 -0.21 -1.77
FE2 SF4 G . -67.11 0.55 -3.73
FE3 SF4 G . -68.35 2.43 -2.32
FE4 SF4 G . -66.48 0.93 -1.13
S1 SF4 G . -66.14 2.41 -2.81
S2 SF4 G . -68.54 1.49 -0.24
S3 SF4 G . -66.81 -1.11 -2.17
S4 SF4 G . -69.37 0.85 -3.71
FE1 F3S H . -55.98 4.52 -0.51
FE3 F3S H . -57.05 4.46 -2.91
FE4 F3S H . -58.51 3.84 -0.70
S1 F3S H . -55.01 3.83 -2.35
S2 F3S H . -57.03 3.00 0.74
S3 F3S H . -57.64 5.81 -1.30
S4 F3S H . -58.42 2.73 -2.59
FE1 SF4 I . -47.58 6.43 3.57
FE2 SF4 I . -45.76 7.74 2.00
FE3 SF4 I . -45.97 8.20 4.73
FE4 SF4 I . -44.96 5.88 3.81
S1 SF4 I . -44.04 7.97 3.53
S2 SF4 I . -46.42 6.11 5.53
S3 SF4 I . -46.27 5.52 1.94
S4 SF4 I . -47.53 8.69 3.09
NI NI J . -38.05 -2.02 5.07
MG MG K . -39.73 -3.19 18.08
FE FCO L . -37.94 -4.59 6.18
C1 FCO L . -36.34 -4.66 7.20
N1 FCO L . -35.37 -4.70 7.81
C2 FCO L . -37.32 -6.05 5.12
N2 FCO L . -37.07 -7.01 4.50
C3 FCO L . -38.73 -5.78 7.14
O3 FCO L . -39.34 -6.57 7.74
O1 PER M . -36.78 -3.41 5.26
O2 PER M . -36.60 -3.05 3.86
C1 GOL N . -44.71 -22.63 -0.58
O1 GOL N . -44.67 -21.26 -0.24
C2 GOL N . -45.94 -22.89 -1.46
O2 GOL N . -45.97 -24.24 -1.83
C3 GOL N . -47.26 -22.56 -0.77
O3 GOL N . -47.30 -23.18 0.51
C1 GOL O . -14.70 13.41 -5.72
O1 GOL O . -14.74 12.05 -6.13
C2 GOL O . -16.00 13.83 -5.07
O2 GOL O . -17.10 13.60 -5.91
C3 GOL O . -16.22 13.10 -3.74
O3 GOL O . -17.47 13.50 -3.20
FE1 SF4 P . 50.29 -26.54 18.54
FE2 SF4 P . 48.42 -28.41 19.19
FE3 SF4 P . 49.82 -27.23 21.12
FE4 SF4 P . 48.00 -25.77 19.75
S1 SF4 P . 47.56 -27.55 21.16
S2 SF4 P . 50.11 -25.08 20.32
S3 SF4 P . 48.17 -26.71 17.64
S4 SF4 P . 50.66 -28.60 19.47
FE1 F3S Q . 37.59 -24.78 23.70
FE3 F3S Q . 38.52 -27.28 23.39
FE4 F3S Q . 40.12 -25.05 22.90
S1 F3S Q . 36.55 -26.52 22.80
S2 F3S Q . 38.65 -23.55 22.21
S3 F3S Q . 39.22 -25.76 24.80
S4 F3S Q . 39.71 -26.80 21.59
FE1 SF4 R . 29.47 -20.55 26.10
FE2 SF4 R . 27.63 -22.05 27.29
FE3 SF4 R . 27.98 -19.43 28.01
FE4 SF4 R . 26.80 -20.09 25.65
S1 SF4 R . 25.96 -20.51 27.73
S2 SF4 R . 28.36 -18.49 25.97
S3 SF4 R . 28.04 -21.97 25.04
S4 SF4 R . 29.49 -21.17 28.32
NI NI S . 19.92 -18.00 17.96
MG MG T . 21.95 -5.01 17.70
FE FCO U . 19.65 -16.70 15.49
C1 FCO U . 18.10 -15.61 15.52
N1 FCO U . 17.14 -14.99 15.63
C2 FCO U . 19.05 -17.66 13.95
N2 FCO U . 18.60 -18.27 13.08
C3 FCO U . 20.43 -15.62 14.41
O3 FCO U . 21.01 -15.02 13.59
O1 PER V . 18.55 -17.71 16.68
O2 PER V . 18.28 -19.12 16.94
C1 GOL W . -3.50 -29.13 33.45
O1 GOL W . -3.50 -29.37 32.06
C2 GOL W . -2.17 -28.47 33.84
O2 GOL W . -1.09 -29.34 33.61
C3 GOL W . -1.97 -27.23 33.00
O3 GOL W . -0.90 -26.48 33.53
C1 GOL X . 25.82 -22.19 -3.12
O1 GOL X . 25.51 -22.35 -1.75
C2 GOL X . 27.01 -23.11 -3.40
O2 GOL X . 27.11 -23.40 -4.78
C3 GOL X . 28.29 -22.42 -2.95
O3 GOL X . 28.46 -21.30 -3.80
C1 GOL Y . 42.44 -14.72 11.47
O1 GOL Y . 41.03 -14.64 11.53
C2 GOL Y . 42.99 -13.84 10.37
O2 GOL Y . 44.40 -13.76 10.43
C3 GOL Y . 42.55 -14.29 8.97
O3 GOL Y . 43.49 -15.16 8.36
FE1 SF4 Z . -7.42 20.35 -3.09
FE2 SF4 Z . -5.21 21.88 -2.47
FE3 SF4 Z . -5.65 19.51 -1.27
FE4 SF4 Z . -4.90 19.62 -3.86
S1 SF4 Z . -3.64 20.27 -2.10
S2 SF4 Z . -6.50 18.24 -2.94
S3 SF4 Z . -6.07 21.48 -4.58
S4 SF4 Z . -6.98 21.38 -1.09
FE1 F3S AA . 5.85 18.51 -6.55
FE3 F3S AA . 5.15 20.50 -4.83
FE4 F3S AA . 3.36 18.78 -5.79
S1 F3S AA . 6.57 20.61 -6.52
S2 F3S AA . 4.05 18.26 -7.81
S3 F3S AA . 5.07 18.34 -4.48
S4 F3S AA . 3.15 20.96 -5.63
FE1 SF4 BA . 13.45 15.53 -11.31
FE2 SF4 BA . 15.89 16.41 -10.41
FE3 SF4 BA . 15.58 13.87 -11.38
FE4 SF4 BA . 15.49 16.00 -13.05
S1 SF4 BA . 17.34 15.30 -11.85
S2 SF4 BA . 14.09 14.21 -13.09
S3 SF4 BA . 14.39 17.58 -11.71
S4 SF4 BA . 14.60 14.74 -9.50
NI NI CA . 17.63 20.48 -22.46
MG MG DA . 13.94 10.06 -29.59
FE FCO EA . 16.35 20.94 -24.85
C1 FCO EA . 17.55 20.33 -26.21
N1 FCO EA . 18.31 20.02 -27.04
C2 FCO EA . 16.40 22.73 -25.54
N2 FCO EA . 16.39 23.78 -26.00
C3 FCO EA . 14.99 20.60 -25.84
O3 FCO EA . 14.05 20.35 -26.46
O1 PER FA . 18.01 21.44 -24.06
O2 PER FA . 18.55 22.31 -23.04
C1 GOL GA . -13.66 37.64 -14.89
O1 GOL GA . -13.57 38.80 -14.11
C2 GOL GA . -13.40 38.01 -16.35
O2 GOL GA . -12.01 37.97 -16.58
C3 GOL GA . -14.11 37.03 -17.28
O3 GOL GA . -13.88 37.41 -18.61
C1 GOL HA . 0.65 34.92 -29.59
O1 GOL HA . 0.19 33.90 -30.45
C2 GOL HA . 1.49 35.85 -30.45
O2 GOL HA . 1.11 37.17 -30.18
C3 GOL HA . 2.97 35.71 -30.13
O3 GOL HA . 3.35 34.35 -30.18
#